data_5YZV
#
_entry.id   5YZV
#
_cell.length_a   43.687
_cell.length_b   107.257
_cell.length_c   110.267
_cell.angle_alpha   78.77
_cell.angle_beta   89.33
_cell.angle_gamma   88.91
#
_symmetry.space_group_name_H-M   'P 1'
#
loop_
_entity.id
_entity.type
_entity.pdbx_description
1 polymer 'Probable serine/threonine-protein kinase PkwA'
2 water water
#
_entity_poly.entity_id   1
_entity_poly.type   'polypeptide(L)'
_entity_poly.pdbx_seq_one_letter_code
;PSESADPHELNEPRILTTDREAVAVAFSPGGSLLAGGSGDKLIHVWDVASGDELHTLEGHTDWVRAVAFSPDGALLASGS
DDATVRLWDVAAAEERAVFEGHTHYVLDIAFSPDGSMVASGSRDGTARLWNVATGTEHAVLKGHTDYVYAVAFSPDGSMV
ASGSRDGTIRLWDVATGKERDVLQAPAENVVSLAFSPDGSMLVHGSDSTVHLWDVASGEALHTFEGHTDWVRAVAFSPDG
ALLASGSDDRTIRLWDVAAQEEHTTLEGHTEPVHSVAFHPEGTTLASASEDGTIRIWPIATE
;
_entity_poly.pdbx_strand_id   A,B,C,D,E
#
# COMPACT_ATOMS: atom_id res chain seq x y z
N HIS A 8 -65.50 7.16 -26.73
CA HIS A 8 -65.80 5.87 -26.14
C HIS A 8 -65.03 5.64 -24.86
N GLU A 9 -63.71 5.71 -24.96
CA GLU A 9 -62.81 5.51 -23.81
C GLU A 9 -62.70 4.03 -23.49
N LEU A 10 -63.25 3.19 -24.35
CA LEU A 10 -63.16 1.74 -24.13
C LEU A 10 -61.69 1.33 -24.21
N ASN A 11 -61.29 0.40 -23.35
CA ASN A 11 -59.90 -0.05 -23.40
C ASN A 11 -59.91 -1.28 -24.31
N GLU A 12 -59.09 -1.26 -25.35
CA GLU A 12 -59.02 -2.37 -26.33
C GLU A 12 -57.87 -3.28 -25.94
N PRO A 13 -56.94 -3.68 -26.84
CA PRO A 13 -55.88 -4.58 -26.43
C PRO A 13 -54.96 -3.99 -25.38
N ARG A 14 -54.57 -4.83 -24.44
CA ARG A 14 -53.54 -4.47 -23.45
C ARG A 14 -52.31 -5.21 -23.98
N ILE A 15 -51.26 -4.46 -24.26
CA ILE A 15 -50.15 -4.99 -24.87
C ILE A 15 -48.95 -5.31 -24.06
N LEU A 16 -48.54 -6.52 -24.18
CA LEU A 16 -47.66 -6.96 -23.22
C LEU A 16 -46.50 -7.67 -23.63
N THR A 17 -45.49 -7.68 -22.77
CA THR A 17 -44.26 -8.36 -22.97
C THR A 17 -42.99 -7.60 -22.60
N THR A 18 -43.10 -6.30 -22.52
CA THR A 18 -42.05 -5.50 -22.03
C THR A 18 -42.01 -5.88 -20.50
N ASP A 19 -40.81 -5.91 -19.94
CA ASP A 19 -40.66 -6.26 -18.53
C ASP A 19 -40.22 -5.09 -17.69
N ARG A 20 -40.41 -3.89 -18.21
CA ARG A 20 -40.12 -2.72 -17.44
C ARG A 20 -40.88 -1.50 -17.90
N GLU A 21 -40.63 -0.39 -17.25
CA GLU A 21 -41.30 0.84 -17.54
C GLU A 21 -41.24 1.15 -19.03
N ALA A 22 -42.42 1.45 -19.61
CA ALA A 22 -42.50 1.80 -21.02
C ALA A 22 -42.60 3.31 -21.05
N VAL A 23 -41.54 3.95 -21.50
CA VAL A 23 -41.41 5.41 -21.42
C VAL A 23 -41.61 6.11 -22.75
N ALA A 24 -41.82 5.37 -23.83
CA ALA A 24 -42.10 5.96 -25.11
C ALA A 24 -43.02 5.04 -25.91
N VAL A 25 -43.93 5.68 -26.63
CA VAL A 25 -44.84 5.02 -27.57
C VAL A 25 -45.04 5.94 -28.78
N ALA A 26 -45.28 5.31 -29.93
CA ALA A 26 -45.65 6.07 -31.11
C ALA A 26 -46.33 5.13 -32.04
N PHE A 27 -47.26 5.72 -32.80
CA PHE A 27 -47.89 5.04 -33.94
C PHE A 27 -47.05 5.25 -35.21
N SER A 28 -46.99 4.25 -36.07
CA SER A 28 -46.49 4.42 -37.44
C SER A 28 -47.34 5.47 -38.17
N PRO A 29 -46.77 6.16 -39.15
CA PRO A 29 -47.57 7.15 -39.92
C PRO A 29 -48.83 6.60 -40.60
N GLY A 30 -48.78 5.35 -41.07
CA GLY A 30 -49.91 4.68 -41.70
C GLY A 30 -50.93 4.13 -40.71
N GLY A 31 -50.61 4.11 -39.41
CA GLY A 31 -51.53 3.72 -38.36
C GLY A 31 -51.52 2.25 -37.95
N SER A 32 -50.86 1.41 -38.73
CA SER A 32 -50.96 -0.03 -38.60
C SER A 32 -49.99 -0.63 -37.59
N LEU A 33 -48.96 0.12 -37.20
CA LEU A 33 -47.94 -0.38 -36.29
C LEU A 33 -47.77 0.51 -35.06
N LEU A 34 -47.26 -0.09 -34.00
CA LEU A 34 -47.07 0.60 -32.73
C LEU A 34 -45.70 0.31 -32.23
N ALA A 35 -44.94 1.34 -31.88
CA ALA A 35 -43.54 1.15 -31.31
C ALA A 35 -43.53 1.51 -29.85
N GLY A 36 -42.90 0.67 -29.03
CA GLY A 36 -42.82 0.86 -27.58
C GLY A 36 -41.34 0.89 -27.20
N GLY A 37 -40.89 1.95 -26.56
CA GLY A 37 -39.55 1.98 -25.97
C GLY A 37 -39.59 1.80 -24.47
N SER A 38 -38.76 0.90 -23.96
CA SER A 38 -38.82 0.58 -22.54
C SER A 38 -37.50 0.63 -21.82
N GLY A 39 -37.60 0.54 -20.49
CA GLY A 39 -36.45 0.38 -19.61
C GLY A 39 -35.74 -0.94 -19.66
N ASP A 40 -36.37 -1.96 -20.25
CA ASP A 40 -35.73 -3.27 -20.48
C ASP A 40 -34.71 -3.26 -21.61
N LYS A 41 -34.44 -2.08 -22.17
CA LYS A 41 -33.34 -1.82 -23.10
C LYS A 41 -33.69 -2.23 -24.54
N LEU A 42 -34.95 -2.45 -24.85
CA LEU A 42 -35.38 -2.83 -26.18
C LEU A 42 -36.50 -1.94 -26.69
N ILE A 43 -36.75 -2.04 -28.00
CA ILE A 43 -37.90 -1.44 -28.63
C ILE A 43 -38.79 -2.55 -29.18
N HIS A 44 -40.08 -2.48 -28.88
CA HIS A 44 -41.04 -3.44 -29.34
C HIS A 44 -41.82 -2.77 -30.45
N VAL A 45 -42.19 -3.56 -31.44
CA VAL A 45 -43.09 -3.14 -32.50
C VAL A 45 -44.35 -4.06 -32.50
N TRP A 46 -45.52 -3.45 -32.49
CA TRP A 46 -46.75 -4.18 -32.44
C TRP A 46 -47.66 -3.92 -33.60
N ASP A 47 -48.38 -4.97 -33.97
CA ASP A 47 -49.44 -4.84 -34.96
C ASP A 47 -50.61 -4.23 -34.19
N VAL A 48 -51.15 -3.12 -34.67
CA VAL A 48 -52.28 -2.50 -34.01
C VAL A 48 -53.50 -3.40 -34.00
N ALA A 49 -53.76 -4.07 -35.12
CA ALA A 49 -54.72 -5.17 -35.10
C ALA A 49 -53.89 -6.16 -34.27
N SER A 50 -54.49 -7.08 -33.59
CA SER A 50 -53.69 -7.89 -32.66
C SER A 50 -53.11 -9.07 -33.21
N GLY A 51 -53.37 -9.26 -34.45
CA GLY A 51 -53.28 -10.54 -34.87
C GLY A 51 -51.87 -11.06 -34.84
N ASP A 52 -50.92 -10.17 -35.00
CA ASP A 52 -49.52 -10.60 -35.04
C ASP A 52 -48.71 -10.01 -33.95
N GLU A 53 -47.68 -10.72 -33.57
CA GLU A 53 -46.61 -10.11 -32.80
C GLU A 53 -45.59 -9.89 -33.82
N LEU A 54 -45.08 -8.67 -33.84
CA LEU A 54 -43.93 -8.35 -34.69
C LEU A 54 -42.60 -8.52 -33.92
N HIS A 55 -41.57 -7.86 -34.41
CA HIS A 55 -40.24 -7.99 -33.89
C HIS A 55 -39.96 -7.20 -32.64
N THR A 56 -38.82 -7.52 -32.06
CA THR A 56 -38.22 -6.78 -30.98
C THR A 56 -36.83 -6.29 -31.45
N LEU A 57 -36.54 -5.01 -31.25
CA LEU A 57 -35.28 -4.41 -31.64
C LEU A 57 -34.31 -4.41 -30.45
N GLU A 58 -33.20 -5.11 -30.60
CA GLU A 58 -32.23 -5.24 -29.56
C GLU A 58 -30.88 -4.62 -29.93
N GLY A 59 -30.14 -4.14 -28.92
CA GLY A 59 -28.88 -3.49 -29.13
C GLY A 59 -28.54 -2.48 -28.10
N HIS A 60 -29.54 -1.75 -27.66
CA HIS A 60 -29.31 -0.74 -26.65
C HIS A 60 -28.85 -1.39 -25.34
N THR A 61 -28.04 -0.67 -24.59
CA THR A 61 -27.45 -1.20 -23.33
C THR A 61 -28.04 -0.56 -22.08
N ASP A 62 -28.92 0.39 -22.28
CA ASP A 62 -29.51 1.15 -21.19
C ASP A 62 -30.91 1.56 -21.62
N TRP A 63 -31.61 2.18 -20.72
CA TRP A 63 -33.03 2.50 -20.95
C TRP A 63 -33.31 3.23 -22.29
N VAL A 64 -34.33 2.81 -23.00
CA VAL A 64 -34.77 3.49 -24.21
C VAL A 64 -35.85 4.49 -23.80
N ARG A 65 -35.60 5.78 -24.04
CA ARG A 65 -36.51 6.82 -23.53
C ARG A 65 -37.40 7.47 -24.59
N ALA A 66 -37.03 7.35 -25.85
CA ALA A 66 -37.86 7.97 -26.91
C ALA A 66 -37.78 7.15 -28.19
N VAL A 67 -38.91 7.04 -28.91
CA VAL A 67 -38.94 6.40 -30.20
C VAL A 67 -39.67 7.33 -31.18
N ALA A 68 -39.27 7.27 -32.47
CA ALA A 68 -39.99 7.99 -33.49
C ALA A 68 -39.82 7.36 -34.87
N PHE A 69 -40.91 7.38 -35.65
CA PHE A 69 -40.92 6.83 -36.98
C PHE A 69 -40.56 7.91 -37.99
N SER A 70 -39.80 7.51 -39.05
CA SER A 70 -39.55 8.41 -40.20
C SER A 70 -40.93 8.59 -40.90
N PRO A 71 -41.19 9.74 -41.52
CA PRO A 71 -42.46 9.97 -42.16
C PRO A 71 -42.90 8.94 -43.19
N ASP A 72 -41.96 8.30 -43.88
CA ASP A 72 -42.29 7.16 -44.75
C ASP A 72 -42.64 5.85 -44.05
N GLY A 73 -42.44 5.76 -42.73
CA GLY A 73 -42.71 4.54 -42.02
C GLY A 73 -41.72 3.39 -42.24
N ALA A 74 -40.62 3.63 -42.97
CA ALA A 74 -39.63 2.59 -43.29
C ALA A 74 -38.50 2.48 -42.20
N LEU A 75 -38.27 3.56 -41.48
CA LEU A 75 -37.24 3.64 -40.46
C LEU A 75 -37.86 4.06 -39.13
N LEU A 76 -37.27 3.54 -38.04
CA LEU A 76 -37.58 4.02 -36.73
C LEU A 76 -36.31 4.51 -36.04
N ALA A 77 -36.38 5.56 -35.26
CA ALA A 77 -35.25 6.08 -34.44
C ALA A 77 -35.56 5.86 -32.98
N SER A 78 -34.52 5.62 -32.18
CA SER A 78 -34.64 5.49 -30.74
C SER A 78 -33.54 6.24 -30.06
N GLY A 79 -33.86 6.72 -28.84
CA GLY A 79 -32.93 7.44 -27.96
C GLY A 79 -32.79 6.59 -26.71
N SER A 80 -31.55 6.40 -26.27
CA SER A 80 -31.25 5.65 -25.07
C SER A 80 -30.26 6.30 -24.11
N ASP A 81 -30.34 5.84 -22.87
CA ASP A 81 -29.43 6.23 -21.80
C ASP A 81 -28.00 5.79 -22.14
N ASP A 82 -27.82 4.81 -23.02
CA ASP A 82 -26.49 4.37 -23.44
C ASP A 82 -25.76 5.44 -24.26
N ALA A 83 -26.45 6.53 -24.56
CA ALA A 83 -25.91 7.70 -25.22
C ALA A 83 -25.89 7.54 -26.73
N THR A 84 -26.66 6.58 -27.24
CA THR A 84 -26.76 6.38 -28.68
C THR A 84 -28.14 6.69 -29.18
N VAL A 85 -28.22 7.16 -30.42
CA VAL A 85 -29.49 7.33 -31.13
C VAL A 85 -29.37 6.35 -32.30
N ARG A 86 -30.25 5.36 -32.36
CA ARG A 86 -30.16 4.32 -33.38
C ARG A 86 -31.30 4.41 -34.38
N LEU A 87 -30.97 4.20 -35.66
CA LEU A 87 -32.00 4.26 -36.74
C LEU A 87 -32.17 2.85 -37.17
N TRP A 88 -33.37 2.36 -37.04
CA TRP A 88 -33.62 0.97 -37.31
C TRP A 88 -34.29 0.85 -38.65
N ASP A 89 -33.79 -0.13 -39.40
CA ASP A 89 -34.38 -0.46 -40.67
C ASP A 89 -35.59 -1.28 -40.31
N VAL A 90 -36.79 -0.82 -40.70
CA VAL A 90 -38.04 -1.55 -40.48
C VAL A 90 -38.84 -1.71 -41.73
N ARG A 96 -29.67 -3.99 -39.38
CA ARG A 96 -29.01 -3.25 -38.36
C ARG A 96 -29.05 -1.88 -38.32
N ALA A 97 -29.12 -1.34 -37.12
CA ALA A 97 -29.18 0.04 -37.02
C ALA A 97 -27.94 0.76 -37.29
N VAL A 98 -28.18 1.97 -37.66
CA VAL A 98 -27.17 2.91 -37.74
C VAL A 98 -27.15 3.62 -36.47
N PHE A 99 -25.98 4.11 -36.12
CA PHE A 99 -25.75 4.76 -34.85
C PHE A 99 -25.21 6.15 -34.87
N GLU A 100 -25.64 6.88 -33.87
CA GLU A 100 -25.22 8.23 -33.64
C GLU A 100 -24.92 8.29 -32.18
N GLY A 101 -24.07 9.22 -31.79
CA GLY A 101 -23.69 9.31 -30.40
C GLY A 101 -23.82 10.66 -29.77
N HIS A 102 -23.91 10.62 -28.45
CA HIS A 102 -24.01 11.79 -27.64
C HIS A 102 -22.98 11.69 -26.58
N THR A 103 -22.45 12.83 -26.18
CA THR A 103 -21.49 12.87 -25.11
C THR A 103 -22.24 12.35 -23.88
N HIS A 104 -23.53 12.65 -23.81
CA HIS A 104 -24.33 12.19 -22.65
C HIS A 104 -25.49 11.29 -23.09
N TYR A 105 -26.33 10.94 -22.15
CA TYR A 105 -27.54 10.11 -22.38
C TYR A 105 -28.47 10.85 -23.33
N VAL A 106 -29.13 10.11 -24.20
CA VAL A 106 -30.04 10.82 -25.12
C VAL A 106 -31.47 10.47 -24.71
N LEU A 107 -32.30 11.49 -24.50
CA LEU A 107 -33.66 11.22 -23.99
C LEU A 107 -34.77 11.45 -25.01
N ASP A 108 -34.60 12.29 -26.02
CA ASP A 108 -35.70 12.46 -27.00
C ASP A 108 -35.17 12.44 -28.44
N ILE A 109 -35.99 11.91 -29.35
CA ILE A 109 -35.68 11.91 -30.80
C ILE A 109 -36.91 12.32 -31.58
N ALA A 110 -36.74 13.13 -32.63
CA ALA A 110 -37.84 13.45 -33.46
C ALA A 110 -37.29 13.59 -34.89
N PHE A 111 -38.05 13.11 -35.86
CA PHE A 111 -37.75 13.26 -37.25
C PHE A 111 -38.44 14.53 -37.69
N SER A 112 -37.85 15.22 -38.64
CA SER A 112 -38.49 16.39 -39.25
C SER A 112 -39.64 15.97 -40.12
N PRO A 113 -40.58 16.88 -40.39
CA PRO A 113 -41.76 16.39 -41.18
C PRO A 113 -41.31 15.90 -42.54
N ASP A 114 -40.30 16.58 -43.03
CA ASP A 114 -39.57 16.27 -44.22
C ASP A 114 -39.02 14.83 -44.17
N GLY A 115 -38.51 14.41 -43.02
CA GLY A 115 -37.79 13.14 -42.89
C GLY A 115 -36.28 13.27 -43.15
N SER A 116 -35.82 14.48 -43.48
CA SER A 116 -34.41 14.73 -43.74
C SER A 116 -33.57 14.76 -42.47
N MET A 117 -34.19 15.14 -41.36
CA MET A 117 -33.48 15.32 -40.12
C MET A 117 -34.02 14.62 -38.94
N VAL A 118 -33.09 14.24 -38.06
CA VAL A 118 -33.38 13.61 -36.78
C VAL A 118 -32.82 14.61 -35.78
N ALA A 119 -33.64 14.97 -34.79
CA ALA A 119 -33.20 15.82 -33.70
C ALA A 119 -33.11 14.93 -32.49
N SER A 120 -32.05 15.12 -31.71
CA SER A 120 -31.85 14.33 -30.47
C SER A 120 -31.60 15.22 -29.26
N GLY A 121 -32.43 15.04 -28.23
CA GLY A 121 -32.30 15.78 -26.96
C GLY A 121 -31.45 14.98 -26.00
N SER A 122 -30.48 15.63 -25.36
CA SER A 122 -29.59 14.92 -24.48
C SER A 122 -29.33 15.55 -23.11
N ARG A 123 -28.73 14.75 -22.26
CA ARG A 123 -28.32 15.13 -20.92
C ARG A 123 -27.19 16.13 -20.91
N ASP A 124 -26.58 16.36 -22.05
CA ASP A 124 -25.51 17.33 -22.17
C ASP A 124 -26.05 18.74 -22.37
N GLY A 125 -27.38 18.89 -22.26
CA GLY A 125 -28.02 20.19 -22.34
C GLY A 125 -28.17 20.77 -23.73
N THR A 126 -27.94 19.96 -24.75
CA THR A 126 -28.03 20.42 -26.12
C THR A 126 -29.01 19.57 -26.97
N ALA A 127 -29.43 20.10 -28.10
CA ALA A 127 -30.19 19.30 -29.03
C ALA A 127 -29.31 19.11 -30.26
N ARG A 128 -29.14 17.87 -30.70
CA ARG A 128 -28.38 17.60 -31.91
C ARG A 128 -29.31 17.49 -33.07
N LEU A 129 -28.81 17.90 -34.22
CA LEU A 129 -29.55 17.82 -35.43
C LEU A 129 -28.66 17.14 -36.45
N TRP A 130 -29.19 16.05 -36.99
CA TRP A 130 -28.48 15.24 -37.95
C TRP A 130 -29.20 15.17 -39.29
N ASN A 131 -28.43 14.97 -40.37
CA ASN A 131 -28.97 14.75 -41.68
C ASN A 131 -29.08 13.26 -41.82
N VAL A 132 -30.28 12.75 -41.93
CA VAL A 132 -30.47 11.31 -41.94
C VAL A 132 -29.69 10.60 -43.04
N ALA A 133 -29.78 11.07 -44.28
CA ALA A 133 -29.10 10.40 -45.40
C ALA A 133 -27.58 10.39 -45.25
N THR A 134 -27.03 11.55 -44.93
CA THR A 134 -25.59 11.72 -44.76
C THR A 134 -25.07 11.08 -43.51
N GLY A 135 -25.81 11.27 -42.43
CA GLY A 135 -25.39 10.86 -41.08
C GLY A 135 -24.62 11.99 -40.41
N THR A 136 -24.56 13.14 -41.07
CA THR A 136 -23.70 14.24 -40.67
C THR A 136 -24.41 15.11 -39.63
N GLU A 137 -23.67 15.50 -38.59
CA GLU A 137 -24.23 16.32 -37.56
C GLU A 137 -24.21 17.75 -38.07
N HIS A 138 -25.36 18.37 -38.09
CA HIS A 138 -25.50 19.68 -38.68
C HIS A 138 -25.54 20.88 -37.85
N ALA A 139 -26.08 20.70 -36.67
CA ALA A 139 -26.32 21.85 -35.85
C ALA A 139 -26.45 21.38 -34.44
N VAL A 140 -25.96 22.21 -33.56
CA VAL A 140 -26.07 21.95 -32.15
C VAL A 140 -26.87 23.10 -31.54
N LEU A 141 -27.87 22.78 -30.73
CA LEU A 141 -28.71 23.80 -30.14
C LEU A 141 -28.38 23.99 -28.71
N LYS A 142 -27.92 25.20 -28.40
CA LYS A 142 -27.35 25.50 -27.11
C LYS A 142 -28.17 26.59 -26.44
N GLY A 143 -28.43 26.43 -25.15
CA GLY A 143 -29.29 27.40 -24.45
C GLY A 143 -29.89 26.89 -23.18
N HIS A 144 -30.28 25.64 -23.20
CA HIS A 144 -30.78 25.01 -22.02
C HIS A 144 -29.65 24.87 -21.00
N THR A 145 -30.00 24.96 -19.72
CA THR A 145 -29.08 24.83 -18.64
C THR A 145 -29.22 23.54 -17.91
N ASP A 146 -29.96 22.59 -18.49
CA ASP A 146 -30.12 21.30 -17.88
C ASP A 146 -30.55 20.29 -18.94
N TYR A 147 -30.79 19.04 -18.55
CA TYR A 147 -31.18 17.99 -19.48
C TYR A 147 -32.29 18.43 -20.46
N VAL A 148 -32.20 17.97 -21.70
CA VAL A 148 -33.29 18.18 -22.67
C VAL A 148 -34.11 16.92 -22.73
N TYR A 149 -35.36 16.99 -22.31
CA TYR A 149 -36.21 15.83 -22.13
C TYR A 149 -37.11 15.54 -23.30
N ALA A 150 -37.41 16.55 -24.12
CA ALA A 150 -38.36 16.33 -25.23
C ALA A 150 -38.08 17.29 -26.39
N VAL A 151 -38.22 16.81 -27.62
CA VAL A 151 -37.97 17.64 -28.84
C VAL A 151 -39.06 17.39 -29.89
N ALA A 152 -39.45 18.39 -30.65
CA ALA A 152 -40.46 18.19 -31.74
C ALA A 152 -40.28 19.25 -32.81
N PHE A 153 -40.38 18.84 -34.06
CA PHE A 153 -40.30 19.79 -35.19
C PHE A 153 -41.67 20.39 -35.47
N SER A 154 -41.68 21.62 -35.91
CA SER A 154 -42.87 22.26 -36.38
C SER A 154 -43.27 21.57 -37.69
N PRO A 155 -44.59 21.57 -38.02
CA PRO A 155 -45.04 20.94 -39.26
C PRO A 155 -44.40 21.47 -40.54
N ASP A 156 -44.06 22.78 -40.58
CA ASP A 156 -43.34 23.34 -41.69
C ASP A 156 -41.84 23.03 -41.71
N GLY A 157 -41.35 22.38 -40.65
CA GLY A 157 -39.98 21.95 -40.53
C GLY A 157 -38.98 23.01 -40.17
N SER A 158 -39.40 24.28 -40.16
CA SER A 158 -38.49 25.40 -39.89
C SER A 158 -38.11 25.58 -38.41
N MET A 159 -38.95 25.13 -37.48
CA MET A 159 -38.71 25.29 -36.07
C MET A 159 -38.62 23.95 -35.36
N VAL A 160 -37.79 23.91 -34.31
CA VAL A 160 -37.81 22.79 -33.36
C VAL A 160 -38.18 23.34 -31.99
N ALA A 161 -38.90 22.56 -31.20
CA ALA A 161 -39.27 22.94 -29.85
C ALA A 161 -38.76 21.91 -28.90
N SER A 162 -38.36 22.34 -27.71
CA SER A 162 -37.67 21.47 -26.74
C SER A 162 -38.13 21.76 -25.32
N GLY A 163 -38.22 20.71 -24.52
CA GLY A 163 -38.53 20.80 -23.11
C GLY A 163 -37.34 20.29 -22.35
N SER A 164 -37.02 20.98 -21.27
CA SER A 164 -35.86 20.65 -20.47
C SER A 164 -36.15 20.61 -18.99
N ARG A 165 -35.26 19.99 -18.25
CA ARG A 165 -35.28 20.04 -16.78
C ARG A 165 -35.06 21.41 -16.19
N ASP A 166 -34.47 22.33 -16.94
CA ASP A 166 -34.38 23.74 -16.51
C ASP A 166 -35.74 24.45 -16.43
N GLY A 167 -36.84 23.76 -16.74
CA GLY A 167 -38.16 24.33 -16.53
C GLY A 167 -38.62 25.21 -17.67
N THR A 168 -37.92 25.19 -18.79
CA THR A 168 -38.30 26.06 -19.90
C THR A 168 -38.71 25.21 -21.11
N ILE A 169 -39.44 25.86 -22.01
CA ILE A 169 -39.73 25.32 -23.32
C ILE A 169 -39.04 26.30 -24.24
N ARG A 170 -38.25 25.80 -25.18
CA ARG A 170 -37.53 26.65 -26.11
C ARG A 170 -37.94 26.40 -27.54
N LEU A 171 -37.90 27.46 -28.34
CA LEU A 171 -38.12 27.38 -29.76
C LEU A 171 -36.88 27.76 -30.46
N TRP A 172 -36.49 26.96 -31.44
CA TRP A 172 -35.28 27.19 -32.21
C TRP A 172 -35.60 27.27 -33.68
N ASP A 173 -34.90 28.13 -34.38
CA ASP A 173 -34.83 28.10 -35.84
C ASP A 173 -33.76 27.02 -36.16
N VAL A 174 -34.21 25.97 -36.86
CA VAL A 174 -33.41 24.78 -37.10
C VAL A 174 -32.21 25.10 -38.01
N ALA A 175 -32.48 25.76 -39.13
CA ALA A 175 -31.43 26.02 -40.18
C ALA A 175 -30.24 26.80 -39.61
N THR A 176 -30.56 27.77 -38.75
CA THR A 176 -29.58 28.65 -38.19
C THR A 176 -29.13 28.39 -36.77
N GLY A 177 -29.57 27.30 -36.16
CA GLY A 177 -29.12 26.94 -34.83
C GLY A 177 -29.44 28.02 -33.77
N LYS A 178 -30.39 28.90 -34.06
CA LYS A 178 -30.63 30.06 -33.26
C LYS A 178 -31.89 29.90 -32.39
N GLU A 179 -31.78 30.27 -31.13
CA GLU A 179 -32.90 30.24 -30.22
C GLU A 179 -33.79 31.44 -30.51
N ARG A 180 -35.07 31.20 -30.67
CA ARG A 180 -36.04 32.22 -31.05
C ARG A 180 -36.92 32.67 -29.93
N ASP A 181 -37.23 31.75 -29.03
CA ASP A 181 -38.06 32.03 -27.88
C ASP A 181 -37.74 31.10 -26.72
N VAL A 182 -37.94 31.64 -25.52
CA VAL A 182 -37.87 30.87 -24.28
C VAL A 182 -39.18 31.08 -23.53
N LEU A 183 -39.91 30.01 -23.36
CA LEU A 183 -41.24 30.06 -22.74
C LEU A 183 -41.01 29.64 -21.27
N GLN A 184 -41.38 30.54 -20.38
CA GLN A 184 -41.19 30.36 -18.96
C GLN A 184 -42.56 30.38 -18.31
N ALA A 185 -42.72 29.71 -17.17
CA ALA A 185 -43.98 29.55 -16.43
C ALA A 185 -44.09 28.31 -15.61
N PRO A 186 -43.55 27.25 -16.15
CA PRO A 186 -43.43 26.09 -15.30
C PRO A 186 -42.52 26.29 -14.10
N ALA A 187 -42.98 25.87 -12.95
CA ALA A 187 -42.20 25.90 -11.74
C ALA A 187 -41.14 24.73 -11.74
N GLU A 188 -41.29 23.71 -12.56
CA GLU A 188 -40.44 22.52 -12.40
C GLU A 188 -40.07 21.91 -13.77
N ASN A 189 -39.48 20.74 -13.76
CA ASN A 189 -38.96 20.06 -14.94
C ASN A 189 -40.04 19.85 -15.99
N VAL A 190 -39.76 20.23 -17.22
CA VAL A 190 -40.62 19.92 -18.35
C VAL A 190 -40.27 18.52 -18.83
N VAL A 191 -41.26 17.64 -18.86
CA VAL A 191 -41.04 16.25 -19.17
C VAL A 191 -41.47 15.80 -20.60
N SER A 192 -42.33 16.55 -21.26
CA SER A 192 -42.79 16.18 -22.61
C SER A 192 -43.23 17.38 -23.40
N LEU A 193 -43.16 17.25 -24.71
CA LEU A 193 -43.49 18.33 -25.61
C LEU A 193 -44.28 17.84 -26.81
N ALA A 194 -45.08 18.73 -27.37
CA ALA A 194 -45.82 18.40 -28.55
C ALA A 194 -46.04 19.63 -29.39
N PHE A 195 -45.94 19.48 -30.70
CA PHE A 195 -46.20 20.60 -31.60
C PHE A 195 -47.59 20.44 -32.22
N SER A 196 -48.33 21.52 -32.35
CA SER A 196 -49.66 21.40 -32.96
C SER A 196 -49.58 21.18 -34.47
N PRO A 197 -50.53 20.32 -34.96
CA PRO A 197 -50.49 20.09 -36.42
C PRO A 197 -50.59 21.35 -37.24
N ASP A 198 -51.31 22.35 -36.75
CA ASP A 198 -51.31 23.67 -37.40
C ASP A 198 -50.03 24.46 -37.19
N GLY A 199 -49.19 24.03 -36.28
CA GLY A 199 -47.92 24.71 -35.99
C GLY A 199 -48.05 26.02 -35.22
N SER A 200 -49.23 26.39 -34.78
CA SER A 200 -49.48 27.66 -34.10
C SER A 200 -49.26 27.54 -32.61
N MET A 201 -49.36 26.33 -32.09
CA MET A 201 -49.31 26.11 -30.68
C MET A 201 -48.29 25.08 -30.25
N LEU A 202 -47.94 25.12 -28.97
CA LEU A 202 -47.01 24.18 -28.41
C LEU A 202 -47.49 23.75 -27.04
N VAL A 203 -47.30 22.48 -26.69
CA VAL A 203 -47.73 21.89 -25.44
C VAL A 203 -46.61 21.36 -24.54
N HIS A 204 -46.68 21.75 -23.26
CA HIS A 204 -45.70 21.47 -22.19
C HIS A 204 -46.38 20.52 -21.20
N GLY A 205 -45.66 19.51 -20.77
CA GLY A 205 -46.10 18.62 -19.72
C GLY A 205 -45.00 18.71 -18.69
N SER A 206 -45.35 18.96 -17.43
CA SER A 206 -44.35 19.20 -16.39
C SER A 206 -44.60 18.55 -15.03
N ASP A 207 -43.64 18.76 -14.12
CA ASP A 207 -43.70 18.26 -12.74
C ASP A 207 -44.77 18.95 -11.95
N SER A 208 -45.28 20.03 -12.49
CA SER A 208 -46.50 20.63 -11.96
C SER A 208 -47.67 20.31 -12.81
N THR A 209 -47.77 20.97 -13.99
CA THR A 209 -48.91 20.81 -14.91
C THR A 209 -48.74 21.35 -16.31
N VAL A 210 -49.63 20.93 -17.21
CA VAL A 210 -49.61 21.24 -18.65
C VAL A 210 -49.92 22.64 -19.14
N HIS A 211 -49.10 23.14 -20.06
CA HIS A 211 -49.22 24.51 -20.58
C HIS A 211 -49.32 24.50 -22.12
N LEU A 212 -49.96 25.53 -22.66
CA LEU A 212 -50.09 25.76 -24.07
C LEU A 212 -49.41 27.09 -24.40
N TRP A 213 -48.59 27.10 -25.44
CA TRP A 213 -47.91 28.28 -25.85
C TRP A 213 -48.17 28.68 -27.30
N ASP A 214 -48.23 30.00 -27.52
CA ASP A 214 -48.45 30.54 -28.84
C ASP A 214 -47.09 30.69 -29.48
N VAL A 215 -46.93 30.02 -30.61
CA VAL A 215 -45.67 30.00 -31.31
C VAL A 215 -45.28 31.38 -31.87
N ALA A 216 -46.22 32.04 -32.50
CA ALA A 216 -45.90 33.30 -33.21
C ALA A 216 -45.56 34.44 -32.23
N SER A 217 -46.36 34.56 -31.20
CA SER A 217 -46.26 35.63 -30.26
C SER A 217 -45.33 35.27 -29.10
N GLY A 218 -45.02 34.00 -28.90
CA GLY A 218 -44.19 33.59 -27.76
C GLY A 218 -44.82 33.83 -26.38
N GLU A 219 -46.15 33.80 -26.30
CA GLU A 219 -46.94 33.99 -25.08
C GLU A 219 -47.56 32.66 -24.65
N ALA A 220 -48.09 32.61 -23.45
CA ALA A 220 -48.88 31.48 -22.95
C ALA A 220 -50.29 31.64 -23.45
N LEU A 221 -50.87 30.56 -23.97
CA LEU A 221 -52.30 30.57 -24.29
C LEU A 221 -53.09 30.17 -23.06
N HIS A 222 -52.67 29.09 -22.43
CA HIS A 222 -53.30 28.66 -21.18
C HIS A 222 -52.51 27.67 -20.35
N THR A 223 -52.99 27.44 -19.15
CA THR A 223 -52.46 26.50 -18.20
C THR A 223 -53.59 25.51 -17.89
N PHE A 224 -53.27 24.24 -17.96
CA PHE A 224 -54.22 23.18 -17.69
C PHE A 224 -54.02 22.60 -16.33
N GLU A 225 -55.01 22.80 -15.46
CA GLU A 225 -54.95 22.31 -14.11
C GLU A 225 -56.02 21.28 -13.98
N GLY A 226 -55.75 20.27 -13.19
CA GLY A 226 -56.67 19.12 -13.03
C GLY A 226 -55.94 17.93 -12.52
N HIS A 227 -54.74 17.74 -13.03
CA HIS A 227 -53.87 16.69 -12.54
C HIS A 227 -53.46 17.04 -11.18
N THR A 228 -53.28 16.01 -10.36
CA THR A 228 -52.87 16.15 -8.94
C THR A 228 -51.45 15.64 -8.69
N ASP A 229 -50.69 15.44 -9.76
CA ASP A 229 -49.34 14.94 -9.66
C ASP A 229 -48.63 15.24 -10.98
N TRP A 230 -47.40 14.74 -11.13
CA TRP A 230 -46.56 15.01 -12.28
C TRP A 230 -47.27 14.65 -13.60
N VAL A 231 -47.19 15.55 -14.56
CA VAL A 231 -47.62 15.30 -15.89
C VAL A 231 -46.37 14.90 -16.65
N ARG A 232 -46.36 13.67 -17.16
CA ARG A 232 -45.22 13.16 -17.94
C ARG A 232 -45.41 13.17 -19.43
N ALA A 233 -46.64 13.35 -19.92
CA ALA A 233 -46.88 13.17 -21.34
C ALA A 233 -47.99 14.06 -21.85
N VAL A 234 -47.79 14.55 -23.08
CA VAL A 234 -48.75 15.39 -23.77
C VAL A 234 -48.75 15.04 -25.25
N ALA A 235 -49.90 15.12 -25.89
CA ALA A 235 -49.98 14.83 -27.31
C ALA A 235 -51.17 15.56 -27.88
N PHE A 236 -50.97 16.19 -29.01
CA PHE A 236 -52.04 16.92 -29.67
C PHE A 236 -52.89 15.97 -30.51
N SER A 237 -54.14 16.35 -30.71
CA SER A 237 -55.02 15.55 -31.53
C SER A 237 -54.66 15.88 -32.97
N PRO A 238 -54.85 14.86 -33.90
CA PRO A 238 -54.47 15.18 -35.27
C PRO A 238 -55.16 16.41 -35.87
N ASP A 239 -56.37 16.74 -35.43
CA ASP A 239 -57.01 17.93 -35.93
C ASP A 239 -56.58 19.17 -35.17
N GLY A 240 -55.78 19.01 -34.11
CA GLY A 240 -55.32 20.12 -33.27
C GLY A 240 -56.33 20.68 -32.29
N ALA A 241 -57.50 20.09 -32.19
CA ALA A 241 -58.63 20.56 -31.35
C ALA A 241 -58.37 20.20 -29.89
N LEU A 242 -57.83 19.02 -29.66
CA LEU A 242 -57.68 18.43 -28.33
C LEU A 242 -56.24 18.21 -27.93
N LEU A 243 -56.04 18.09 -26.64
CA LEU A 243 -54.77 17.75 -26.09
C LEU A 243 -54.92 16.66 -25.06
N ALA A 244 -54.01 15.71 -25.04
CA ALA A 244 -54.06 14.63 -24.06
C ALA A 244 -52.90 14.76 -23.06
N SER A 245 -53.18 14.49 -21.81
CA SER A 245 -52.21 14.56 -20.76
C SER A 245 -52.14 13.23 -20.05
N GLY A 246 -50.92 12.83 -19.71
CA GLY A 246 -50.67 11.63 -18.93
C GLY A 246 -49.95 12.00 -17.66
N SER A 247 -50.40 11.44 -16.55
CA SER A 247 -49.86 11.81 -15.26
C SER A 247 -49.64 10.69 -14.27
N ASP A 248 -48.83 11.02 -13.28
CA ASP A 248 -48.52 10.18 -12.16
C ASP A 248 -49.79 9.93 -11.29
N ASP A 249 -50.75 10.84 -11.39
CA ASP A 249 -52.02 10.69 -10.70
C ASP A 249 -52.84 9.56 -11.27
N ARG A 250 -52.34 8.99 -12.37
CA ARG A 250 -52.90 7.86 -13.05
C ARG A 250 -54.15 8.13 -13.90
N THR A 251 -54.25 9.35 -14.38
CA THR A 251 -55.28 9.67 -15.32
C THR A 251 -54.74 10.20 -16.62
N ILE A 252 -55.56 10.03 -17.66
CA ILE A 252 -55.29 10.61 -18.93
C ILE A 252 -56.41 11.65 -19.06
N ARG A 253 -56.01 12.88 -19.33
CA ARG A 253 -56.99 13.94 -19.45
C ARG A 253 -57.03 14.55 -20.83
N LEU A 254 -58.22 14.91 -21.28
CA LEU A 254 -58.41 15.51 -22.58
C LEU A 254 -58.86 16.94 -22.40
N TRP A 255 -58.19 17.85 -23.08
CA TRP A 255 -58.51 19.25 -22.96
C TRP A 255 -58.83 19.87 -24.30
N ASP A 256 -59.70 20.85 -24.27
CA ASP A 256 -60.00 21.60 -25.45
C ASP A 256 -58.92 22.67 -25.62
N VAL A 257 -58.28 22.69 -26.77
CA VAL A 257 -57.16 23.58 -27.01
C VAL A 257 -57.54 25.05 -27.09
N ALA A 258 -58.66 25.31 -27.73
CA ALA A 258 -59.22 26.67 -27.83
C ALA A 258 -59.62 27.20 -26.47
N ALA A 259 -60.56 26.48 -25.83
CA ALA A 259 -61.28 26.94 -24.58
C ALA A 259 -60.33 26.75 -23.43
N GLN A 260 -59.48 25.74 -23.50
CA GLN A 260 -58.54 25.35 -22.44
C GLN A 260 -59.10 24.57 -21.31
N GLU A 261 -60.33 24.12 -21.46
CA GLU A 261 -61.04 23.45 -20.39
C GLU A 261 -60.83 21.98 -20.53
N GLU A 262 -60.87 21.29 -19.39
CA GLU A 262 -60.89 19.85 -19.33
C GLU A 262 -62.10 19.32 -20.04
N HIS A 263 -61.92 18.30 -20.83
CA HIS A 263 -62.99 17.67 -21.54
C HIS A 263 -63.40 16.38 -20.92
N THR A 264 -62.44 15.51 -20.70
CA THR A 264 -62.73 14.18 -20.17
C THR A 264 -61.53 13.71 -19.36
N THR A 265 -61.77 12.75 -18.47
CA THR A 265 -60.77 12.12 -17.66
C THR A 265 -60.90 10.63 -17.79
N LEU A 266 -59.80 9.95 -18.14
CA LEU A 266 -59.73 8.49 -18.21
C LEU A 266 -58.98 7.94 -17.02
N GLU A 267 -59.59 7.07 -16.24
CA GLU A 267 -58.91 6.50 -15.06
C GLU A 267 -58.24 5.14 -15.33
N GLY A 268 -57.08 5.18 -15.96
CA GLY A 268 -56.28 3.95 -16.31
C GLY A 268 -55.33 3.71 -15.15
N HIS A 269 -55.98 3.43 -14.11
CA HIS A 269 -55.40 3.57 -12.82
C HIS A 269 -54.50 2.44 -12.36
N THR A 270 -53.66 2.80 -11.40
CA THR A 270 -52.75 1.95 -10.59
C THR A 270 -51.34 2.21 -11.06
N GLU A 271 -51.25 2.96 -12.15
CA GLU A 271 -50.01 3.13 -12.84
C GLU A 271 -49.88 4.55 -13.33
N PRO A 272 -48.70 5.13 -13.10
CA PRO A 272 -48.37 6.35 -13.79
C PRO A 272 -48.35 6.21 -15.33
N VAL A 273 -48.90 7.22 -16.02
CA VAL A 273 -48.87 7.18 -17.47
C VAL A 273 -47.68 7.98 -17.94
N HIS A 274 -46.72 7.31 -18.53
CA HIS A 274 -45.41 7.90 -18.90
C HIS A 274 -45.37 8.41 -20.33
N SER A 275 -46.16 7.82 -21.22
CA SER A 275 -46.23 8.33 -22.60
C SER A 275 -47.61 8.11 -23.18
N VAL A 276 -48.00 9.01 -24.07
CA VAL A 276 -49.28 8.92 -24.76
C VAL A 276 -49.04 9.25 -26.22
N ALA A 277 -49.78 8.61 -27.10
CA ALA A 277 -49.73 8.96 -28.51
C ALA A 277 -51.12 8.75 -29.12
N PHE A 278 -51.52 9.66 -29.97
CA PHE A 278 -52.76 9.55 -30.69
C PHE A 278 -52.53 8.75 -31.97
N HIS A 279 -53.54 8.03 -32.39
CA HIS A 279 -53.57 7.40 -33.71
C HIS A 279 -53.61 8.51 -34.75
N PRO A 280 -53.07 8.25 -35.97
CA PRO A 280 -53.13 9.31 -37.01
C PRO A 280 -54.52 9.82 -37.41
N GLU A 281 -55.51 8.97 -37.42
CA GLU A 281 -56.93 9.48 -37.58
C GLU A 281 -57.61 10.03 -36.32
N GLY A 282 -57.02 9.82 -35.17
CA GLY A 282 -57.55 10.40 -33.90
C GLY A 282 -58.52 9.58 -33.09
N THR A 283 -58.84 8.41 -33.59
CA THR A 283 -59.78 7.49 -33.00
C THR A 283 -59.25 6.75 -31.80
N THR A 284 -57.94 6.52 -31.77
CA THR A 284 -57.32 5.74 -30.74
C THR A 284 -56.24 6.53 -30.04
N LEU A 285 -55.91 6.06 -28.85
CA LEU A 285 -54.83 6.59 -28.06
C LEU A 285 -54.06 5.46 -27.48
N ALA A 286 -52.73 5.59 -27.50
CA ALA A 286 -51.89 4.61 -26.81
C ALA A 286 -51.26 5.27 -25.62
N SER A 287 -51.25 4.55 -24.49
CA SER A 287 -50.56 4.97 -23.26
C SER A 287 -49.53 3.94 -22.91
N ALA A 288 -48.46 4.41 -22.31
CA ALA A 288 -47.48 3.56 -21.77
C ALA A 288 -47.41 3.77 -20.28
N SER A 289 -47.12 2.69 -19.60
CA SER A 289 -47.18 2.66 -18.18
C SER A 289 -45.98 1.89 -17.62
N GLU A 290 -46.05 1.68 -16.33
CA GLU A 290 -44.96 1.02 -15.72
C GLU A 290 -45.05 -0.43 -16.10
N ASP A 291 -43.91 -1.03 -15.93
CA ASP A 291 -43.84 -2.45 -15.93
C ASP A 291 -44.25 -3.14 -17.18
N GLY A 292 -44.33 -2.34 -18.20
CA GLY A 292 -44.29 -2.91 -19.51
C GLY A 292 -45.62 -3.30 -19.93
N THR A 293 -46.50 -2.32 -19.84
CA THR A 293 -47.78 -2.45 -20.51
C THR A 293 -47.96 -1.28 -21.49
N ILE A 294 -48.63 -1.57 -22.58
CA ILE A 294 -49.00 -0.56 -23.56
C ILE A 294 -50.45 -0.73 -23.71
N ARG A 295 -51.18 0.36 -23.61
CA ARG A 295 -52.64 0.32 -23.68
C ARG A 295 -53.12 1.12 -24.83
N ILE A 296 -54.20 0.64 -25.44
CA ILE A 296 -54.80 1.31 -26.57
C ILE A 296 -56.29 1.60 -26.26
N TRP A 297 -56.71 2.84 -26.48
CA TRP A 297 -58.08 3.24 -26.17
C TRP A 297 -58.65 4.08 -27.29
N PRO A 298 -60.01 4.08 -27.47
CA PRO A 298 -60.54 5.05 -28.43
C PRO A 298 -61.07 6.23 -27.68
N ASN B 11 -45.64 -1.72 12.43
CA ASN B 11 -44.93 -0.43 12.79
C ASN B 11 -44.63 0.61 11.76
N GLU B 12 -45.23 1.72 12.02
CA GLU B 12 -45.34 2.71 11.07
C GLU B 12 -44.29 3.69 11.34
N PRO B 13 -43.59 4.15 10.29
CA PRO B 13 -42.51 4.99 10.66
C PRO B 13 -42.83 6.38 10.81
N ARG B 14 -41.80 7.10 11.17
CA ARG B 14 -41.83 8.51 11.11
C ARG B 14 -41.20 9.07 9.91
N ILE B 15 -41.62 10.27 9.63
CA ILE B 15 -41.41 10.83 8.37
C ILE B 15 -40.79 12.15 8.49
N LEU B 16 -39.73 12.33 7.74
CA LEU B 16 -39.22 13.66 7.45
C LEU B 16 -39.26 13.88 6.00
N THR B 17 -39.29 15.17 5.65
CA THR B 17 -39.32 15.64 4.30
C THR B 17 -38.15 16.47 3.91
N THR B 18 -37.82 16.39 2.62
CA THR B 18 -36.90 17.28 1.96
C THR B 18 -37.68 17.86 0.81
N ASP B 19 -37.27 18.99 0.26
CA ASP B 19 -38.00 19.59 -0.86
C ASP B 19 -37.89 18.85 -2.16
N ARG B 20 -36.84 18.06 -2.34
CA ARG B 20 -36.66 17.28 -3.54
C ARG B 20 -36.45 15.83 -3.17
N GLU B 21 -36.00 15.04 -4.14
CA GLU B 21 -35.61 13.68 -3.93
C GLU B 21 -34.56 13.55 -2.79
N ALA B 22 -34.75 12.58 -1.92
CA ALA B 22 -33.77 12.22 -0.91
C ALA B 22 -33.11 10.96 -1.41
N VAL B 23 -31.84 11.06 -1.74
CA VAL B 23 -31.11 9.90 -2.30
C VAL B 23 -30.08 9.32 -1.35
N ALA B 24 -29.90 9.90 -0.18
CA ALA B 24 -28.86 9.35 0.76
C ALA B 24 -29.19 9.65 2.20
N VAL B 25 -28.88 8.71 3.07
CA VAL B 25 -29.11 8.83 4.48
C VAL B 25 -27.96 8.12 5.25
N ALA B 26 -27.68 8.62 6.45
CA ALA B 26 -26.73 7.99 7.34
C ALA B 26 -26.95 8.50 8.76
N PHE B 27 -26.81 7.62 9.72
CA PHE B 27 -26.88 7.96 11.11
C PHE B 27 -25.49 8.33 11.63
N SER B 28 -25.42 9.30 12.53
CA SER B 28 -24.19 9.55 13.27
C SER B 28 -23.79 8.27 14.03
N PRO B 29 -22.51 8.09 14.32
CA PRO B 29 -22.10 6.90 15.08
C PRO B 29 -22.78 6.75 16.47
N GLY B 30 -23.04 7.86 17.14
CA GLY B 30 -23.73 7.87 18.40
C GLY B 30 -25.22 7.60 18.30
N GLY B 31 -25.80 7.85 17.15
CA GLY B 31 -27.18 7.58 16.93
C GLY B 31 -28.13 8.72 17.06
N SER B 32 -27.63 9.86 17.50
CA SER B 32 -28.45 10.98 17.83
C SER B 32 -28.73 11.88 16.63
N LEU B 33 -27.92 11.78 15.58
CA LEU B 33 -28.11 12.60 14.40
C LEU B 33 -28.38 11.77 13.15
N LEU B 34 -29.08 12.39 12.20
CA LEU B 34 -29.40 11.78 10.92
C LEU B 34 -29.07 12.78 9.85
N ALA B 35 -28.22 12.37 8.89
CA ALA B 35 -27.91 13.20 7.74
C ALA B 35 -28.67 12.69 6.51
N GLY B 36 -29.23 13.62 5.76
CA GLY B 36 -29.98 13.32 4.54
C GLY B 36 -29.49 14.10 3.36
N GLY B 37 -29.13 13.39 2.30
CA GLY B 37 -28.61 14.00 1.09
C GLY B 37 -29.74 14.06 0.08
N SER B 38 -29.90 15.22 -0.54
CA SER B 38 -31.00 15.40 -1.42
C SER B 38 -30.66 16.08 -2.74
N GLY B 39 -31.67 16.10 -3.62
CA GLY B 39 -31.64 16.84 -4.84
C GLY B 39 -31.78 18.35 -4.70
N ASP B 40 -31.93 18.85 -3.50
CA ASP B 40 -31.87 20.26 -3.20
C ASP B 40 -30.47 20.83 -3.29
N LYS B 41 -29.48 19.95 -3.51
CA LYS B 41 -28.07 20.28 -3.47
C LYS B 41 -27.56 20.53 -2.04
N LEU B 42 -28.33 20.07 -1.06
CA LEU B 42 -28.01 20.26 0.34
C LEU B 42 -27.96 18.96 1.10
N ILE B 43 -27.25 19.02 2.24
CA ILE B 43 -27.31 17.96 3.21
C ILE B 43 -28.06 18.50 4.43
N HIS B 44 -29.05 17.72 4.84
CA HIS B 44 -29.88 18.05 5.97
C HIS B 44 -29.44 17.20 7.12
N VAL B 45 -29.48 17.79 8.31
CA VAL B 45 -29.11 17.10 9.52
C VAL B 45 -30.26 17.22 10.51
N TRP B 46 -30.65 16.09 11.05
CA TRP B 46 -31.77 16.04 11.93
C TRP B 46 -31.34 15.50 13.28
N ASP B 47 -31.91 16.06 14.34
CA ASP B 47 -31.73 15.49 15.65
C ASP B 47 -32.79 14.40 15.65
N VAL B 48 -32.39 13.16 15.80
CA VAL B 48 -33.31 12.06 15.79
C VAL B 48 -34.38 12.08 16.88
N ALA B 49 -34.00 12.35 18.12
CA ALA B 49 -34.99 12.33 19.20
C ALA B 49 -36.07 13.41 19.02
N SER B 50 -35.65 14.65 18.80
CA SER B 50 -36.56 15.76 18.65
C SER B 50 -37.24 15.79 17.35
N GLY B 51 -36.54 15.31 16.34
CA GLY B 51 -37.04 15.35 15.02
C GLY B 51 -36.80 16.71 14.41
N ASP B 52 -36.03 17.55 15.08
CA ASP B 52 -35.72 18.89 14.59
C ASP B 52 -34.54 18.91 13.63
N GLU B 53 -34.57 19.86 12.71
CA GLU B 53 -33.55 19.95 11.74
C GLU B 53 -32.49 20.90 12.26
N LEU B 54 -31.33 20.36 12.64
CA LEU B 54 -30.25 21.14 13.20
C LEU B 54 -29.53 22.06 12.25
N HIS B 55 -29.10 21.54 11.13
CA HIS B 55 -28.38 22.35 10.16
C HIS B 55 -28.59 21.93 8.77
N THR B 56 -28.21 22.86 7.92
CA THR B 56 -28.22 22.66 6.51
C THR B 56 -26.80 22.87 6.05
N LEU B 57 -26.27 21.90 5.31
CA LEU B 57 -24.91 21.99 4.73
C LEU B 57 -25.00 22.39 3.29
N GLU B 58 -24.53 23.58 2.98
CA GLU B 58 -24.67 24.16 1.66
C GLU B 58 -23.30 24.37 1.04
N GLY B 59 -23.24 24.25 -0.29
CA GLY B 59 -21.97 24.32 -1.04
C GLY B 59 -21.90 23.44 -2.28
N HIS B 60 -22.58 22.30 -2.24
CA HIS B 60 -22.72 21.51 -3.43
C HIS B 60 -23.52 22.27 -4.49
N THR B 61 -23.21 21.98 -5.75
CA THR B 61 -23.78 22.64 -6.92
C THR B 61 -24.72 21.74 -7.71
N ASP B 62 -24.91 20.50 -7.25
CA ASP B 62 -25.76 19.53 -7.91
C ASP B 62 -26.27 18.52 -6.84
N TRP B 63 -27.05 17.53 -7.24
CA TRP B 63 -27.61 16.57 -6.32
C TRP B 63 -26.54 15.97 -5.42
N VAL B 64 -26.90 15.80 -4.14
CA VAL B 64 -26.03 15.11 -3.20
C VAL B 64 -26.41 13.65 -3.19
N ARG B 65 -25.50 12.76 -3.58
CA ARG B 65 -25.82 11.36 -3.84
C ARG B 65 -25.47 10.39 -2.74
N ALA B 66 -24.53 10.77 -1.88
CA ALA B 66 -24.11 9.90 -0.77
C ALA B 66 -23.54 10.73 0.36
N VAL B 67 -23.73 10.26 1.58
CA VAL B 67 -23.22 10.91 2.79
C VAL B 67 -22.68 9.86 3.77
N ALA B 68 -21.67 10.25 4.54
CA ALA B 68 -21.06 9.35 5.54
C ALA B 68 -20.36 10.12 6.63
N PHE B 69 -20.58 9.67 7.88
CA PHE B 69 -19.99 10.31 9.03
C PHE B 69 -18.62 9.75 9.29
N SER B 70 -17.76 10.59 9.84
CA SER B 70 -16.45 10.15 10.37
C SER B 70 -16.76 9.23 11.59
N PRO B 71 -15.86 8.29 11.88
CA PRO B 71 -16.14 7.40 13.03
C PRO B 71 -16.30 8.14 14.39
N ASP B 72 -15.64 9.27 14.56
CA ASP B 72 -15.85 10.12 15.75
C ASP B 72 -17.12 11.01 15.70
N GLY B 73 -17.85 10.96 14.60
CA GLY B 73 -19.01 11.80 14.43
C GLY B 73 -18.81 13.28 14.25
N ALA B 74 -17.57 13.75 14.17
CA ALA B 74 -17.29 15.18 14.10
C ALA B 74 -17.36 15.74 12.67
N LEU B 75 -17.12 14.87 11.70
CA LEU B 75 -17.09 15.24 10.30
C LEU B 75 -18.06 14.43 9.48
N LEU B 76 -18.62 15.07 8.48
CA LEU B 76 -19.43 14.39 7.48
C LEU B 76 -18.75 14.50 6.11
N ALA B 77 -18.76 13.40 5.35
CA ALA B 77 -18.34 13.45 3.94
C ALA B 77 -19.54 13.34 3.03
N SER B 78 -19.50 13.99 1.87
CA SER B 78 -20.62 13.95 0.90
C SER B 78 -20.05 13.84 -0.50
N GLY B 79 -20.77 13.08 -1.33
CA GLY B 79 -20.52 12.98 -2.73
C GLY B 79 -21.73 13.53 -3.48
N SER B 80 -21.45 14.19 -4.61
CA SER B 80 -22.44 14.89 -5.40
C SER B 80 -22.23 14.74 -6.90
N ASP B 81 -23.31 15.05 -7.61
CA ASP B 81 -23.32 15.12 -9.06
C ASP B 81 -22.46 16.27 -9.56
N ASP B 82 -22.10 17.23 -8.70
CA ASP B 82 -21.16 18.28 -9.10
C ASP B 82 -19.72 17.77 -9.25
N ALA B 83 -19.50 16.48 -9.04
CA ALA B 83 -18.22 15.81 -9.27
C ALA B 83 -17.24 16.02 -8.13
N THR B 84 -17.72 16.47 -6.99
CA THR B 84 -16.89 16.81 -5.85
C THR B 84 -17.21 15.93 -4.65
N VAL B 85 -16.21 15.76 -3.78
CA VAL B 85 -16.41 15.18 -2.48
C VAL B 85 -16.10 16.28 -1.48
N ARG B 86 -17.04 16.58 -0.57
CA ARG B 86 -16.79 17.61 0.46
C ARG B 86 -16.77 17.04 1.86
N LEU B 87 -16.02 17.71 2.72
CA LEU B 87 -15.94 17.39 4.10
C LEU B 87 -16.59 18.50 4.85
N TRP B 88 -17.38 18.15 5.85
CA TRP B 88 -18.06 19.14 6.65
C TRP B 88 -17.69 18.97 8.09
N ASP B 89 -17.53 20.07 8.79
CA ASP B 89 -17.54 20.07 10.25
C ASP B 89 -19.02 20.07 10.67
N VAL B 90 -19.45 19.05 11.41
CA VAL B 90 -20.88 18.93 11.70
C VAL B 90 -21.40 19.93 12.70
N ALA B 91 -20.69 20.03 13.82
CA ALA B 91 -21.10 20.95 14.89
C ALA B 91 -21.17 22.35 14.37
N ALA B 92 -20.14 22.77 13.63
CA ALA B 92 -20.07 24.13 13.10
C ALA B 92 -20.89 24.33 11.86
N ALA B 93 -21.24 23.23 11.20
CA ALA B 93 -22.02 23.26 9.99
C ALA B 93 -21.29 24.02 8.91
N GLU B 94 -19.96 23.90 8.91
CA GLU B 94 -19.08 24.65 8.01
C GLU B 94 -18.47 23.64 7.06
N GLU B 95 -18.23 24.12 5.85
CA GLU B 95 -17.44 23.41 4.87
C GLU B 95 -16.03 23.44 5.37
N ARG B 96 -15.41 22.30 5.38
CA ARG B 96 -14.04 22.27 5.78
C ARG B 96 -13.07 21.95 4.63
N ALA B 97 -13.54 21.20 3.66
CA ALA B 97 -12.73 20.85 2.53
C ALA B 97 -13.48 20.41 1.35
N VAL B 98 -12.85 20.59 0.21
CA VAL B 98 -13.45 20.22 -1.00
C VAL B 98 -12.50 19.44 -1.82
N PHE B 99 -12.93 18.31 -2.33
CA PHE B 99 -12.05 17.48 -3.14
C PHE B 99 -12.46 17.32 -4.55
N GLU B 100 -11.48 17.53 -5.37
CA GLU B 100 -11.69 17.62 -6.74
C GLU B 100 -10.76 16.75 -7.47
N GLY B 101 -11.20 16.30 -8.62
CA GLY B 101 -10.48 15.35 -9.37
C GLY B 101 -11.35 14.45 -10.18
N HIS B 102 -12.48 14.03 -9.63
CA HIS B 102 -13.38 13.22 -10.40
C HIS B 102 -13.87 14.09 -11.53
N THR B 103 -14.01 13.49 -12.72
CA THR B 103 -14.50 14.24 -13.87
C THR B 103 -15.99 14.10 -14.11
N HIS B 104 -16.65 13.19 -13.41
CA HIS B 104 -18.10 12.94 -13.56
C HIS B 104 -18.81 12.78 -12.25
N TYR B 105 -20.13 12.60 -12.27
CA TYR B 105 -20.92 12.46 -11.02
C TYR B 105 -20.27 11.50 -10.04
N VAL B 106 -20.25 11.86 -8.77
CA VAL B 106 -19.84 10.95 -7.70
C VAL B 106 -21.12 10.33 -7.17
N LEU B 107 -21.17 9.01 -7.17
CA LEU B 107 -22.35 8.26 -6.81
C LEU B 107 -22.30 7.55 -5.48
N ASP B 108 -21.11 7.47 -4.87
CA ASP B 108 -21.01 6.88 -3.55
C ASP B 108 -19.77 7.35 -2.84
N ILE B 109 -19.82 7.39 -1.51
CA ILE B 109 -18.69 7.73 -0.66
C ILE B 109 -18.71 6.81 0.56
N ALA B 110 -17.56 6.66 1.19
CA ALA B 110 -17.46 5.86 2.39
C ALA B 110 -16.35 6.44 3.26
N PHE B 111 -16.51 6.32 4.56
CA PHE B 111 -15.51 6.78 5.50
C PHE B 111 -14.84 5.56 6.09
N SER B 112 -13.52 5.54 6.13
CA SER B 112 -12.88 4.32 6.68
C SER B 112 -13.08 4.26 8.19
N PRO B 113 -12.99 3.06 8.82
CA PRO B 113 -13.11 2.88 10.27
C PRO B 113 -12.01 3.62 11.04
N ASP B 114 -10.86 3.70 10.41
CA ASP B 114 -9.62 4.41 10.78
C ASP B 114 -9.95 5.90 10.90
N GLY B 115 -10.77 6.42 10.00
CA GLY B 115 -11.15 7.84 9.96
C GLY B 115 -10.15 8.68 9.18
N SER B 116 -9.15 8.04 8.59
CA SER B 116 -8.10 8.76 7.84
C SER B 116 -8.41 8.84 6.35
N MET B 117 -9.34 8.03 5.86
CA MET B 117 -9.57 8.01 4.40
C MET B 117 -11.05 8.02 4.03
N VAL B 118 -11.38 8.82 3.02
CA VAL B 118 -12.71 8.82 2.39
C VAL B 118 -12.57 8.15 1.03
N ALA B 119 -13.47 7.24 0.71
CA ALA B 119 -13.52 6.66 -0.60
C ALA B 119 -14.68 7.24 -1.41
N SER B 120 -14.51 7.40 -2.72
CA SER B 120 -15.59 7.80 -3.62
C SER B 120 -15.64 6.93 -4.85
N GLY B 121 -16.83 6.65 -5.34
CA GLY B 121 -17.04 5.95 -6.62
C GLY B 121 -17.80 6.87 -7.55
N SER B 122 -17.31 7.00 -8.78
CA SER B 122 -17.81 7.96 -9.74
C SER B 122 -18.13 7.35 -11.08
N ARG B 123 -18.95 8.09 -11.83
CA ARG B 123 -19.31 7.71 -13.18
C ARG B 123 -18.13 7.85 -14.16
N ASP B 124 -17.04 8.49 -13.73
CA ASP B 124 -15.83 8.55 -14.54
C ASP B 124 -15.06 7.23 -14.54
N GLY B 125 -15.62 6.20 -13.92
CA GLY B 125 -15.07 4.86 -13.96
C GLY B 125 -13.98 4.57 -12.96
N THR B 126 -13.71 5.50 -12.05
CA THR B 126 -12.63 5.34 -11.10
C THR B 126 -13.15 5.43 -9.69
N ALA B 127 -12.41 4.79 -8.79
CA ALA B 127 -12.69 4.88 -7.35
C ALA B 127 -11.50 5.68 -6.82
N ARG B 128 -11.79 6.66 -5.95
CA ARG B 128 -10.74 7.51 -5.40
C ARG B 128 -10.70 7.42 -3.94
N LEU B 129 -9.48 7.57 -3.40
CA LEU B 129 -9.24 7.62 -1.95
C LEU B 129 -8.67 8.97 -1.59
N TRP B 130 -9.27 9.63 -0.62
CA TRP B 130 -8.84 10.95 -0.19
C TRP B 130 -8.36 10.94 1.26
N ASN B 131 -7.23 11.60 1.52
CA ASN B 131 -6.60 11.60 2.86
C ASN B 131 -7.21 12.79 3.59
N VAL B 132 -7.97 12.51 4.65
CA VAL B 132 -8.78 13.58 5.23
C VAL B 132 -7.86 14.58 5.91
N ALA B 133 -6.82 14.11 6.60
CA ALA B 133 -5.94 15.00 7.37
C ALA B 133 -5.17 15.97 6.48
N THR B 134 -4.60 15.48 5.39
CA THR B 134 -3.83 16.33 4.48
C THR B 134 -4.70 17.01 3.40
N GLY B 135 -5.83 16.40 3.08
CA GLY B 135 -6.74 16.93 2.06
C GLY B 135 -6.30 16.63 0.65
N THR B 136 -5.37 15.67 0.50
CA THR B 136 -4.82 15.31 -0.78
C THR B 136 -5.54 14.07 -1.38
N GLU B 137 -5.34 13.89 -2.69
CA GLU B 137 -5.75 12.67 -3.35
C GLU B 137 -4.69 11.64 -3.05
N HIS B 138 -5.10 10.51 -2.55
CA HIS B 138 -4.16 9.50 -2.15
C HIS B 138 -3.98 8.46 -3.22
N ALA B 139 -5.06 8.08 -3.86
CA ALA B 139 -5.00 7.06 -4.86
C ALA B 139 -6.16 7.24 -5.87
N VAL B 140 -5.86 6.85 -7.11
CA VAL B 140 -6.88 6.67 -8.10
C VAL B 140 -6.87 5.22 -8.50
N LEU B 141 -8.00 4.55 -8.38
CA LEU B 141 -8.11 3.12 -8.58
C LEU B 141 -8.80 2.97 -9.95
N LYS B 142 -8.08 2.32 -10.87
CA LYS B 142 -8.42 2.39 -12.31
C LYS B 142 -8.98 1.16 -12.97
N GLY B 143 -8.72 0.00 -12.44
CA GLY B 143 -9.28 -1.25 -12.90
C GLY B 143 -10.56 -1.39 -13.68
N HIS B 144 -11.57 -0.67 -13.25
CA HIS B 144 -12.89 -0.83 -13.85
C HIS B 144 -12.93 -0.26 -15.27
N THR B 145 -13.71 -0.90 -16.12
CA THR B 145 -13.92 -0.48 -17.51
C THR B 145 -15.26 0.15 -17.72
N ASP B 146 -15.97 0.50 -16.64
CA ASP B 146 -17.23 1.20 -16.72
C ASP B 146 -17.51 1.96 -15.39
N TYR B 147 -18.70 2.52 -15.23
CA TYR B 147 -19.00 3.38 -14.08
C TYR B 147 -18.90 2.66 -12.76
N VAL B 148 -18.42 3.36 -11.75
CA VAL B 148 -18.33 2.83 -10.39
C VAL B 148 -19.54 3.36 -9.63
N TYR B 149 -20.35 2.47 -9.12
CA TYR B 149 -21.59 2.87 -8.47
C TYR B 149 -21.50 2.78 -6.99
N ALA B 150 -20.55 2.00 -6.46
CA ALA B 150 -20.47 1.80 -5.01
C ALA B 150 -19.05 1.56 -4.51
N VAL B 151 -18.79 2.06 -3.31
CA VAL B 151 -17.57 1.79 -2.58
C VAL B 151 -17.90 1.46 -1.13
N ALA B 152 -17.09 0.59 -0.55
CA ALA B 152 -17.25 0.32 0.87
C ALA B 152 -15.92 -0.13 1.45
N PHE B 153 -15.64 0.32 2.66
CA PHE B 153 -14.47 -0.14 3.36
C PHE B 153 -14.72 -1.43 4.09
N SER B 154 -13.70 -2.28 4.16
CA SER B 154 -13.76 -3.45 5.05
C SER B 154 -13.72 -2.90 6.47
N PRO B 155 -14.35 -3.61 7.44
CA PRO B 155 -14.34 -3.12 8.84
C PRO B 155 -12.96 -2.98 9.45
N ASP B 156 -12.01 -3.86 9.12
CA ASP B 156 -10.61 -3.64 9.53
C ASP B 156 -9.89 -2.45 8.84
N GLY B 157 -10.53 -1.81 7.89
CA GLY B 157 -9.95 -0.64 7.23
C GLY B 157 -8.82 -0.87 6.23
N SER B 158 -8.40 -2.12 6.07
CA SER B 158 -7.31 -2.51 5.18
C SER B 158 -7.72 -2.59 3.70
N MET B 159 -9.00 -2.80 3.45
CA MET B 159 -9.49 -3.01 2.12
C MET B 159 -10.66 -2.09 1.77
N VAL B 160 -10.71 -1.66 0.51
CA VAL B 160 -11.88 -0.94 -0.02
C VAL B 160 -12.41 -1.71 -1.23
N ALA B 161 -13.72 -1.79 -1.34
CA ALA B 161 -14.36 -2.54 -2.39
C ALA B 161 -15.10 -1.57 -3.27
N SER B 162 -15.13 -1.84 -4.57
CA SER B 162 -15.84 -1.01 -5.52
C SER B 162 -16.72 -1.85 -6.45
N GLY B 163 -17.92 -1.33 -6.71
CA GLY B 163 -18.93 -2.02 -7.51
C GLY B 163 -19.21 -1.23 -8.76
N SER B 164 -19.16 -1.89 -9.91
CA SER B 164 -19.25 -1.19 -11.17
C SER B 164 -20.24 -1.79 -12.14
N ARG B 165 -20.66 -0.95 -13.09
CA ARG B 165 -21.50 -1.38 -14.20
C ARG B 165 -20.90 -2.47 -15.07
N ASP B 166 -19.56 -2.57 -15.07
CA ASP B 166 -18.85 -3.62 -15.78
C ASP B 166 -19.01 -5.02 -15.24
N GLY B 167 -19.81 -5.17 -14.19
CA GLY B 167 -20.18 -6.46 -13.65
C GLY B 167 -19.07 -7.06 -12.81
N THR B 168 -18.23 -6.21 -12.26
CA THR B 168 -17.20 -6.69 -11.36
C THR B 168 -17.26 -5.96 -10.04
N ILE B 169 -16.87 -6.67 -9.00
CA ILE B 169 -16.57 -6.09 -7.70
C ILE B 169 -15.05 -6.22 -7.55
N ARG B 170 -14.42 -5.12 -7.17
CA ARG B 170 -12.99 -5.11 -7.02
C ARG B 170 -12.55 -4.73 -5.61
N LEU B 171 -11.48 -5.38 -5.14
CA LEU B 171 -10.97 -5.21 -3.76
C LEU B 171 -9.61 -4.65 -3.83
N TRP B 172 -9.38 -3.58 -3.12
CA TRP B 172 -8.12 -2.84 -3.21
C TRP B 172 -7.52 -2.67 -1.82
N ASP B 173 -6.21 -2.66 -1.76
CA ASP B 173 -5.48 -2.33 -0.58
C ASP B 173 -5.47 -0.82 -0.40
N VAL B 174 -5.97 -0.37 0.72
CA VAL B 174 -6.15 1.06 0.96
C VAL B 174 -4.82 1.82 0.96
N ALA B 175 -3.83 1.24 1.64
CA ALA B 175 -2.50 1.84 1.77
C ALA B 175 -1.81 2.11 0.45
N THR B 176 -1.70 1.04 -0.34
CA THR B 176 -0.92 1.06 -1.57
C THR B 176 -1.74 1.31 -2.81
N GLY B 177 -3.06 1.20 -2.73
CA GLY B 177 -3.91 1.40 -3.91
C GLY B 177 -3.91 0.25 -4.85
N LYS B 178 -3.34 -0.89 -4.45
CA LYS B 178 -3.17 -2.03 -5.34
C LYS B 178 -4.41 -2.88 -5.31
N GLU B 179 -4.85 -3.33 -6.47
CA GLU B 179 -6.00 -4.23 -6.59
C GLU B 179 -5.60 -5.56 -6.04
N ARG B 180 -6.46 -6.16 -5.24
CA ARG B 180 -6.22 -7.49 -4.70
C ARG B 180 -7.03 -8.59 -5.36
N ASP B 181 -8.29 -8.30 -5.68
CA ASP B 181 -9.20 -9.33 -6.18
C ASP B 181 -10.21 -8.71 -7.09
N VAL B 182 -10.75 -9.55 -7.96
CA VAL B 182 -11.85 -9.18 -8.81
C VAL B 182 -12.85 -10.29 -8.68
N LEU B 183 -14.03 -9.93 -8.16
CA LEU B 183 -15.15 -10.85 -8.06
C LEU B 183 -16.02 -10.64 -9.30
N GLN B 184 -16.43 -11.73 -9.91
CA GLN B 184 -17.27 -11.62 -11.12
C GLN B 184 -18.76 -11.86 -10.91
N ALA B 185 -19.56 -10.95 -11.44
CA ALA B 185 -21.05 -11.00 -11.32
C ALA B 185 -21.61 -10.54 -12.66
N PRO B 186 -21.64 -11.46 -13.52
CA PRO B 186 -21.56 -11.00 -14.86
C PRO B 186 -22.78 -10.59 -15.51
N ALA B 187 -23.92 -11.17 -15.16
CA ALA B 187 -25.12 -10.78 -15.79
C ALA B 187 -25.55 -9.48 -15.17
N GLU B 188 -24.77 -8.83 -14.32
CA GLU B 188 -25.34 -7.80 -13.49
C GLU B 188 -24.53 -6.58 -13.36
N ASN B 189 -25.23 -5.45 -13.26
CA ASN B 189 -24.67 -4.19 -12.91
C ASN B 189 -24.66 -4.11 -11.42
N VAL B 190 -23.48 -3.85 -10.83
CA VAL B 190 -23.40 -3.79 -9.38
C VAL B 190 -23.71 -2.38 -8.99
N VAL B 191 -24.77 -2.19 -8.21
CA VAL B 191 -25.28 -0.86 -7.92
C VAL B 191 -25.01 -0.50 -6.50
N SER B 192 -24.83 -1.45 -5.59
CA SER B 192 -24.55 -1.10 -4.17
C SER B 192 -23.69 -2.16 -3.47
N LEU B 193 -23.06 -1.78 -2.39
CA LEU B 193 -22.19 -2.66 -1.66
C LEU B 193 -22.27 -2.42 -0.17
N ALA B 194 -21.99 -3.46 0.59
CA ALA B 194 -21.80 -3.31 2.04
C ALA B 194 -21.02 -4.51 2.54
N PHE B 195 -20.13 -4.25 3.48
CA PHE B 195 -19.45 -5.31 4.18
C PHE B 195 -20.32 -5.66 5.41
N SER B 196 -20.31 -6.93 5.80
CA SER B 196 -20.81 -7.33 7.10
C SER B 196 -19.92 -6.80 8.21
N PRO B 197 -20.47 -6.49 9.38
CA PRO B 197 -19.60 -5.89 10.41
C PRO B 197 -18.45 -6.80 10.84
N ASP B 198 -18.66 -8.11 10.71
CA ASP B 198 -17.65 -9.13 10.85
C ASP B 198 -16.47 -8.98 9.87
N GLY B 199 -16.75 -8.41 8.69
CA GLY B 199 -15.84 -8.41 7.58
C GLY B 199 -15.76 -9.70 6.78
N SER B 200 -16.52 -10.71 7.17
CA SER B 200 -16.48 -12.05 6.58
C SER B 200 -17.31 -12.14 5.32
N MET B 201 -18.31 -11.27 5.20
CA MET B 201 -19.17 -11.28 4.05
C MET B 201 -19.29 -9.93 3.39
N LEU B 202 -19.66 -9.97 2.11
CA LEU B 202 -19.99 -8.80 1.35
C LEU B 202 -21.37 -9.00 0.69
N VAL B 203 -22.12 -7.92 0.61
CA VAL B 203 -23.34 -7.91 -0.17
C VAL B 203 -23.26 -6.91 -1.30
N HIS B 204 -23.84 -7.29 -2.44
CA HIS B 204 -23.97 -6.39 -3.58
C HIS B 204 -25.41 -6.41 -4.06
N GLY B 205 -25.82 -5.26 -4.59
CA GLY B 205 -27.17 -5.03 -5.05
C GLY B 205 -27.10 -4.93 -6.54
N SER B 206 -28.01 -5.65 -7.19
CA SER B 206 -28.13 -5.59 -8.64
C SER B 206 -29.58 -5.38 -9.10
N ASP B 207 -29.90 -5.78 -10.32
CA ASP B 207 -31.27 -5.68 -10.81
C ASP B 207 -32.15 -6.81 -10.25
N SER B 208 -32.84 -6.50 -9.17
CA SER B 208 -33.86 -7.33 -8.55
C SER B 208 -33.34 -8.24 -7.48
N THR B 209 -32.03 -8.24 -7.31
CA THR B 209 -31.40 -9.21 -6.45
C THR B 209 -30.31 -8.69 -5.57
N VAL B 210 -30.17 -9.32 -4.44
CA VAL B 210 -29.14 -9.01 -3.48
C VAL B 210 -28.34 -10.28 -3.33
N HIS B 211 -27.03 -10.15 -3.55
CA HIS B 211 -26.12 -11.31 -3.55
C HIS B 211 -25.16 -11.20 -2.35
N LEU B 212 -24.90 -12.33 -1.72
CA LEU B 212 -24.03 -12.43 -0.58
C LEU B 212 -22.75 -13.19 -0.97
N TRP B 213 -21.60 -12.64 -0.58
CA TRP B 213 -20.30 -13.22 -0.91
C TRP B 213 -19.54 -13.54 0.37
N ASP B 214 -18.81 -14.65 0.33
CA ASP B 214 -17.79 -14.94 1.32
C ASP B 214 -16.55 -14.20 0.89
N VAL B 215 -16.06 -13.31 1.72
CA VAL B 215 -14.95 -12.43 1.35
C VAL B 215 -13.66 -13.21 1.13
N ALA B 216 -13.32 -14.09 2.06
CA ALA B 216 -12.07 -14.84 1.98
C ALA B 216 -11.98 -15.74 0.73
N SER B 217 -13.06 -16.47 0.46
CA SER B 217 -13.07 -17.43 -0.63
C SER B 217 -13.56 -16.84 -1.93
N GLY B 218 -14.15 -15.65 -1.87
CA GLY B 218 -14.68 -14.99 -3.06
C GLY B 218 -15.81 -15.77 -3.71
N GLU B 219 -16.51 -16.59 -2.94
CA GLU B 219 -17.54 -17.45 -3.48
C GLU B 219 -18.92 -16.89 -3.09
N ALA B 220 -19.90 -17.21 -3.93
CA ALA B 220 -21.25 -16.69 -3.73
C ALA B 220 -21.99 -17.58 -2.75
N LEU B 221 -22.53 -17.00 -1.68
CA LEU B 221 -23.16 -17.77 -0.60
C LEU B 221 -24.61 -17.95 -0.86
N HIS B 222 -25.25 -16.88 -1.32
CA HIS B 222 -26.67 -16.91 -1.58
C HIS B 222 -27.13 -15.74 -2.46
N THR B 223 -28.30 -15.94 -3.04
CA THR B 223 -29.00 -14.88 -3.74
C THR B 223 -30.33 -14.68 -3.05
N PHE B 224 -30.61 -13.45 -2.61
CA PHE B 224 -31.91 -13.12 -1.98
C PHE B 224 -32.87 -12.59 -3.01
N GLU B 225 -33.97 -13.30 -3.21
CA GLU B 225 -34.95 -12.91 -4.21
C GLU B 225 -36.23 -12.36 -3.56
N GLY B 226 -36.86 -11.42 -4.24
CA GLY B 226 -38.10 -10.82 -3.83
C GLY B 226 -38.32 -9.45 -4.40
N HIS B 227 -37.25 -8.69 -4.60
CA HIS B 227 -37.35 -7.38 -5.19
C HIS B 227 -37.68 -7.52 -6.65
N THR B 228 -38.48 -6.59 -7.14
CA THR B 228 -38.94 -6.58 -8.52
C THR B 228 -38.34 -5.44 -9.34
N ASP B 229 -37.30 -4.82 -8.83
CA ASP B 229 -36.62 -3.75 -9.57
C ASP B 229 -35.24 -3.50 -8.95
N TRP B 230 -34.52 -2.52 -9.46
CA TRP B 230 -33.14 -2.27 -9.05
C TRP B 230 -32.97 -2.13 -7.54
N VAL B 231 -31.94 -2.80 -7.02
CA VAL B 231 -31.60 -2.70 -5.61
C VAL B 231 -30.45 -1.72 -5.49
N ARG B 232 -30.73 -0.52 -5.01
CA ARG B 232 -29.73 0.54 -5.01
C ARG B 232 -29.00 0.75 -3.70
N ALA B 233 -29.49 0.14 -2.62
CA ALA B 233 -28.88 0.28 -1.35
C ALA B 233 -28.99 -1.00 -0.55
N VAL B 234 -27.88 -1.36 0.10
CA VAL B 234 -27.84 -2.50 0.99
C VAL B 234 -27.08 -2.11 2.21
N ALA B 235 -27.40 -2.72 3.34
CA ALA B 235 -26.76 -2.34 4.62
C ALA B 235 -26.96 -3.52 5.54
N PHE B 236 -25.92 -3.82 6.30
CA PHE B 236 -25.95 -4.84 7.31
C PHE B 236 -26.34 -4.18 8.63
N SER B 237 -27.09 -4.92 9.43
CA SER B 237 -27.36 -4.54 10.82
C SER B 237 -26.05 -4.56 11.62
N PRO B 238 -25.92 -3.73 12.66
CA PRO B 238 -24.67 -3.74 13.47
C PRO B 238 -24.24 -5.08 14.01
N ASP B 239 -25.21 -5.95 14.36
CA ASP B 239 -24.86 -7.29 14.84
C ASP B 239 -24.68 -8.31 13.70
N GLY B 240 -24.82 -7.90 12.45
CA GLY B 240 -24.65 -8.79 11.30
C GLY B 240 -25.77 -9.78 11.03
N ALA B 241 -26.82 -9.75 11.84
CA ALA B 241 -27.92 -10.75 11.76
C ALA B 241 -28.91 -10.41 10.66
N LEU B 242 -29.07 -9.13 10.36
CA LEU B 242 -30.03 -8.69 9.37
C LEU B 242 -29.45 -7.90 8.25
N LEU B 243 -30.08 -8.03 7.08
CA LEU B 243 -29.69 -7.30 5.90
C LEU B 243 -30.86 -6.45 5.43
N ALA B 244 -30.58 -5.21 5.04
CA ALA B 244 -31.61 -4.34 4.53
C ALA B 244 -31.37 -3.97 3.08
N SER B 245 -32.42 -3.97 2.27
CA SER B 245 -32.31 -3.60 0.87
C SER B 245 -33.31 -2.50 0.53
N GLY B 246 -32.85 -1.52 -0.21
CA GLY B 246 -33.68 -0.46 -0.71
C GLY B 246 -33.76 -0.64 -2.22
N SER B 247 -34.96 -0.58 -2.77
CA SER B 247 -35.15 -0.82 -4.19
C SER B 247 -36.02 0.16 -4.92
N ASP B 248 -35.89 0.17 -6.24
CA ASP B 248 -36.71 0.99 -7.11
C ASP B 248 -38.16 0.54 -7.09
N ASP B 249 -38.43 -0.70 -6.66
CA ASP B 249 -39.79 -1.18 -6.47
C ASP B 249 -40.53 -0.51 -5.33
N ARG B 250 -39.89 0.46 -4.69
CA ARG B 250 -40.50 1.30 -3.63
C ARG B 250 -40.49 0.67 -2.23
N THR B 251 -39.92 -0.51 -2.08
CA THR B 251 -39.94 -1.21 -0.83
C THR B 251 -38.53 -1.25 -0.20
N ILE B 252 -38.49 -1.61 1.06
CA ILE B 252 -37.30 -1.99 1.76
C ILE B 252 -37.53 -3.40 2.28
N ARG B 253 -36.56 -4.27 2.11
CA ARG B 253 -36.67 -5.64 2.60
C ARG B 253 -35.61 -5.93 3.64
N LEU B 254 -35.98 -6.73 4.62
CA LEU B 254 -35.08 -7.21 5.63
C LEU B 254 -34.91 -8.67 5.41
N TRP B 255 -33.67 -9.14 5.47
CA TRP B 255 -33.36 -10.55 5.29
C TRP B 255 -32.64 -11.06 6.49
N ASP B 256 -32.90 -12.33 6.85
CA ASP B 256 -32.11 -13.01 7.89
C ASP B 256 -30.90 -13.60 7.27
N VAL B 257 -29.75 -13.20 7.76
CA VAL B 257 -28.50 -13.55 7.10
C VAL B 257 -28.21 -15.02 7.25
N ALA B 258 -28.30 -15.56 8.45
CA ALA B 258 -27.95 -16.98 8.67
C ALA B 258 -28.93 -17.94 8.01
N ALA B 259 -30.22 -17.68 8.15
CA ALA B 259 -31.24 -18.51 7.53
C ALA B 259 -31.40 -18.26 6.05
N GLN B 260 -30.98 -17.09 5.56
CA GLN B 260 -31.13 -16.75 4.15
C GLN B 260 -32.61 -16.63 3.69
N GLU B 261 -33.43 -16.20 4.63
CA GLU B 261 -34.85 -16.03 4.39
C GLU B 261 -35.32 -14.62 4.61
N GLU B 262 -36.44 -14.33 3.97
CA GLU B 262 -37.10 -13.04 4.09
C GLU B 262 -37.51 -12.85 5.53
N HIS B 263 -37.22 -11.67 6.05
CA HIS B 263 -37.64 -11.34 7.38
C HIS B 263 -38.88 -10.47 7.35
N THR B 264 -38.88 -9.42 6.53
CA THR B 264 -40.08 -8.61 6.37
C THR B 264 -39.94 -7.61 5.21
N THR B 265 -41.06 -6.97 4.85
CA THR B 265 -41.11 -5.99 3.79
C THR B 265 -41.68 -4.69 4.29
N LEU B 266 -40.94 -3.61 4.08
CA LEU B 266 -41.38 -2.31 4.54
C LEU B 266 -41.94 -1.47 3.37
N GLU B 267 -43.25 -1.22 3.47
CA GLU B 267 -44.02 -0.59 2.41
C GLU B 267 -44.48 0.78 2.88
N GLY B 268 -44.65 1.71 1.95
CA GLY B 268 -45.06 3.04 2.32
C GLY B 268 -44.55 4.06 1.38
N HIS B 269 -43.33 3.84 0.93
CA HIS B 269 -42.74 4.73 -0.03
C HIS B 269 -43.44 4.66 -1.35
N THR B 270 -43.60 5.83 -1.95
CA THR B 270 -44.38 5.94 -3.14
C THR B 270 -43.49 6.03 -4.36
N GLU B 271 -42.17 6.00 -4.13
CA GLU B 271 -41.18 6.09 -5.14
C GLU B 271 -39.95 5.29 -4.79
N PRO B 272 -38.95 5.26 -5.68
CA PRO B 272 -37.78 4.45 -5.41
C PRO B 272 -36.97 4.81 -4.16
N VAL B 273 -36.52 3.78 -3.46
CA VAL B 273 -35.74 3.92 -2.25
C VAL B 273 -34.26 3.87 -2.63
N HIS B 274 -33.56 4.99 -2.44
CA HIS B 274 -32.16 5.11 -2.90
C HIS B 274 -31.13 4.80 -1.83
N SER B 275 -31.49 4.93 -0.55
CA SER B 275 -30.53 4.66 0.51
C SER B 275 -31.19 4.19 1.74
N VAL B 276 -30.51 3.32 2.48
CA VAL B 276 -31.00 2.81 3.75
C VAL B 276 -29.85 2.80 4.73
N ALA B 277 -30.15 2.97 6.02
CA ALA B 277 -29.09 3.00 7.03
C ALA B 277 -29.67 2.61 8.36
N PHE B 278 -28.90 1.80 9.10
CA PHE B 278 -29.34 1.28 10.39
C PHE B 278 -28.96 2.25 11.49
N HIS B 279 -29.78 2.37 12.52
CA HIS B 279 -29.36 3.08 13.74
C HIS B 279 -28.34 2.19 14.44
N PRO B 280 -27.37 2.77 15.14
CA PRO B 280 -26.28 1.91 15.68
C PRO B 280 -26.74 0.91 16.69
N GLU B 281 -27.85 1.19 17.37
CA GLU B 281 -28.52 0.23 18.25
C GLU B 281 -29.27 -0.92 17.56
N GLY B 282 -29.49 -0.79 16.25
CA GLY B 282 -30.08 -1.88 15.49
C GLY B 282 -31.59 -2.00 15.53
N THR B 283 -32.25 -1.16 16.33
CA THR B 283 -33.72 -1.15 16.45
C THR B 283 -34.44 -0.34 15.41
N THR B 284 -33.75 0.54 14.72
CA THR B 284 -34.36 1.45 13.81
C THR B 284 -33.60 1.44 12.49
N LEU B 285 -34.33 1.69 11.41
CA LEU B 285 -33.77 1.82 10.09
C LEU B 285 -34.26 3.10 9.44
N ALA B 286 -33.43 3.78 8.68
CA ALA B 286 -33.84 4.99 7.94
C ALA B 286 -33.71 4.68 6.45
N SER B 287 -34.67 5.18 5.67
CA SER B 287 -34.65 5.10 4.22
C SER B 287 -34.83 6.47 3.65
N ALA B 288 -34.31 6.66 2.44
CA ALA B 288 -34.54 7.85 1.67
C ALA B 288 -35.04 7.48 0.29
N SER B 289 -35.92 8.31 -0.24
CA SER B 289 -36.66 8.01 -1.41
C SER B 289 -36.80 9.21 -2.32
N GLU B 290 -37.10 8.90 -3.58
CA GLU B 290 -37.39 9.93 -4.56
C GLU B 290 -38.67 10.67 -4.26
N ASP B 291 -39.53 10.09 -3.45
CA ASP B 291 -40.75 10.79 -3.02
C ASP B 291 -40.49 11.98 -2.14
N GLY B 292 -39.23 12.26 -1.82
CA GLY B 292 -38.87 13.42 -1.04
C GLY B 292 -39.12 13.22 0.41
N THR B 293 -39.04 11.99 0.89
CA THR B 293 -39.20 11.70 2.28
C THR B 293 -38.03 10.83 2.77
N ILE B 294 -37.70 10.98 4.06
CA ILE B 294 -36.88 10.06 4.76
C ILE B 294 -37.77 9.48 5.81
N ARG B 295 -37.73 8.16 5.91
CA ARG B 295 -38.55 7.44 6.85
C ARG B 295 -37.71 6.64 7.82
N ILE B 296 -38.12 6.62 9.09
CA ILE B 296 -37.44 5.95 10.14
C ILE B 296 -38.39 4.86 10.59
N TRP B 297 -37.95 3.59 10.54
CA TRP B 297 -38.79 2.44 10.84
C TRP B 297 -38.17 1.71 12.00
N PRO B 298 -39.00 1.17 12.91
CA PRO B 298 -38.39 0.37 13.96
C PRO B 298 -38.41 -1.08 13.58
N GLU C 9 8.14 -12.23 -0.23
CA GLU C 9 8.66 -12.44 -1.60
C GLU C 9 10.11 -11.95 -1.74
N LEU C 10 10.30 -10.68 -1.34
CA LEU C 10 11.48 -9.79 -1.24
C LEU C 10 11.62 -8.88 -2.46
N ASN C 11 10.67 -8.94 -3.39
CA ASN C 11 10.73 -8.15 -4.65
C ASN C 11 10.50 -6.67 -4.36
N GLU C 12 11.06 -5.73 -5.12
CA GLU C 12 10.72 -4.32 -4.78
C GLU C 12 9.67 -3.77 -5.72
N PRO C 13 8.39 -3.24 -5.30
CA PRO C 13 7.05 -2.43 -5.94
C PRO C 13 7.46 -1.03 -6.39
N ARG C 14 8.32 -0.35 -5.65
CA ARG C 14 8.67 1.02 -6.09
C ARG C 14 10.01 1.47 -5.52
N ILE C 15 10.51 2.56 -6.09
CA ILE C 15 11.71 3.26 -5.69
C ILE C 15 11.45 4.75 -5.68
N LEU C 16 11.92 5.42 -4.65
CA LEU C 16 11.77 6.85 -4.54
C LEU C 16 13.17 7.44 -4.65
N THR C 17 13.25 8.66 -5.14
CA THR C 17 14.50 9.30 -5.30
C THR C 17 14.50 10.60 -4.63
N THR C 18 15.46 10.73 -3.74
CA THR C 18 15.64 11.93 -2.92
C THR C 18 16.95 12.68 -3.25
N ASP C 19 18.04 11.99 -3.50
CA ASP C 19 19.34 12.62 -3.93
C ASP C 19 20.22 13.19 -2.86
N ARG C 20 20.09 12.59 -1.72
CA ARG C 20 20.96 12.90 -0.60
C ARG C 20 20.89 11.72 0.29
N GLU C 21 21.39 11.87 1.49
CA GLU C 21 21.37 10.75 2.43
C GLU C 21 20.00 10.61 3.07
N ALA C 22 19.39 9.43 2.96
CA ALA C 22 18.11 9.23 3.59
C ALA C 22 18.47 8.37 4.78
N VAL C 23 18.46 8.98 5.95
CA VAL C 23 18.90 8.33 7.16
C VAL C 23 17.80 7.96 8.13
N ALA C 24 16.55 8.28 7.84
CA ALA C 24 15.45 7.88 8.74
C ALA C 24 14.16 7.71 7.92
N VAL C 25 13.35 6.72 8.29
CA VAL C 25 12.07 6.52 7.67
C VAL C 25 11.03 6.11 8.74
N ALA C 26 9.77 6.47 8.51
CA ALA C 26 8.66 5.88 9.27
C ALA C 26 7.37 5.97 8.43
N PHE C 27 6.53 4.97 8.62
CA PHE C 27 5.22 4.94 8.03
C PHE C 27 4.22 5.67 8.94
N SER C 28 3.26 6.33 8.30
CA SER C 28 2.07 6.80 8.99
C SER C 28 1.33 5.60 9.57
N PRO C 29 0.57 5.82 10.67
CA PRO C 29 -0.18 4.72 11.27
C PRO C 29 -1.18 4.11 10.34
N GLY C 30 -1.79 4.90 9.45
CA GLY C 30 -2.75 4.37 8.45
C GLY C 30 -2.07 3.57 7.34
N GLY C 31 -0.79 3.79 7.12
CA GLY C 31 -0.03 3.10 6.07
C GLY C 31 0.13 3.84 4.74
N SER C 32 -0.59 4.92 4.57
CA SER C 32 -0.68 5.64 3.30
C SER C 32 0.45 6.63 3.07
N LEU C 33 1.16 7.06 4.10
CA LEU C 33 2.19 8.11 4.01
C LEU C 33 3.54 7.56 4.52
N LEU C 34 4.60 8.19 4.06
CA LEU C 34 5.94 7.86 4.51
C LEU C 34 6.66 9.14 4.85
N ALA C 35 7.30 9.19 6.02
CA ALA C 35 8.19 10.32 6.39
C ALA C 35 9.67 9.91 6.17
N GLY C 36 10.47 10.80 5.61
CA GLY C 36 11.88 10.57 5.37
C GLY C 36 12.70 11.67 6.02
N GLY C 37 13.70 11.25 6.77
CA GLY C 37 14.66 12.14 7.34
C GLY C 37 15.87 12.15 6.44
N SER C 38 16.37 13.34 6.21
CA SER C 38 17.48 13.45 5.29
C SER C 38 18.71 14.17 5.80
N GLY C 39 19.81 13.95 5.08
CA GLY C 39 21.08 14.61 5.38
C GLY C 39 20.96 16.11 5.17
N ASP C 40 20.03 16.49 4.30
CA ASP C 40 19.62 17.88 4.22
C ASP C 40 18.96 18.06 5.55
N LYS C 41 18.80 19.26 6.00
CA LYS C 41 18.13 19.55 7.27
C LYS C 41 16.64 19.63 7.01
N LEU C 42 16.10 18.59 6.40
CA LEU C 42 14.68 18.57 6.06
C LEU C 42 14.01 17.24 6.30
N ILE C 43 12.70 17.30 6.43
CA ILE C 43 11.86 16.13 6.57
C ILE C 43 10.86 16.13 5.45
N HIS C 44 10.71 14.98 4.80
CA HIS C 44 9.84 14.84 3.67
C HIS C 44 8.74 13.90 4.00
N VAL C 45 7.54 14.19 3.47
CA VAL C 45 6.42 13.31 3.63
C VAL C 45 5.93 12.88 2.21
N TRP C 46 5.83 11.57 1.97
CA TRP C 46 5.47 11.03 0.69
C TRP C 46 4.13 10.30 0.77
N ASP C 47 3.45 10.23 -0.34
CA ASP C 47 2.29 9.36 -0.47
C ASP C 47 2.78 8.02 -0.96
N VAL C 48 2.53 6.97 -0.22
CA VAL C 48 3.00 5.63 -0.58
C VAL C 48 2.39 5.13 -1.90
N ALA C 49 1.10 5.40 -2.10
CA ALA C 49 0.42 4.91 -3.27
C ALA C 49 0.91 5.60 -4.54
N SER C 50 0.90 6.91 -4.56
CA SER C 50 1.25 7.65 -5.76
C SER C 50 2.71 7.87 -5.90
N GLY C 51 3.41 7.75 -4.80
CA GLY C 51 4.80 8.13 -4.80
C GLY C 51 5.00 9.64 -4.87
N ASP C 52 3.92 10.45 -4.72
CA ASP C 52 4.03 11.88 -4.79
C ASP C 52 4.63 12.45 -3.52
N GLU C 53 5.33 13.55 -3.68
CA GLU C 53 5.91 14.24 -2.56
C GLU C 53 4.88 15.27 -2.06
N LEU C 54 4.38 15.06 -0.84
CA LEU C 54 3.27 15.88 -0.33
C LEU C 54 3.77 17.19 0.21
N HIS C 55 4.80 17.13 1.02
CA HIS C 55 5.31 18.31 1.63
C HIS C 55 6.72 18.14 2.16
N THR C 56 7.39 19.28 2.28
CA THR C 56 8.75 19.30 2.80
C THR C 56 8.83 20.25 3.99
N LEU C 57 9.33 19.73 5.11
CA LEU C 57 9.32 20.45 6.37
C LEU C 57 10.71 20.97 6.65
N GLU C 58 10.86 22.29 6.72
CA GLU C 58 12.18 22.93 6.87
C GLU C 58 12.31 23.65 8.18
N GLY C 59 13.53 23.70 8.70
CA GLY C 59 13.80 24.35 9.95
C GLY C 59 15.03 23.85 10.65
N HIS C 60 15.27 22.55 10.56
CA HIS C 60 16.47 21.96 11.12
C HIS C 60 17.70 22.58 10.46
N THR C 61 18.79 22.59 11.22
CA THR C 61 20.07 23.18 10.81
C THR C 61 21.16 22.15 10.49
N ASP C 62 20.86 20.87 10.66
CA ASP C 62 21.84 19.82 10.51
C ASP C 62 21.11 18.53 10.15
N TRP C 63 21.85 17.46 9.98
CA TRP C 63 21.28 16.16 9.60
C TRP C 63 20.10 15.74 10.48
N VAL C 64 19.05 15.22 9.83
CA VAL C 64 17.90 14.71 10.55
C VAL C 64 18.09 13.22 10.68
N ARG C 65 18.27 12.76 11.91
CA ARG C 65 18.69 11.38 12.20
C ARG C 65 17.56 10.44 12.53
N ALA C 66 16.41 10.98 12.98
CA ALA C 66 15.23 10.16 13.27
C ALA C 66 13.94 10.94 12.99
N VAL C 67 12.94 10.21 12.54
CA VAL C 67 11.58 10.75 12.35
C VAL C 67 10.55 9.76 12.88
N ALA C 68 9.45 10.28 13.42
CA ALA C 68 8.33 9.43 13.86
C ALA C 68 7.01 10.15 13.73
N PHE C 69 5.98 9.35 13.43
CA PHE C 69 4.63 9.80 13.45
C PHE C 69 4.08 9.59 14.84
N SER C 70 3.20 10.51 15.27
CA SER C 70 2.37 10.32 16.46
C SER C 70 1.47 9.11 16.23
N PRO C 71 1.09 8.39 17.28
CA PRO C 71 0.11 7.31 17.05
C PRO C 71 -1.21 7.71 16.37
N ASP C 72 -1.70 8.93 16.57
CA ASP C 72 -2.91 9.39 15.86
C ASP C 72 -2.64 9.94 14.45
N GLY C 73 -1.37 9.90 14.00
CA GLY C 73 -1.01 10.36 12.67
C GLY C 73 -1.06 11.86 12.39
N ALA C 74 -1.37 12.67 13.39
CA ALA C 74 -1.56 14.11 13.20
C ALA C 74 -0.22 14.88 13.29
N LEU C 75 0.75 14.29 13.99
CA LEU C 75 1.99 14.98 14.31
C LEU C 75 3.16 14.17 13.82
N LEU C 76 4.19 14.87 13.38
CA LEU C 76 5.48 14.25 13.12
C LEU C 76 6.53 14.81 14.07
N ALA C 77 7.36 13.93 14.60
CA ALA C 77 8.55 14.36 15.36
C ALA C 77 9.82 14.08 14.58
N SER C 78 10.83 14.94 14.70
CA SER C 78 12.12 14.74 14.05
C SER C 78 13.24 15.15 14.97
N GLY C 79 14.28 14.35 15.01
CA GLY C 79 15.48 14.53 15.84
C GLY C 79 16.66 14.85 14.89
N SER C 80 17.48 15.80 15.29
CA SER C 80 18.51 16.32 14.43
C SER C 80 19.86 16.52 15.15
N ASP C 81 20.89 16.63 14.32
CA ASP C 81 22.24 16.98 14.77
C ASP C 81 22.32 18.42 15.27
N ASP C 82 21.33 19.26 14.98
CA ASP C 82 21.25 20.61 15.57
C ASP C 82 20.89 20.63 17.05
N ALA C 83 20.65 19.44 17.62
CA ALA C 83 20.40 19.25 19.05
C ALA C 83 18.94 19.51 19.44
N THR C 84 18.05 19.55 18.46
CA THR C 84 16.65 19.81 18.71
C THR C 84 15.81 18.64 18.31
N VAL C 85 14.61 18.57 18.89
CA VAL C 85 13.55 17.72 18.36
C VAL C 85 12.46 18.70 17.89
N ARG C 86 12.00 18.55 16.66
CA ARG C 86 10.88 19.38 16.19
C ARG C 86 9.61 18.60 15.96
N LEU C 87 8.49 19.24 16.28
CA LEU C 87 7.18 18.67 16.11
C LEU C 87 6.49 19.37 14.97
N TRP C 88 5.95 18.59 14.04
CA TRP C 88 5.34 19.15 12.84
C TRP C 88 3.90 18.74 12.76
N ASP C 89 3.07 19.67 12.30
CA ASP C 89 1.71 19.41 11.93
C ASP C 89 1.74 18.74 10.56
N VAL C 90 1.11 17.57 10.46
CA VAL C 90 1.10 16.86 9.21
C VAL C 90 0.29 17.60 8.14
N ALA C 91 -0.86 18.14 8.52
CA ALA C 91 -1.63 18.95 7.59
C ALA C 91 -0.77 20.10 7.02
N ALA C 92 0.15 20.59 7.84
CA ALA C 92 1.18 21.61 7.52
C ALA C 92 0.65 22.96 7.62
N ALA C 93 -0.54 22.99 8.10
CA ALA C 93 -1.17 24.19 8.11
C ALA C 93 -0.64 24.99 9.30
N GLU C 94 -0.12 24.30 10.31
CA GLU C 94 0.29 24.97 11.53
C GLU C 94 1.70 24.65 11.96
N GLU C 95 2.52 25.67 12.20
CA GLU C 95 3.87 25.42 12.77
C GLU C 95 3.76 25.15 14.16
N ARG C 96 4.62 24.24 14.55
CA ARG C 96 4.67 23.90 15.89
C ARG C 96 6.00 24.08 16.56
N ALA C 97 5.97 23.76 17.82
CA ALA C 97 6.99 23.80 18.70
C ALA C 97 8.21 23.04 18.36
N VAL C 98 9.22 23.42 19.11
CA VAL C 98 10.48 22.83 19.04
C VAL C 98 10.99 22.51 20.42
N PHE C 99 11.62 21.34 20.60
CA PHE C 99 12.20 20.90 21.89
C PHE C 99 13.69 21.22 22.00
N GLU C 100 14.06 22.04 22.99
CA GLU C 100 15.48 22.44 23.23
C GLU C 100 15.92 21.98 24.61
N GLY C 101 17.17 21.53 24.74
CA GLY C 101 17.61 21.08 26.06
C GLY C 101 18.77 20.14 25.89
N HIS C 102 18.75 19.37 24.82
CA HIS C 102 19.86 18.44 24.52
C HIS C 102 21.11 19.26 24.20
N THR C 103 22.26 18.82 24.65
CA THR C 103 23.51 19.51 24.38
C THR C 103 24.27 18.97 23.15
N HIS C 104 23.83 17.84 22.65
CA HIS C 104 24.46 17.19 21.53
C HIS C 104 23.45 16.68 20.50
N TYR C 105 23.97 16.04 19.48
CA TYR C 105 23.16 15.49 18.43
C TYR C 105 22.07 14.56 18.99
N VAL C 106 20.84 14.70 18.48
CA VAL C 106 19.72 13.83 18.80
C VAL C 106 19.62 12.77 17.71
N LEU C 107 19.75 11.51 18.08
CA LEU C 107 19.82 10.41 17.15
C LEU C 107 18.56 9.55 17.13
N ASP C 108 17.68 9.71 18.12
CA ASP C 108 16.48 8.95 18.14
C ASP C 108 15.29 9.62 18.86
N ILE C 109 14.09 9.33 18.38
CA ILE C 109 12.85 9.84 18.96
C ILE C 109 11.77 8.75 18.90
N ALA C 110 10.88 8.74 19.89
CA ALA C 110 9.82 7.76 19.87
C ALA C 110 8.65 8.31 20.60
N PHE C 111 7.45 8.07 20.12
CA PHE C 111 6.21 8.56 20.74
C PHE C 111 5.70 7.50 21.70
N SER C 112 5.20 7.90 22.87
CA SER C 112 4.55 6.92 23.78
C SER C 112 3.17 6.54 23.14
N PRO C 113 2.72 5.30 23.42
CA PRO C 113 1.56 4.79 22.68
C PRO C 113 0.33 5.63 22.80
N ASP C 114 0.25 6.41 23.87
CA ASP C 114 -0.85 7.33 24.10
C ASP C 114 -0.72 8.67 23.37
N GLY C 115 0.45 8.98 22.85
CA GLY C 115 0.62 10.23 22.11
C GLY C 115 0.82 11.48 22.98
N SER C 116 0.96 11.28 24.30
CA SER C 116 1.14 12.39 25.26
C SER C 116 2.60 12.77 25.45
N MET C 117 3.49 11.80 25.23
CA MET C 117 4.92 12.02 25.48
C MET C 117 5.77 11.57 24.29
N VAL C 118 6.93 12.19 24.16
CA VAL C 118 7.95 11.77 23.17
C VAL C 118 9.24 11.57 23.93
N ALA C 119 9.95 10.49 23.60
CA ALA C 119 11.26 10.18 24.18
C ALA C 119 12.32 10.51 23.12
N SER C 120 13.47 11.02 23.54
CA SER C 120 14.55 11.30 22.56
C SER C 120 15.85 10.81 23.16
N GLY C 121 16.72 10.29 22.31
CA GLY C 121 18.04 9.74 22.66
C GLY C 121 19.09 10.64 22.00
N SER C 122 20.00 11.21 22.82
CA SER C 122 21.04 12.08 22.34
C SER C 122 22.46 11.63 22.69
N ARG C 123 23.41 12.16 21.93
CA ARG C 123 24.81 11.91 22.18
C ARG C 123 25.29 12.47 23.53
N ASP C 124 24.48 13.32 24.17
CA ASP C 124 24.91 13.86 25.48
C ASP C 124 24.77 12.82 26.59
N GLY C 125 24.30 11.64 26.24
CA GLY C 125 24.16 10.55 27.22
C GLY C 125 22.82 10.58 27.99
N THR C 126 21.89 11.37 27.46
CA THR C 126 20.58 11.47 28.13
C THR C 126 19.40 11.05 27.25
N ALA C 127 18.43 10.40 27.88
CA ALA C 127 17.14 10.08 27.22
C ALA C 127 16.14 11.05 27.84
N ARG C 128 15.49 11.86 27.04
CA ARG C 128 14.56 12.85 27.61
C ARG C 128 13.10 12.50 27.27
N LEU C 129 12.23 12.45 28.27
CA LEU C 129 10.79 12.17 28.06
C LEU C 129 10.03 13.49 28.09
N TRP C 130 9.70 14.05 26.93
CA TRP C 130 9.02 15.37 26.81
C TRP C 130 7.50 15.23 26.81
N ASN C 131 6.82 16.33 27.11
CA ASN C 131 5.34 16.33 27.14
C ASN C 131 4.83 16.90 25.83
N VAL C 132 3.98 16.17 25.14
CA VAL C 132 3.48 16.65 23.87
C VAL C 132 2.34 17.67 24.08
N ALA C 133 1.33 17.29 24.85
CA ALA C 133 0.13 18.16 25.03
C ALA C 133 0.53 19.34 25.88
N THR C 134 1.30 19.06 26.91
CA THR C 134 1.76 20.01 27.89
C THR C 134 2.97 20.79 27.35
N GLY C 135 3.25 21.92 27.95
CA GLY C 135 4.44 22.66 27.60
C GLY C 135 5.49 22.59 28.68
N THR C 136 5.38 21.65 29.61
CA THR C 136 6.37 21.63 30.72
C THR C 136 7.71 21.00 30.32
N GLU C 137 8.68 21.04 31.23
CA GLU C 137 10.02 20.43 31.06
C GLU C 137 9.88 18.90 31.24
N HIS C 138 10.87 18.16 30.83
CA HIS C 138 10.75 16.70 30.77
C HIS C 138 11.72 15.99 31.71
N ALA C 139 11.45 14.71 31.93
CA ALA C 139 12.26 13.84 32.77
C ALA C 139 13.56 13.50 32.04
N VAL C 140 14.61 13.34 32.81
CA VAL C 140 15.91 13.02 32.29
C VAL C 140 16.26 11.64 32.74
N LEU C 141 16.66 10.81 31.79
CA LEU C 141 17.21 9.51 32.03
C LEU C 141 18.65 9.60 31.60
N LYS C 142 19.50 8.95 32.37
CA LYS C 142 20.89 9.02 32.13
C LYS C 142 21.48 7.72 31.62
N GLY C 143 22.25 7.83 30.56
CA GLY C 143 22.83 6.66 29.98
C GLY C 143 24.25 6.61 30.40
N HIS C 144 24.68 5.40 30.44
CA HIS C 144 25.76 5.06 31.25
C HIS C 144 27.03 5.56 30.67
N THR C 145 27.28 6.83 30.89
CA THR C 145 28.50 7.48 30.52
C THR C 145 28.73 7.40 29.06
N ASP C 146 27.74 6.91 28.32
CA ASP C 146 27.93 6.87 26.90
C ASP C 146 26.69 7.36 26.23
N TYR C 147 26.89 7.81 25.02
CA TYR C 147 25.85 8.31 24.17
C TYR C 147 24.70 7.33 24.05
N VAL C 148 23.52 7.88 23.87
CA VAL C 148 22.33 7.08 23.66
C VAL C 148 21.96 7.23 22.22
N TYR C 149 21.87 6.12 21.50
CA TYR C 149 21.64 6.20 20.07
C TYR C 149 20.22 5.83 19.72
N ALA C 150 19.56 5.09 20.62
CA ALA C 150 18.28 4.52 20.27
C ALA C 150 17.30 4.45 21.43
N VAL C 151 16.02 4.62 21.18
CA VAL C 151 14.98 4.64 22.18
C VAL C 151 13.69 4.07 21.63
N ALA C 152 12.93 3.35 22.43
CA ALA C 152 11.64 2.79 22.00
C ALA C 152 10.74 2.57 23.23
N PHE C 153 9.45 2.89 23.05
CA PHE C 153 8.46 2.54 24.07
C PHE C 153 7.96 1.16 23.82
N SER C 154 7.65 0.43 24.86
CA SER C 154 6.94 -0.84 24.75
C SER C 154 5.51 -0.56 24.25
N PRO C 155 4.86 -1.50 23.60
CA PRO C 155 3.54 -1.23 23.03
C PRO C 155 2.50 -0.81 24.08
N ASP C 156 2.56 -1.44 25.24
CA ASP C 156 1.76 -1.07 26.39
C ASP C 156 2.11 0.29 27.01
N GLY C 157 3.24 0.90 26.61
CA GLY C 157 3.69 2.19 27.16
C GLY C 157 4.27 2.20 28.57
N SER C 158 4.36 1.03 29.21
CA SER C 158 4.93 0.93 30.54
C SER C 158 6.46 0.92 30.56
N MET C 159 7.10 0.50 29.50
CA MET C 159 8.57 0.41 29.46
C MET C 159 9.15 1.28 28.36
N VAL C 160 10.30 1.88 28.63
CA VAL C 160 11.09 2.55 27.57
C VAL C 160 12.47 1.90 27.56
N ALA C 161 12.99 1.66 26.36
CA ALA C 161 14.28 1.01 26.17
C ALA C 161 15.18 1.98 25.48
N SER C 162 16.48 1.95 25.83
CA SER C 162 17.50 2.79 25.21
C SER C 162 18.74 1.98 24.86
N GLY C 163 19.30 2.31 23.70
CA GLY C 163 20.47 1.68 23.15
C GLY C 163 21.59 2.69 23.24
N SER C 164 22.70 2.25 23.82
CA SER C 164 23.84 3.13 24.01
C SER C 164 25.18 2.58 23.56
N ARG C 165 26.16 3.47 23.58
CA ARG C 165 27.53 3.15 23.22
C ARG C 165 28.24 2.25 24.23
N ASP C 166 27.63 2.09 25.39
CA ASP C 166 28.11 1.21 26.41
C ASP C 166 27.82 -0.25 26.10
N GLY C 167 27.19 -0.51 24.95
CA GLY C 167 26.96 -1.86 24.47
C GLY C 167 25.86 -2.55 25.26
N THR C 168 25.00 -1.77 25.87
CA THR C 168 23.94 -2.29 26.67
C THR C 168 22.65 -1.67 26.20
N ILE C 169 21.58 -2.40 26.49
CA ILE C 169 20.27 -1.89 26.27
C ILE C 169 19.69 -1.73 27.64
N ARG C 170 19.10 -0.57 27.83
CA ARG C 170 18.53 -0.20 29.10
C ARG C 170 16.97 -0.12 29.06
N LEU C 171 16.36 -0.60 30.14
CA LEU C 171 14.93 -0.59 30.29
C LEU C 171 14.63 0.22 31.51
N TRP C 172 13.71 1.16 31.32
CA TRP C 172 13.17 1.90 32.37
C TRP C 172 11.67 1.64 32.49
N ASP C 173 11.19 1.76 33.72
CA ASP C 173 9.76 1.86 33.97
C ASP C 173 9.40 3.34 33.73
N VAL C 174 8.49 3.58 32.80
CA VAL C 174 8.10 4.92 32.39
C VAL C 174 7.45 5.65 33.54
N ALA C 175 6.57 5.00 34.29
CA ALA C 175 5.85 5.68 35.34
C ALA C 175 6.74 6.20 36.46
N THR C 176 7.71 5.41 36.87
CA THR C 176 8.58 5.83 37.97
C THR C 176 9.95 6.29 37.56
N GLY C 177 10.30 6.23 36.28
CA GLY C 177 11.68 6.60 35.85
C GLY C 177 12.78 5.70 36.39
N LYS C 178 12.35 4.54 36.83
CA LYS C 178 13.16 3.52 37.47
C LYS C 178 13.79 2.57 36.48
N GLU C 179 15.06 2.22 36.68
CA GLU C 179 15.72 1.32 35.75
C GLU C 179 15.46 -0.13 36.12
N ARG C 180 14.57 -0.75 35.35
CA ARG C 180 14.13 -2.13 35.50
C ARG C 180 15.13 -3.25 35.18
N ASP C 181 15.87 -3.12 34.09
CA ASP C 181 16.82 -4.18 33.69
C ASP C 181 17.92 -3.65 32.80
N VAL C 182 18.99 -4.41 32.66
CA VAL C 182 20.10 -4.02 31.79
C VAL C 182 20.35 -5.21 30.90
N LEU C 183 20.42 -4.99 29.61
CA LEU C 183 20.62 -6.10 28.68
C LEU C 183 22.01 -6.02 28.14
N GLN C 184 22.80 -7.07 28.37
CA GLN C 184 24.20 -7.12 28.03
C GLN C 184 24.44 -8.30 27.09
N ALA C 185 25.49 -8.18 26.28
CA ALA C 185 25.90 -9.16 25.24
C ALA C 185 26.52 -8.59 24.03
N PRO C 186 25.99 -7.53 23.51
CA PRO C 186 26.66 -6.96 22.40
C PRO C 186 28.04 -6.51 22.68
N ALA C 187 28.92 -6.85 21.75
CA ALA C 187 30.31 -6.51 21.82
C ALA C 187 30.50 -5.07 21.36
N GLU C 188 29.43 -4.33 21.03
CA GLU C 188 29.60 -2.97 20.60
C GLU C 188 28.42 -2.00 20.73
N ASN C 189 28.52 -0.79 20.21
CA ASN C 189 27.49 0.23 20.29
C ASN C 189 26.17 -0.30 19.79
N VAL C 190 25.12 -0.17 20.60
CA VAL C 190 23.81 -0.62 20.19
C VAL C 190 23.23 0.58 19.46
N VAL C 191 22.86 0.38 18.21
CA VAL C 191 22.47 1.48 17.37
C VAL C 191 20.94 1.57 17.22
N SER C 192 20.21 0.44 17.37
CA SER C 192 18.80 0.48 17.26
C SER C 192 18.06 -0.49 18.19
N LEU C 193 16.80 -0.20 18.45
CA LEU C 193 16.03 -1.12 19.28
C LEU C 193 14.54 -1.11 18.89
N ALA C 194 13.88 -2.23 19.06
CA ALA C 194 12.48 -2.33 18.67
C ALA C 194 11.78 -3.39 19.49
N PHE C 195 10.61 -3.05 19.98
CA PHE C 195 9.86 -3.94 20.81
C PHE C 195 8.99 -4.84 19.92
N SER C 196 8.80 -6.08 20.36
CA SER C 196 7.84 -6.95 19.67
C SER C 196 6.40 -6.48 19.98
N PRO C 197 5.45 -6.75 19.07
CA PRO C 197 4.10 -6.20 19.33
C PRO C 197 3.46 -6.74 20.60
N ASP C 198 3.82 -7.95 20.92
CA ASP C 198 3.56 -8.62 22.20
C ASP C 198 4.15 -7.90 23.40
N GLY C 199 5.26 -7.21 23.19
CA GLY C 199 6.01 -6.54 24.25
C GLY C 199 6.95 -7.49 25.01
N SER C 200 6.93 -8.75 24.63
CA SER C 200 7.64 -9.83 25.27
C SER C 200 9.12 -9.89 24.92
N MET C 201 9.43 -9.44 23.71
CA MET C 201 10.79 -9.44 23.25
C MET C 201 11.23 -8.08 22.82
N LEU C 202 12.54 -7.95 22.74
CA LEU C 202 13.17 -6.77 22.22
C LEU C 202 14.18 -7.20 21.17
N VAL C 203 14.34 -6.37 20.15
CA VAL C 203 15.32 -6.56 19.09
C VAL C 203 16.38 -5.48 19.11
N HIS C 204 17.64 -5.90 18.95
CA HIS C 204 18.83 -5.04 19.08
C HIS C 204 19.55 -5.08 17.73
N GLY C 205 19.98 -3.91 17.28
CA GLY C 205 20.87 -3.81 16.17
C GLY C 205 22.14 -3.17 16.68
N SER C 206 23.28 -3.75 16.33
CA SER C 206 24.58 -3.26 16.78
C SER C 206 25.63 -3.31 15.67
N ASP C 207 26.90 -3.39 16.07
CA ASP C 207 27.98 -3.61 15.13
C ASP C 207 28.12 -5.12 14.72
N SER C 208 27.37 -5.41 13.66
CA SER C 208 27.36 -6.62 12.87
C SER C 208 26.27 -7.62 13.20
N THR C 209 25.56 -7.36 14.26
CA THR C 209 24.66 -8.34 14.82
C THR C 209 23.27 -7.81 15.22
N VAL C 210 22.31 -8.73 15.18
CA VAL C 210 20.95 -8.51 15.57
C VAL C 210 20.66 -9.49 16.72
N HIS C 211 20.24 -8.96 17.84
CA HIS C 211 20.01 -9.72 19.05
C HIS C 211 18.49 -9.71 19.37
N LEU C 212 18.04 -10.80 19.97
CA LEU C 212 16.71 -10.93 20.48
C LEU C 212 16.75 -11.12 21.95
N TRP C 213 15.94 -10.37 22.69
CA TRP C 213 15.96 -10.46 24.14
C TRP C 213 14.62 -10.81 24.69
N ASP C 214 14.60 -11.54 25.79
CA ASP C 214 13.40 -11.73 26.59
C ASP C 214 13.31 -10.56 27.58
N VAL C 215 12.30 -9.72 27.43
CA VAL C 215 12.19 -8.49 28.19
C VAL C 215 12.01 -8.77 29.69
N ALA C 216 11.07 -9.65 30.02
CA ALA C 216 10.75 -9.95 31.43
C ALA C 216 11.97 -10.51 32.19
N SER C 217 12.67 -11.45 31.56
CA SER C 217 13.80 -12.10 32.16
C SER C 217 15.12 -11.40 31.91
N GLY C 218 15.15 -10.42 31.02
CA GLY C 218 16.38 -9.71 30.73
C GLY C 218 17.50 -10.61 30.19
N GLU C 219 17.11 -11.64 29.45
CA GLU C 219 18.04 -12.60 28.87
C GLU C 219 18.07 -12.47 27.38
N ALA C 220 19.20 -12.82 26.78
CA ALA C 220 19.34 -12.97 25.34
C ALA C 220 18.71 -14.30 24.90
N LEU C 221 17.81 -14.23 23.90
CA LEU C 221 17.22 -15.41 23.28
C LEU C 221 17.98 -15.92 22.10
N HIS C 222 18.52 -15.01 21.33
CA HIS C 222 19.22 -15.35 20.09
C HIS C 222 20.11 -14.28 19.56
N THR C 223 21.01 -14.67 18.66
CA THR C 223 21.86 -13.75 17.94
C THR C 223 21.73 -14.06 16.45
N PHE C 224 21.42 -13.05 15.63
CA PHE C 224 21.32 -13.25 14.18
C PHE C 224 22.60 -12.77 13.52
N GLU C 225 23.31 -13.66 12.85
CA GLU C 225 24.55 -13.32 12.17
C GLU C 225 24.36 -13.36 10.68
N GLY C 226 25.05 -12.47 9.97
CA GLY C 226 24.87 -12.40 8.51
C GLY C 226 25.24 -11.09 7.90
N HIS C 227 25.02 -10.01 8.62
CA HIS C 227 25.54 -8.73 8.22
C HIS C 227 27.07 -8.71 8.37
N THR C 228 27.73 -8.03 7.44
CA THR C 228 29.21 -7.93 7.43
C THR C 228 29.75 -6.59 7.87
N ASP C 229 28.87 -5.74 8.35
CA ASP C 229 29.23 -4.39 8.78
C ASP C 229 28.15 -3.91 9.77
N TRP C 230 28.24 -2.68 10.23
CA TRP C 230 27.33 -2.22 11.30
C TRP C 230 25.87 -2.26 10.89
N VAL C 231 25.03 -2.73 11.79
CA VAL C 231 23.59 -2.71 11.69
C VAL C 231 23.11 -1.40 12.27
N ARG C 232 22.49 -0.60 11.42
CA ARG C 232 22.03 0.73 11.76
C ARG C 232 20.58 0.86 12.12
N ALA C 233 19.75 -0.08 11.71
CA ALA C 233 18.33 0.01 12.06
C ALA C 233 17.69 -1.36 12.22
N VAL C 234 16.67 -1.45 13.05
CA VAL C 234 15.92 -2.68 13.18
C VAL C 234 14.44 -2.32 13.25
N ALA C 235 13.60 -3.28 12.88
CA ALA C 235 12.16 -3.09 12.93
C ALA C 235 11.54 -4.45 13.18
N PHE C 236 10.53 -4.48 14.04
CA PHE C 236 9.80 -5.71 14.34
C PHE C 236 8.52 -5.71 13.49
N SER C 237 8.23 -6.86 12.86
CA SER C 237 7.02 -6.98 12.06
C SER C 237 5.79 -6.93 12.96
N PRO C 238 4.67 -6.35 12.41
CA PRO C 238 3.45 -6.35 13.26
C PRO C 238 2.99 -7.72 13.76
N ASP C 239 3.12 -8.77 12.99
CA ASP C 239 2.73 -10.09 13.49
C ASP C 239 3.76 -10.72 14.43
N GLY C 240 4.95 -10.14 14.52
CA GLY C 240 5.98 -10.65 15.40
C GLY C 240 6.77 -11.79 14.79
N ALA C 241 6.44 -12.15 13.58
CA ALA C 241 7.11 -13.21 12.84
C ALA C 241 8.52 -12.86 12.34
N LEU C 242 8.67 -11.63 11.89
CA LEU C 242 9.86 -11.19 11.21
C LEU C 242 10.54 -9.99 11.82
N LEU C 243 11.78 -9.81 11.44
CA LEU C 243 12.60 -8.74 11.90
C LEU C 243 13.35 -8.12 10.75
N ALA C 244 13.39 -6.80 10.69
CA ALA C 244 14.08 -6.12 9.62
C ALA C 244 15.34 -5.38 10.08
N SER C 245 16.41 -5.53 9.31
CA SER C 245 17.67 -4.88 9.64
C SER C 245 18.24 -4.13 8.48
N GLY C 246 18.82 -2.99 8.76
CA GLY C 246 19.56 -2.20 7.75
C GLY C 246 20.99 -2.06 8.16
N SER C 247 21.92 -2.17 7.23
CA SER C 247 23.35 -2.22 7.54
C SER C 247 24.22 -1.37 6.65
N ASP C 248 25.47 -1.18 7.09
CA ASP C 248 26.47 -0.47 6.32
C ASP C 248 26.98 -1.32 5.19
N ASP C 249 26.80 -2.63 5.29
CA ASP C 249 27.14 -3.52 4.17
C ASP C 249 26.23 -3.36 2.95
N ARG C 250 25.28 -2.42 3.01
CA ARG C 250 24.42 -2.01 1.89
C ARG C 250 23.25 -2.93 1.63
N THR C 251 23.03 -3.87 2.53
CA THR C 251 21.92 -4.74 2.42
C THR C 251 20.90 -4.48 3.50
N ILE C 252 19.73 -5.08 3.34
CA ILE C 252 18.71 -5.05 4.37
C ILE C 252 18.30 -6.44 4.45
N ARG C 253 18.05 -6.89 5.67
CA ARG C 253 17.66 -8.25 5.85
C ARG C 253 16.37 -8.42 6.59
N LEU C 254 15.70 -9.52 6.32
CA LEU C 254 14.49 -9.92 6.99
C LEU C 254 14.85 -11.20 7.67
N TRP C 255 14.59 -11.29 8.97
CA TRP C 255 14.88 -12.50 9.70
C TRP C 255 13.63 -13.16 10.25
N ASP C 256 13.60 -14.49 10.21
CA ASP C 256 12.57 -15.26 10.85
C ASP C 256 12.92 -15.27 12.34
N VAL C 257 11.99 -14.82 13.15
CA VAL C 257 12.22 -14.73 14.57
C VAL C 257 12.49 -16.07 15.23
N ALA C 258 11.70 -17.07 14.90
CA ALA C 258 11.83 -18.37 15.52
C ALA C 258 13.17 -19.05 15.26
N ALA C 259 13.56 -19.10 14.02
CA ALA C 259 14.69 -19.86 13.61
C ALA C 259 15.91 -19.00 13.44
N GLN C 260 15.73 -17.70 13.34
CA GLN C 260 16.88 -16.84 13.20
C GLN C 260 17.49 -16.91 11.74
N GLU C 261 16.65 -17.34 10.82
CA GLU C 261 17.00 -17.58 9.42
C GLU C 261 16.86 -16.31 8.59
N GLU C 262 17.64 -16.22 7.52
CA GLU C 262 17.62 -15.07 6.64
C GLU C 262 16.48 -15.28 5.71
N HIS C 263 15.32 -14.82 6.12
CA HIS C 263 14.12 -15.00 5.36
C HIS C 263 14.33 -14.34 4.02
N THR C 264 15.14 -13.30 4.00
CA THR C 264 15.40 -12.61 2.76
C THR C 264 16.46 -11.50 2.86
N THR C 265 17.17 -11.30 1.76
CA THR C 265 18.20 -10.28 1.69
C THR C 265 17.78 -9.36 0.59
N LEU C 266 17.64 -8.09 0.88
CA LEU C 266 17.21 -7.15 -0.15
C LEU C 266 18.41 -6.39 -0.70
N GLU C 267 18.72 -6.71 -1.95
CA GLU C 267 19.92 -6.25 -2.62
C GLU C 267 19.81 -5.17 -3.66
N GLY C 268 18.97 -4.19 -3.48
CA GLY C 268 18.86 -3.09 -4.42
C GLY C 268 19.83 -1.96 -4.18
N HIS C 269 20.16 -1.74 -2.94
CA HIS C 269 20.93 -0.57 -2.59
C HIS C 269 22.36 -0.74 -2.93
N THR C 270 23.00 0.37 -3.25
CA THR C 270 24.41 0.39 -3.59
C THR C 270 25.24 0.98 -2.48
N GLU C 271 24.58 1.47 -1.44
CA GLU C 271 25.25 2.19 -0.36
C GLU C 271 24.66 1.89 0.96
N PRO C 272 25.27 2.29 2.09
CA PRO C 272 24.72 1.86 3.36
C PRO C 272 23.24 2.13 3.53
N VAL C 273 22.58 1.20 4.20
CA VAL C 273 21.19 1.31 4.49
C VAL C 273 21.12 1.83 5.92
N HIS C 274 20.57 3.01 6.08
CA HIS C 274 20.47 3.67 7.39
C HIS C 274 19.20 3.38 8.13
N SER C 275 18.12 3.06 7.44
CA SER C 275 16.81 2.88 8.11
C SER C 275 15.93 1.86 7.39
N VAL C 276 15.12 1.16 8.17
CA VAL C 276 14.12 0.24 7.65
C VAL C 276 12.86 0.43 8.48
N ALA C 277 11.72 0.20 7.86
CA ALA C 277 10.44 0.32 8.58
C ALA C 277 9.39 -0.56 7.94
N PHE C 278 8.63 -1.27 8.76
CA PHE C 278 7.51 -2.06 8.28
C PHE C 278 6.27 -1.19 8.06
N HIS C 279 5.48 -1.51 7.06
CA HIS C 279 4.14 -0.98 6.87
C HIS C 279 3.30 -1.51 8.08
N PRO C 280 2.30 -0.74 8.53
CA PRO C 280 1.45 -1.22 9.63
C PRO C 280 0.74 -2.55 9.39
N GLU C 281 0.41 -2.85 8.14
CA GLU C 281 -0.25 -4.13 7.78
C GLU C 281 0.78 -5.27 7.71
N GLY C 282 2.06 -4.92 7.68
CA GLY C 282 3.20 -5.86 7.69
C GLY C 282 3.53 -6.42 6.32
N THR C 283 2.81 -6.01 5.29
CA THR C 283 3.00 -6.46 3.90
C THR C 283 4.28 -5.94 3.27
N THR C 284 4.67 -4.69 3.54
CA THR C 284 5.86 -4.12 2.89
C THR C 284 6.81 -3.48 3.90
N LEU C 285 8.08 -3.39 3.54
CA LEU C 285 9.03 -2.64 4.38
C LEU C 285 9.73 -1.61 3.51
N ALA C 286 10.09 -0.49 4.10
CA ALA C 286 10.79 0.53 3.38
C ALA C 286 12.23 0.61 3.89
N SER C 287 13.18 0.76 2.98
CA SER C 287 14.59 0.93 3.30
C SER C 287 15.12 2.24 2.72
N ALA C 288 16.02 2.89 3.46
CA ALA C 288 16.57 4.18 3.08
C ALA C 288 18.05 4.10 3.12
N SER C 289 18.71 4.75 2.17
CA SER C 289 20.10 4.51 1.94
C SER C 289 20.89 5.77 1.60
N GLU C 290 22.19 5.66 1.75
CA GLU C 290 23.10 6.74 1.42
C GLU C 290 23.14 6.99 -0.08
N ASP C 291 22.73 6.01 -0.86
CA ASP C 291 22.61 6.21 -2.28
C ASP C 291 21.47 7.13 -2.67
N GLY C 292 20.78 7.72 -1.71
CA GLY C 292 19.72 8.69 -1.98
C GLY C 292 18.47 8.10 -2.57
N THR C 293 18.15 6.89 -2.15
CA THR C 293 16.94 6.30 -2.56
C THR C 293 16.16 5.70 -1.39
N ILE C 294 14.84 5.68 -1.50
CA ILE C 294 14.00 4.88 -0.60
C ILE C 294 13.41 3.77 -1.43
N ARG C 295 13.61 2.55 -0.97
CA ARG C 295 13.08 1.40 -1.71
C ARG C 295 12.00 0.74 -0.88
N ILE C 296 10.87 0.44 -1.51
CA ILE C 296 9.77 -0.26 -0.77
C ILE C 296 9.65 -1.69 -1.30
N TRP C 297 9.57 -2.66 -0.39
CA TRP C 297 9.54 -4.10 -0.76
C TRP C 297 8.41 -4.83 -0.04
N PRO C 298 7.95 -5.97 -0.56
CA PRO C 298 7.01 -6.83 0.13
C PRO C 298 7.81 -8.00 0.70
N GLU D 9 47.82 37.63 23.08
CA GLU D 9 46.92 36.43 23.09
C GLU D 9 45.52 36.60 22.46
N LEU D 10 45.43 37.53 21.55
CA LEU D 10 44.17 37.90 21.06
C LEU D 10 43.85 37.01 19.95
N ASN D 11 43.13 37.53 18.98
CA ASN D 11 42.80 36.75 17.85
C ASN D 11 42.33 37.63 16.78
N GLU D 12 42.70 37.34 15.55
CA GLU D 12 42.27 38.31 14.58
C GLU D 12 41.20 38.04 13.64
N PRO D 13 41.32 36.91 12.89
CA PRO D 13 40.29 36.73 11.99
C PRO D 13 39.68 35.40 12.07
N ARG D 14 38.51 35.37 11.52
CA ARG D 14 37.83 34.19 11.54
C ARG D 14 37.53 33.82 10.18
N ILE D 15 37.76 32.59 9.92
CA ILE D 15 37.68 32.13 8.64
C ILE D 15 36.55 31.25 8.20
N LEU D 16 35.98 31.63 7.10
CA LEU D 16 34.74 31.09 6.75
C LEU D 16 34.43 30.56 5.41
N THR D 17 33.56 29.54 5.42
CA THR D 17 33.16 28.85 4.24
C THR D 17 32.80 27.40 4.44
N THR D 18 33.36 26.80 5.48
CA THR D 18 33.15 25.43 5.75
C THR D 18 31.68 25.39 6.30
N ASP D 19 30.91 24.39 5.91
CA ASP D 19 29.51 24.28 6.33
C ASP D 19 29.33 23.29 7.45
N ARG D 20 30.45 22.82 7.96
CA ARG D 20 30.36 21.91 9.01
C ARG D 20 31.57 21.87 9.93
N GLU D 21 31.71 20.82 10.69
CA GLU D 21 32.76 20.73 11.64
C GLU D 21 34.12 20.71 10.97
N ALA D 22 35.00 21.59 11.42
CA ALA D 22 36.35 21.60 10.92
C ALA D 22 37.25 20.81 11.91
N VAL D 23 37.56 19.59 11.59
CA VAL D 23 38.15 18.63 12.54
C VAL D 23 39.67 18.42 12.28
N ALA D 24 40.23 19.09 11.29
CA ALA D 24 41.61 19.09 11.11
C ALA D 24 42.09 20.44 10.55
N VAL D 25 43.27 20.85 11.04
CA VAL D 25 43.91 22.08 10.58
C VAL D 25 45.40 21.89 10.54
N ALA D 26 46.03 22.53 9.57
CA ALA D 26 47.51 22.42 9.39
C ALA D 26 47.99 23.61 8.65
N PHE D 27 49.16 24.09 9.07
CA PHE D 27 49.87 25.11 8.35
C PHE D 27 50.81 24.43 7.38
N SER D 28 51.00 25.07 6.23
CA SER D 28 52.08 24.73 5.30
C SER D 28 53.43 24.86 6.02
N PRO D 29 54.43 24.08 5.59
CA PRO D 29 55.74 24.14 6.28
C PRO D 29 56.41 25.53 6.24
N GLY D 30 56.19 26.26 5.13
CA GLY D 30 56.96 27.41 4.83
C GLY D 30 55.94 28.45 4.67
N GLY D 31 55.65 29.13 5.80
CA GLY D 31 54.71 30.27 5.84
C GLY D 31 53.37 29.73 6.22
N SER D 32 52.23 30.15 5.68
CA SER D 32 51.86 31.02 4.48
C SER D 32 50.52 30.50 3.89
N LEU D 33 50.33 29.19 3.95
CA LEU D 33 49.12 28.58 3.55
C LEU D 33 48.53 27.83 4.72
N LEU D 34 47.21 27.74 4.78
CA LEU D 34 46.51 27.00 5.82
C LEU D 34 45.54 26.00 5.24
N ALA D 35 45.55 24.77 5.73
CA ALA D 35 44.59 23.76 5.27
C ALA D 35 43.59 23.44 6.37
N GLY D 36 42.30 23.34 6.01
CA GLY D 36 41.17 23.00 6.93
C GLY D 36 40.42 21.77 6.42
N GLY D 37 40.35 20.72 7.20
CA GLY D 37 39.60 19.53 6.83
C GLY D 37 38.26 19.51 7.57
N SER D 38 37.19 19.29 6.84
CA SER D 38 35.87 19.41 7.44
C SER D 38 34.91 18.23 7.26
N GLY D 39 33.83 18.30 8.01
CA GLY D 39 32.70 17.41 7.90
C GLY D 39 31.89 17.57 6.66
N ASP D 40 31.99 18.73 6.00
CA ASP D 40 31.32 18.94 4.70
C ASP D 40 31.98 18.20 3.57
N LYS D 41 32.97 17.36 3.85
CA LYS D 41 33.63 16.45 2.90
C LYS D 41 34.69 17.13 2.03
N LEU D 42 35.07 18.35 2.31
CA LEU D 42 36.08 19.04 1.52
C LEU D 42 37.26 19.54 2.35
N ILE D 43 38.32 19.89 1.65
CA ILE D 43 39.51 20.50 2.25
C ILE D 43 39.62 21.92 1.76
N HIS D 44 39.74 22.86 2.68
CA HIS D 44 39.92 24.27 2.29
C HIS D 44 41.39 24.60 2.46
N VAL D 45 41.90 25.44 1.58
CA VAL D 45 43.25 25.97 1.72
C VAL D 45 43.06 27.47 1.80
N TRP D 46 43.72 28.12 2.76
CA TRP D 46 43.61 29.56 2.90
C TRP D 46 44.95 30.24 2.83
N ASP D 47 44.94 31.48 2.31
CA ASP D 47 46.17 32.28 2.28
C ASP D 47 46.21 33.02 3.57
N VAL D 48 47.23 32.73 4.38
CA VAL D 48 47.34 33.25 5.73
C VAL D 48 47.59 34.74 5.81
N ALA D 49 48.44 35.23 4.92
CA ALA D 49 48.79 36.64 4.92
C ALA D 49 47.63 37.53 4.53
N SER D 50 46.93 37.22 3.44
CA SER D 50 45.80 38.02 3.01
C SER D 50 44.52 37.67 3.69
N GLY D 51 44.46 36.54 4.35
CA GLY D 51 43.19 36.07 4.85
C GLY D 51 42.16 35.72 3.77
N ASP D 52 42.62 35.28 2.60
CA ASP D 52 41.72 34.91 1.51
C ASP D 52 41.53 33.43 1.41
N GLU D 53 40.58 33.06 0.58
CA GLU D 53 40.28 31.68 0.29
C GLU D 53 41.02 31.33 -0.98
N LEU D 54 42.01 30.45 -0.91
CA LEU D 54 42.76 30.12 -2.13
C LEU D 54 42.03 29.08 -3.00
N HIS D 55 41.73 27.93 -2.44
CA HIS D 55 41.11 26.83 -3.16
C HIS D 55 40.28 25.95 -2.25
N THR D 56 39.42 25.17 -2.89
CA THR D 56 38.68 24.10 -2.23
C THR D 56 39.00 22.81 -2.94
N LEU D 57 39.37 21.77 -2.20
CA LEU D 57 39.68 20.45 -2.74
C LEU D 57 38.48 19.53 -2.53
N GLU D 58 37.89 19.08 -3.63
CA GLU D 58 36.67 18.27 -3.59
C GLU D 58 36.92 16.90 -4.17
N GLY D 59 36.18 15.91 -3.68
CA GLY D 59 36.37 14.54 -4.11
C GLY D 59 35.97 13.55 -3.05
N HIS D 60 36.32 13.85 -1.79
CA HIS D 60 35.96 12.98 -0.70
C HIS D 60 34.42 12.86 -0.62
N THR D 61 33.99 11.69 -0.20
CA THR D 61 32.60 11.29 -0.17
C THR D 61 31.99 11.33 1.26
N ASP D 62 32.85 11.52 2.26
CA ASP D 62 32.49 11.44 3.65
C ASP D 62 33.40 12.43 4.43
N TRP D 63 33.14 12.55 5.72
CA TRP D 63 33.91 13.44 6.55
C TRP D 63 35.43 13.34 6.40
N VAL D 64 36.10 14.48 6.35
CA VAL D 64 37.57 14.54 6.31
C VAL D 64 38.03 14.79 7.75
N ARG D 65 38.77 13.84 8.32
CA ARG D 65 39.18 13.90 9.71
C ARG D 65 40.64 14.33 9.95
N ALA D 66 41.49 14.29 8.93
CA ALA D 66 42.86 14.76 9.07
C ALA D 66 43.40 15.28 7.77
N VAL D 67 44.29 16.29 7.90
CA VAL D 67 45.06 16.81 6.81
C VAL D 67 46.53 16.93 7.23
N ALA D 68 47.43 16.75 6.24
CA ALA D 68 48.86 16.98 6.46
C ALA D 68 49.61 17.38 5.23
N PHE D 69 50.52 18.36 5.35
CA PHE D 69 51.34 18.79 4.24
C PHE D 69 52.60 17.93 4.12
N SER D 70 53.05 17.69 2.88
CA SER D 70 54.39 17.10 2.64
C SER D 70 55.41 18.16 3.07
N PRO D 71 56.59 17.74 3.57
CA PRO D 71 57.59 18.73 4.03
C PRO D 71 58.02 19.74 2.98
N ASP D 72 58.02 19.40 1.70
CA ASP D 72 58.28 20.39 0.64
C ASP D 72 57.12 21.36 0.38
N GLY D 73 55.99 21.20 1.06
CA GLY D 73 54.87 22.08 0.86
C GLY D 73 54.14 21.92 -0.47
N ALA D 74 54.52 20.95 -1.28
CA ALA D 74 54.00 20.81 -2.65
C ALA D 74 52.74 19.90 -2.69
N LEU D 75 52.65 18.99 -1.72
CA LEU D 75 51.55 18.02 -1.65
C LEU D 75 50.81 18.16 -0.32
N LEU D 76 49.51 17.95 -0.36
CA LEU D 76 48.74 17.76 0.88
C LEU D 76 48.10 16.39 0.90
N ALA D 77 48.10 15.74 2.06
CA ALA D 77 47.39 14.47 2.28
C ALA D 77 46.11 14.71 3.11
N SER D 78 45.07 13.93 2.87
CA SER D 78 43.85 13.99 3.63
C SER D 78 43.34 12.59 3.92
N GLY D 79 42.77 12.44 5.12
CA GLY D 79 42.16 11.21 5.61
C GLY D 79 40.66 11.45 5.74
N SER D 80 39.85 10.50 5.23
CA SER D 80 38.44 10.61 5.30
C SER D 80 37.72 9.31 5.74
N ASP D 81 36.48 9.53 6.18
CA ASP D 81 35.55 8.45 6.54
C ASP D 81 35.20 7.61 5.32
N ASP D 82 35.40 8.15 4.10
CA ASP D 82 35.15 7.39 2.87
C ASP D 82 36.13 6.28 2.63
N ALA D 83 37.08 6.11 3.56
CA ALA D 83 38.09 5.07 3.56
C ALA D 83 39.22 5.29 2.57
N THR D 84 39.40 6.53 2.17
CA THR D 84 40.47 6.90 1.31
C THR D 84 41.43 7.85 2.01
N VAL D 85 42.68 7.79 1.56
CA VAL D 85 43.65 8.81 1.85
C VAL D 85 43.98 9.38 0.48
N ARG D 86 43.90 10.68 0.34
CA ARG D 86 44.15 11.33 -0.95
C ARG D 86 45.29 12.32 -0.89
N LEU D 87 46.11 12.34 -1.94
CA LEU D 87 47.25 13.25 -2.03
C LEU D 87 46.90 14.28 -3.02
N TRP D 88 46.96 15.54 -2.63
CA TRP D 88 46.57 16.64 -3.44
C TRP D 88 47.77 17.50 -3.86
N ASP D 89 47.75 17.88 -5.11
CA ASP D 89 48.75 18.75 -5.65
C ASP D 89 48.45 20.14 -5.19
N VAL D 90 49.48 20.78 -4.66
CA VAL D 90 49.38 22.17 -4.29
C VAL D 90 50.51 22.90 -4.93
N ALA D 97 44.56 14.33 -8.04
CA ALA D 97 44.80 13.63 -6.76
C ALA D 97 45.05 12.16 -6.85
N VAL D 98 45.85 11.61 -5.95
CA VAL D 98 46.03 10.21 -5.84
C VAL D 98 45.47 9.60 -4.62
N PHE D 99 45.21 8.31 -4.67
CA PHE D 99 44.40 7.67 -3.69
C PHE D 99 44.90 6.47 -3.24
N GLU D 100 44.59 6.29 -1.98
CA GLU D 100 44.74 5.03 -1.35
C GLU D 100 43.58 4.68 -0.56
N GLY D 101 43.47 3.39 -0.33
CA GLY D 101 42.40 2.74 0.32
C GLY D 101 42.78 2.21 1.66
N HIS D 102 41.77 2.05 2.48
CA HIS D 102 41.79 1.37 3.73
C HIS D 102 40.54 0.59 3.77
N THR D 103 40.55 -0.50 4.52
CA THR D 103 39.38 -1.34 4.64
C THR D 103 38.33 -0.55 5.38
N HIS D 104 38.76 0.23 6.36
CA HIS D 104 37.85 1.05 7.18
C HIS D 104 38.13 2.54 6.97
N TYR D 105 37.45 3.34 7.77
CA TYR D 105 37.56 4.80 7.84
C TYR D 105 39.01 5.19 8.19
N VAL D 106 39.52 6.24 7.56
CA VAL D 106 40.83 6.74 7.92
C VAL D 106 40.59 8.00 8.64
N LEU D 107 41.20 8.13 9.81
CA LEU D 107 40.98 9.29 10.69
C LEU D 107 42.17 10.19 10.85
N ASP D 108 43.35 9.74 10.46
CA ASP D 108 44.54 10.56 10.66
C ASP D 108 45.70 10.16 9.73
N ILE D 109 46.53 11.14 9.44
CA ILE D 109 47.62 11.00 8.54
C ILE D 109 48.77 11.89 8.96
N ALA D 110 49.97 11.48 8.60
CA ALA D 110 51.13 12.27 8.93
C ALA D 110 52.20 11.89 7.90
N PHE D 111 52.86 12.89 7.39
CA PHE D 111 53.99 12.68 6.49
C PHE D 111 55.22 12.55 7.39
N SER D 112 56.18 11.73 7.00
CA SER D 112 57.43 11.66 7.72
C SER D 112 58.21 12.96 7.56
N PRO D 113 59.05 13.31 8.55
CA PRO D 113 59.79 14.59 8.37
C PRO D 113 60.66 14.56 7.10
N ASP D 114 61.17 13.36 6.76
CA ASP D 114 61.88 13.16 5.53
C ASP D 114 61.00 13.45 4.31
N GLY D 115 59.73 13.14 4.41
CA GLY D 115 58.81 13.29 3.28
C GLY D 115 58.70 12.04 2.46
N SER D 116 59.32 10.97 2.86
CA SER D 116 59.25 9.71 2.10
C SER D 116 58.08 8.86 2.48
N MET D 117 57.46 9.11 3.63
CA MET D 117 56.34 8.28 4.08
C MET D 117 55.11 9.00 4.50
N VAL D 118 53.98 8.33 4.33
CA VAL D 118 52.67 8.79 4.83
C VAL D 118 52.25 7.69 5.75
N ALA D 119 51.97 8.04 6.98
CA ALA D 119 51.37 7.12 7.92
C ALA D 119 49.88 7.48 7.98
N SER D 120 49.04 6.46 8.06
CA SER D 120 47.60 6.65 8.17
C SER D 120 47.01 5.73 9.22
N GLY D 121 46.20 6.31 10.09
CA GLY D 121 45.59 5.62 11.20
C GLY D 121 44.15 5.40 10.78
N SER D 122 43.71 4.18 10.98
CA SER D 122 42.40 3.81 10.60
C SER D 122 41.57 3.08 11.65
N ARG D 123 40.28 3.01 11.37
CA ARG D 123 39.33 2.29 12.21
C ARG D 123 39.49 0.77 12.20
N ASP D 124 40.38 0.27 11.38
CA ASP D 124 40.69 -1.14 11.34
C ASP D 124 41.75 -1.51 12.36
N GLY D 125 42.03 -0.58 13.29
CA GLY D 125 42.90 -0.86 14.43
C GLY D 125 44.40 -0.88 14.12
N THR D 126 44.76 -0.43 12.91
CA THR D 126 46.14 -0.48 12.44
C THR D 126 46.61 0.87 11.94
N ALA D 127 47.91 1.12 12.06
CA ALA D 127 48.49 2.30 11.46
C ALA D 127 49.16 1.77 10.16
N ARG D 128 48.84 2.44 9.07
CA ARG D 128 49.30 2.08 7.76
C ARG D 128 50.42 3.01 7.31
N LEU D 129 51.41 2.45 6.65
CA LEU D 129 52.58 3.22 6.26
C LEU D 129 52.85 2.99 4.78
N TRP D 130 52.93 4.06 4.02
CA TRP D 130 53.14 3.95 2.62
C TRP D 130 54.35 4.72 2.21
N ASN D 131 55.04 4.25 1.19
CA ASN D 131 56.10 5.01 0.55
C ASN D 131 55.47 5.94 -0.48
N VAL D 132 55.60 7.25 -0.30
CA VAL D 132 54.88 8.21 -1.15
C VAL D 132 55.24 8.11 -2.61
N ALA D 133 56.53 8.01 -2.93
CA ALA D 133 57.01 8.05 -4.34
C ALA D 133 56.56 6.85 -5.12
N THR D 134 56.71 5.67 -4.52
CA THR D 134 56.30 4.41 -5.16
C THR D 134 54.79 4.15 -5.04
N GLY D 135 54.19 4.66 -3.96
CA GLY D 135 52.79 4.45 -3.67
C GLY D 135 52.49 3.10 -3.04
N THR D 136 53.52 2.37 -2.61
CA THR D 136 53.32 1.03 -2.11
C THR D 136 53.28 1.01 -0.61
N GLU D 137 52.36 0.19 -0.10
CA GLU D 137 52.19 0.03 1.30
C GLU D 137 53.21 -0.97 1.74
N HIS D 138 53.99 -0.63 2.74
CA HIS D 138 54.86 -1.65 3.31
C HIS D 138 54.64 -2.03 4.71
N ALA D 139 54.33 -1.07 5.56
CA ALA D 139 54.35 -1.38 6.97
C ALA D 139 53.00 -1.23 7.57
N VAL D 140 52.60 -2.26 8.28
CA VAL D 140 51.37 -2.26 8.99
C VAL D 140 51.78 -2.33 10.45
N LEU D 141 51.21 -1.43 11.26
CA LEU D 141 51.49 -1.42 12.66
C LEU D 141 50.29 -1.93 13.37
N LYS D 142 50.45 -3.04 14.08
CA LYS D 142 49.34 -3.65 14.75
C LYS D 142 49.63 -3.85 16.24
N GLY D 143 48.58 -3.84 17.04
CA GLY D 143 48.69 -3.85 18.50
C GLY D 143 47.60 -3.11 19.22
N HIS D 144 47.09 -2.06 18.61
CA HIS D 144 45.94 -1.38 19.15
C HIS D 144 44.74 -2.30 19.05
N THR D 145 43.83 -2.19 20.03
CA THR D 145 42.62 -2.99 20.10
C THR D 145 41.38 -2.22 19.69
N ASP D 146 41.56 -1.05 19.13
CA ASP D 146 40.43 -0.24 18.73
C ASP D 146 40.90 0.79 17.70
N TYR D 147 39.99 1.66 17.25
CA TYR D 147 40.27 2.69 16.28
C TYR D 147 41.56 3.45 16.64
N VAL D 148 42.34 3.78 15.61
CA VAL D 148 43.50 4.66 15.78
C VAL D 148 43.07 6.05 15.34
N TYR D 149 43.15 7.00 16.26
CA TYR D 149 42.61 8.32 16.04
C TYR D 149 43.62 9.35 15.63
N ALA D 150 44.87 9.13 16.00
CA ALA D 150 45.93 10.11 15.69
C ALA D 150 47.30 9.44 15.54
N VAL D 151 48.11 10.00 14.64
CA VAL D 151 49.48 9.55 14.44
C VAL D 151 50.40 10.73 14.27
N ALA D 152 51.63 10.57 14.74
CA ALA D 152 52.63 11.62 14.54
C ALA D 152 54.02 11.01 14.51
N PHE D 153 54.85 11.50 13.56
CA PHE D 153 56.23 11.06 13.47
C PHE D 153 57.11 11.81 14.48
N SER D 154 58.09 11.12 15.01
CA SER D 154 59.16 11.79 15.74
C SER D 154 59.94 12.67 14.77
N PRO D 155 60.54 13.75 15.26
CA PRO D 155 61.24 14.68 14.37
C PRO D 155 62.38 14.05 13.55
N ASP D 156 63.10 13.09 14.12
CA ASP D 156 64.07 12.28 13.37
C ASP D 156 63.46 11.24 12.41
N GLY D 157 62.16 11.08 12.43
CA GLY D 157 61.47 10.12 11.55
C GLY D 157 61.62 8.63 11.88
N SER D 158 62.39 8.30 12.91
CA SER D 158 62.60 6.93 13.36
C SER D 158 61.43 6.33 14.14
N MET D 159 60.58 7.16 14.75
CA MET D 159 59.45 6.68 15.52
C MET D 159 58.16 7.29 15.08
N VAL D 160 57.09 6.52 15.26
CA VAL D 160 55.74 7.01 15.10
C VAL D 160 55.02 6.89 16.44
N ALA D 161 54.15 7.84 16.75
CA ALA D 161 53.28 7.74 17.90
C ALA D 161 51.84 7.70 17.45
N SER D 162 51.02 6.93 18.15
CA SER D 162 49.62 6.74 17.78
C SER D 162 48.75 6.84 19.02
N GLY D 163 47.57 7.44 18.85
CA GLY D 163 46.54 7.50 19.86
C GLY D 163 45.29 6.79 19.38
N SER D 164 44.72 5.97 20.26
CA SER D 164 43.63 5.08 19.92
C SER D 164 42.49 5.18 20.91
N ARG D 165 41.34 4.71 20.46
CA ARG D 165 40.17 4.57 21.33
C ARG D 165 40.32 3.52 22.41
N ASP D 166 41.28 2.62 22.24
CA ASP D 166 41.65 1.71 23.32
C ASP D 166 42.26 2.36 24.56
N GLY D 167 42.41 3.69 24.57
CA GLY D 167 42.90 4.39 25.73
C GLY D 167 44.45 4.37 25.84
N THR D 168 45.14 3.93 24.82
CA THR D 168 46.60 3.89 24.93
C THR D 168 47.24 4.84 23.93
N ILE D 169 48.47 5.21 24.23
CA ILE D 169 49.34 5.84 23.28
C ILE D 169 50.40 4.84 23.03
N ARG D 170 50.73 4.63 21.78
CA ARG D 170 51.78 3.69 21.43
C ARG D 170 52.91 4.38 20.68
N LEU D 171 54.11 3.82 20.87
CA LEU D 171 55.30 4.21 20.15
C LEU D 171 55.75 3.05 19.29
N TRP D 172 56.10 3.36 18.07
CA TRP D 172 56.52 2.32 17.12
C TRP D 172 57.85 2.70 16.53
N ASP D 173 58.66 1.68 16.26
CA ASP D 173 59.89 1.81 15.46
C ASP D 173 59.46 1.77 14.00
N VAL D 174 59.70 2.81 13.24
CA VAL D 174 59.25 2.82 11.81
C VAL D 174 59.91 1.76 10.95
N ALA D 175 61.23 1.62 11.07
CA ALA D 175 61.97 0.73 10.16
C ALA D 175 61.52 -0.70 10.23
N THR D 176 61.23 -1.18 11.42
CA THR D 176 60.61 -2.48 11.60
C THR D 176 59.22 -2.24 12.15
N GLY D 177 58.16 -2.71 11.55
CA GLY D 177 56.83 -2.55 12.12
C GLY D 177 56.67 -3.23 13.47
N LYS D 178 57.36 -2.71 14.47
CA LYS D 178 57.32 -3.30 15.80
C LYS D 178 57.03 -2.20 16.85
N GLU D 179 56.25 -2.57 17.85
CA GLU D 179 55.83 -1.66 18.88
C GLU D 179 56.91 -1.56 19.91
N ARG D 180 57.31 -0.35 20.22
CA ARG D 180 58.36 -0.12 21.13
C ARG D 180 57.91 0.21 22.58
N ASP D 181 56.77 0.86 22.73
CA ASP D 181 56.23 1.22 24.05
C ASP D 181 54.73 1.42 24.03
N VAL D 182 54.11 1.22 25.20
CA VAL D 182 52.68 1.43 25.36
C VAL D 182 52.47 2.30 26.56
N LEU D 183 51.91 3.48 26.36
CA LEU D 183 51.72 4.45 27.46
C LEU D 183 50.23 4.38 27.89
N GLN D 184 50.03 4.00 29.14
CA GLN D 184 48.71 3.76 29.70
C GLN D 184 48.48 4.77 30.80
N ALA D 185 47.20 5.04 31.11
CA ALA D 185 46.79 6.06 32.08
C ALA D 185 45.46 6.66 31.79
N PRO D 186 45.22 7.00 30.56
CA PRO D 186 43.94 7.58 30.27
C PRO D 186 42.78 6.66 30.42
N ALA D 187 41.74 7.17 31.03
CA ALA D 187 40.58 6.38 31.33
C ALA D 187 39.72 6.16 30.05
N GLU D 188 39.89 6.98 29.03
CA GLU D 188 38.93 6.98 27.92
C GLU D 188 39.60 7.14 26.59
N ASN D 189 38.83 7.34 25.52
CA ASN D 189 39.32 7.41 24.15
C ASN D 189 40.28 8.54 23.98
N VAL D 190 41.48 8.24 23.48
CA VAL D 190 42.46 9.26 23.15
C VAL D 190 42.10 9.74 21.73
N VAL D 191 41.95 11.04 21.59
CA VAL D 191 41.48 11.62 20.38
C VAL D 191 42.49 12.39 19.53
N SER D 192 43.63 12.74 20.10
CA SER D 192 44.68 13.45 19.36
C SER D 192 46.05 13.21 19.95
N LEU D 193 47.09 13.42 19.16
CA LEU D 193 48.43 13.33 19.66
C LEU D 193 49.37 14.22 18.91
N ALA D 194 50.47 14.58 19.57
CA ALA D 194 51.51 15.39 18.92
C ALA D 194 52.88 14.93 19.41
N PHE D 195 53.91 15.17 18.61
CA PHE D 195 55.29 14.82 19.02
C PHE D 195 56.02 16.14 19.18
N SER D 196 56.76 16.34 20.27
CA SER D 196 57.48 17.62 20.39
C SER D 196 58.65 17.70 19.40
N PRO D 197 59.04 18.93 19.00
CA PRO D 197 60.15 19.14 18.08
C PRO D 197 61.47 18.55 18.56
N ASP D 198 61.75 18.55 19.86
CA ASP D 198 62.99 17.94 20.39
C ASP D 198 62.89 16.41 20.45
N GLY D 199 61.67 15.88 20.39
CA GLY D 199 61.43 14.42 20.39
C GLY D 199 61.37 13.82 21.77
N SER D 200 61.56 14.63 22.80
CA SER D 200 61.54 14.22 24.23
C SER D 200 60.13 13.92 24.75
N MET D 201 59.17 14.72 24.31
CA MET D 201 57.81 14.67 24.89
C MET D 201 56.74 14.36 23.85
N LEU D 202 55.70 13.67 24.30
CA LEU D 202 54.57 13.30 23.44
C LEU D 202 53.28 13.69 24.16
N VAL D 203 52.33 14.28 23.44
CA VAL D 203 51.08 14.69 24.07
C VAL D 203 49.87 13.91 23.60
N HIS D 204 48.99 13.64 24.57
CA HIS D 204 47.79 12.84 24.45
C HIS D 204 46.63 13.76 24.79
N GLY D 205 45.61 13.78 23.96
CA GLY D 205 44.38 14.50 24.26
C GLY D 205 43.29 13.45 24.38
N SER D 206 42.56 13.44 25.49
CA SER D 206 41.52 12.45 25.75
C SER D 206 40.18 13.04 26.18
N ASP D 207 39.23 12.15 26.38
CA ASP D 207 37.92 12.53 26.88
C ASP D 207 37.84 13.28 28.20
N SER D 208 38.87 13.19 29.01
CA SER D 208 38.94 14.02 30.21
C SER D 208 40.12 14.99 30.20
N THR D 209 41.30 14.42 29.99
CA THR D 209 42.51 15.17 30.13
C THR D 209 43.48 15.10 28.99
N VAL D 210 44.57 15.83 29.19
CA VAL D 210 45.66 15.85 28.27
C VAL D 210 46.89 15.42 29.07
N HIS D 211 47.63 14.46 28.56
CA HIS D 211 48.80 13.92 29.26
C HIS D 211 50.06 14.19 28.45
N LEU D 212 51.19 14.20 29.13
CA LEU D 212 52.52 14.39 28.50
C LEU D 212 53.33 13.16 28.80
N TRP D 213 53.93 12.57 27.77
CA TRP D 213 54.70 11.31 27.96
C TRP D 213 56.18 11.53 27.66
N ASP D 214 57.04 11.12 28.59
CA ASP D 214 58.49 11.26 28.48
C ASP D 214 58.98 10.11 27.60
N VAL D 215 59.54 10.45 26.43
CA VAL D 215 59.86 9.44 25.44
C VAL D 215 60.98 8.52 25.88
N ALA D 216 62.06 9.07 26.42
CA ALA D 216 63.18 8.21 26.84
C ALA D 216 62.86 7.30 28.03
N SER D 217 62.16 7.81 29.01
CA SER D 217 61.78 7.06 30.19
C SER D 217 60.56 6.17 30.02
N GLY D 218 59.71 6.49 29.04
CA GLY D 218 58.46 5.78 28.83
C GLY D 218 57.47 5.96 29.99
N GLU D 219 57.58 7.10 30.68
CA GLU D 219 56.76 7.47 31.82
C GLU D 219 55.94 8.71 31.46
N ALA D 220 54.98 9.04 32.32
CA ALA D 220 54.12 10.23 32.12
C ALA D 220 54.72 11.44 32.82
N LEU D 221 55.05 12.51 32.09
CA LEU D 221 55.64 13.68 32.72
C LEU D 221 54.59 14.27 33.62
N HIS D 222 53.37 14.33 33.12
CA HIS D 222 52.26 14.82 33.93
C HIS D 222 50.91 14.81 33.20
N THR D 223 49.86 15.01 33.97
CA THR D 223 48.52 15.06 33.46
C THR D 223 47.99 16.48 33.65
N PHE D 224 47.40 17.05 32.60
CA PHE D 224 46.87 18.40 32.63
C PHE D 224 45.40 18.39 32.98
N GLU D 225 45.05 19.05 34.07
CA GLU D 225 43.69 19.05 34.57
C GLU D 225 43.09 20.44 34.69
N GLY D 226 42.63 20.99 33.60
CA GLY D 226 41.98 22.29 33.65
C GLY D 226 40.66 22.29 32.90
N HIS D 227 40.60 21.46 31.90
CA HIS D 227 39.47 21.36 31.07
C HIS D 227 38.41 20.69 31.86
N THR D 228 37.17 21.06 31.55
CA THR D 228 35.95 20.52 32.20
C THR D 228 35.13 19.67 31.25
N ASP D 229 35.70 19.29 30.13
CA ASP D 229 35.02 18.44 29.15
C ASP D 229 36.05 17.75 28.23
N TRP D 230 35.60 17.03 27.22
CA TRP D 230 36.55 16.32 26.35
C TRP D 230 37.58 17.24 25.70
N VAL D 231 38.81 16.73 25.69
CA VAL D 231 39.94 17.37 25.06
C VAL D 231 40.12 16.71 23.70
N ARG D 232 39.73 17.42 22.66
CA ARG D 232 39.88 16.93 21.31
C ARG D 232 41.20 17.19 20.61
N ALA D 233 41.94 18.21 21.01
CA ALA D 233 43.17 18.49 20.34
C ALA D 233 44.37 18.91 21.19
N VAL D 234 45.56 18.57 20.70
CA VAL D 234 46.83 18.92 21.33
C VAL D 234 47.82 19.29 20.26
N ALA D 235 48.60 20.33 20.52
CA ALA D 235 49.60 20.76 19.60
C ALA D 235 50.77 21.28 20.38
N PHE D 236 51.98 20.93 19.97
CA PHE D 236 53.18 21.42 20.62
C PHE D 236 53.59 22.72 19.94
N SER D 237 54.12 23.65 20.71
CA SER D 237 54.69 24.87 20.15
C SER D 237 55.97 24.49 19.34
N PRO D 238 56.33 25.28 18.31
CA PRO D 238 57.53 24.93 17.53
C PRO D 238 58.82 24.89 18.31
N ASP D 239 58.96 25.72 19.35
CA ASP D 239 60.13 25.64 20.21
C ASP D 239 60.08 24.49 21.23
N GLY D 240 58.94 23.85 21.37
CA GLY D 240 58.75 22.76 22.33
C GLY D 240 58.46 23.15 23.78
N ALA D 241 58.47 24.46 24.07
CA ALA D 241 58.25 25.03 25.38
C ALA D 241 56.79 24.86 25.85
N LEU D 242 55.85 25.01 24.92
CA LEU D 242 54.46 25.19 25.27
C LEU D 242 53.60 24.18 24.55
N LEU D 243 52.48 23.86 25.16
CA LEU D 243 51.52 22.93 24.59
C LEU D 243 50.12 23.51 24.64
N ALA D 244 49.36 23.38 23.55
CA ALA D 244 47.99 23.87 23.45
C ALA D 244 47.05 22.71 23.54
N SER D 245 45.95 22.90 24.26
CA SER D 245 44.86 21.93 24.38
C SER D 245 43.53 22.58 23.92
N GLY D 246 42.73 21.83 23.18
CA GLY D 246 41.44 22.27 22.62
C GLY D 246 40.36 21.35 23.12
N SER D 247 39.32 21.92 23.72
CA SER D 247 38.29 21.13 24.36
C SER D 247 36.84 21.47 24.03
N ASP D 248 35.96 20.55 24.41
CA ASP D 248 34.50 20.71 24.28
C ASP D 248 33.97 21.86 25.18
N ASP D 249 34.71 22.16 26.24
CA ASP D 249 34.38 23.24 27.17
C ASP D 249 34.55 24.63 26.56
N ARG D 250 35.02 24.64 25.33
CA ARG D 250 35.17 25.83 24.53
C ARG D 250 36.36 26.70 24.93
N THR D 251 37.35 26.06 25.50
CA THR D 251 38.55 26.75 25.78
C THR D 251 39.73 26.12 25.09
N ILE D 252 40.70 26.95 24.77
CA ILE D 252 42.01 26.51 24.40
C ILE D 252 42.96 26.90 25.56
N ARG D 253 43.75 25.91 25.99
CA ARG D 253 44.64 26.10 27.14
C ARG D 253 46.10 25.90 26.78
N LEU D 254 46.95 26.77 27.28
CA LEU D 254 48.38 26.75 26.96
C LEU D 254 49.11 26.32 28.20
N TRP D 255 50.00 25.35 28.07
CA TRP D 255 50.73 24.85 29.20
C TRP D 255 52.22 24.81 28.99
N ASP D 256 52.95 24.98 30.08
CA ASP D 256 54.39 24.93 30.08
C ASP D 256 54.70 23.45 30.09
N VAL D 257 55.45 23.01 29.10
CA VAL D 257 55.77 21.60 28.98
C VAL D 257 56.64 21.07 30.12
N ALA D 258 57.67 21.84 30.46
CA ALA D 258 58.61 21.44 31.50
C ALA D 258 57.86 21.37 32.82
N ALA D 259 57.29 22.51 33.22
CA ALA D 259 56.55 22.69 34.48
C ALA D 259 55.24 21.90 34.45
N GLN D 260 54.54 21.98 33.32
CA GLN D 260 53.23 21.37 33.14
C GLN D 260 52.13 22.24 33.71
N GLU D 261 52.48 23.48 33.98
CA GLU D 261 51.55 24.43 34.52
C GLU D 261 50.86 25.16 33.45
N GLU D 262 49.62 25.55 33.76
CA GLU D 262 48.82 26.34 32.86
C GLU D 262 49.46 27.69 32.67
N HIS D 263 49.55 28.11 31.41
CA HIS D 263 50.10 29.38 31.06
C HIS D 263 49.01 30.39 30.78
N THR D 264 48.01 30.01 30.00
CA THR D 264 46.93 30.93 29.61
C THR D 264 45.71 30.16 29.21
N THR D 265 44.60 30.87 29.14
CA THR D 265 43.36 30.34 28.68
C THR D 265 42.80 31.23 27.61
N LEU D 266 42.41 30.62 26.49
CA LEU D 266 41.78 31.34 25.40
C LEU D 266 40.32 30.98 25.40
N GLU D 267 39.48 31.99 25.37
CA GLU D 267 38.06 31.76 25.34
C GLU D 267 37.49 31.82 23.94
N GLY D 268 36.87 30.73 23.49
CA GLY D 268 36.23 30.73 22.15
C GLY D 268 34.75 30.67 22.39
N HIS D 269 34.31 29.68 23.26
CA HIS D 269 33.03 29.70 23.93
C HIS D 269 31.82 29.11 23.39
N THR D 270 31.39 29.68 22.30
CA THR D 270 30.15 29.33 21.72
C THR D 270 30.36 27.94 21.20
N GLU D 271 31.59 27.64 20.86
CA GLU D 271 31.92 26.40 20.26
C GLU D 271 32.89 25.54 20.99
N PRO D 272 32.92 24.26 20.52
CA PRO D 272 33.89 23.31 21.04
C PRO D 272 35.05 23.32 20.08
N VAL D 273 36.24 23.30 20.62
CA VAL D 273 37.41 23.26 19.80
C VAL D 273 37.67 21.85 19.43
N HIS D 274 37.74 21.62 18.12
CA HIS D 274 37.97 20.27 17.58
C HIS D 274 39.39 20.04 17.20
N SER D 275 40.06 21.09 16.78
CA SER D 275 41.44 20.97 16.32
C SER D 275 42.22 22.24 16.53
N VAL D 276 43.51 22.11 16.77
CA VAL D 276 44.37 23.25 17.01
C VAL D 276 45.68 23.02 16.27
N ALA D 277 46.32 24.08 15.81
CA ALA D 277 47.65 23.99 15.19
C ALA D 277 48.43 25.26 15.44
N PHE D 278 49.72 25.09 15.57
CA PHE D 278 50.64 26.23 15.65
C PHE D 278 51.14 26.60 14.28
N HIS D 279 51.38 27.90 14.08
CA HIS D 279 52.14 28.43 12.95
C HIS D 279 53.57 27.89 13.03
N PRO D 280 54.24 27.62 11.92
CA PRO D 280 55.65 27.13 12.04
C PRO D 280 56.62 28.06 12.75
N GLU D 281 56.45 29.35 12.62
CA GLU D 281 57.22 30.36 13.38
C GLU D 281 56.78 30.51 14.83
N GLY D 282 55.62 29.94 15.19
CA GLY D 282 55.13 29.98 16.57
C GLY D 282 54.37 31.22 16.95
N THR D 283 54.16 32.13 16.03
CA THR D 283 53.43 33.37 16.27
C THR D 283 51.89 33.24 16.34
N THR D 284 51.36 32.22 15.71
CA THR D 284 49.94 32.14 15.57
C THR D 284 49.44 30.73 15.93
N LEU D 285 48.22 30.66 16.38
CA LEU D 285 47.57 29.41 16.66
C LEU D 285 46.25 29.39 15.93
N ALA D 286 45.93 28.27 15.30
CA ALA D 286 44.66 28.13 14.58
C ALA D 286 43.80 27.12 15.33
N SER D 287 42.52 27.44 15.51
CA SER D 287 41.51 26.55 16.10
C SER D 287 40.41 26.30 15.07
N ALA D 288 39.91 25.08 15.08
CA ALA D 288 38.80 24.72 14.28
C ALA D 288 37.61 24.31 15.16
N SER D 289 36.46 24.70 14.69
CA SER D 289 35.26 24.51 15.41
C SER D 289 34.12 23.96 14.58
N GLU D 290 33.08 23.55 15.29
CA GLU D 290 31.91 22.90 14.69
C GLU D 290 31.17 23.74 13.74
N ASP D 291 31.18 25.02 14.01
CA ASP D 291 30.37 25.90 13.23
C ASP D 291 30.80 25.87 11.78
N GLY D 292 32.06 25.59 11.56
CA GLY D 292 32.53 25.64 10.23
C GLY D 292 33.22 26.96 10.17
N THR D 293 34.02 27.18 11.20
CA THR D 293 34.84 28.33 11.33
C THR D 293 36.27 27.86 11.64
N ILE D 294 37.22 28.66 11.21
CA ILE D 294 38.62 28.48 11.53
C ILE D 294 39.01 29.81 12.10
N ARG D 295 39.76 29.77 13.19
CA ARG D 295 40.21 30.97 13.83
C ARG D 295 41.71 30.96 14.04
N ILE D 296 42.35 32.12 13.88
CA ILE D 296 43.75 32.24 14.19
C ILE D 296 43.92 33.24 15.30
N TRP D 297 44.77 32.91 16.25
CA TRP D 297 45.12 33.80 17.33
C TRP D 297 46.63 33.96 17.35
N PRO D 298 47.15 35.07 17.97
CA PRO D 298 48.60 35.13 18.15
C PRO D 298 48.93 34.59 19.51
N ASN E 11 -0.98 -57.80 -11.04
CA ASN E 11 -2.42 -57.53 -11.42
C ASN E 11 -2.69 -56.08 -11.92
N GLU E 12 -3.95 -55.85 -12.32
CA GLU E 12 -4.39 -54.71 -13.06
C GLU E 12 -4.95 -53.68 -12.17
N PRO E 13 -4.62 -52.40 -12.39
CA PRO E 13 -5.21 -51.47 -11.48
C PRO E 13 -6.52 -50.95 -11.87
N ARG E 14 -6.89 -50.00 -11.08
CA ARG E 14 -7.97 -49.16 -11.36
C ARG E 14 -7.55 -47.82 -11.76
N ILE E 15 -8.44 -47.17 -12.47
CA ILE E 15 -8.14 -45.95 -13.08
C ILE E 15 -9.11 -44.93 -12.73
N LEU E 16 -8.56 -43.78 -12.44
CA LEU E 16 -9.28 -42.56 -12.44
C LEU E 16 -8.76 -41.58 -13.39
N THR E 17 -9.66 -40.72 -13.82
CA THR E 17 -9.45 -39.83 -14.93
C THR E 17 -9.65 -38.40 -14.57
N THR E 18 -8.69 -37.61 -15.01
CA THR E 18 -8.68 -36.17 -14.84
C THR E 18 -8.59 -35.64 -16.25
N ASP E 19 -9.05 -34.42 -16.45
CA ASP E 19 -8.96 -33.80 -17.77
C ASP E 19 -7.55 -33.42 -18.16
N ARG E 20 -6.69 -33.20 -17.16
CA ARG E 20 -5.35 -32.75 -17.42
C ARG E 20 -4.39 -33.66 -16.73
N GLU E 21 -3.12 -33.31 -16.89
CA GLU E 21 -2.02 -34.07 -16.34
C GLU E 21 -2.20 -34.14 -14.82
N ALA E 22 -2.03 -35.33 -14.28
CA ALA E 22 -2.05 -35.51 -12.84
C ALA E 22 -0.60 -35.66 -12.48
N VAL E 23 -0.05 -34.66 -11.80
CA VAL E 23 1.36 -34.70 -11.42
C VAL E 23 1.62 -35.01 -9.96
N ALA E 24 0.57 -35.18 -9.17
CA ALA E 24 0.74 -35.44 -7.73
C ALA E 24 -0.42 -36.22 -7.17
N VAL E 25 -0.12 -37.17 -6.32
CA VAL E 25 -1.11 -38.04 -5.71
C VAL E 25 -0.72 -38.33 -4.25
N ALA E 26 -1.73 -38.50 -3.39
CA ALA E 26 -1.52 -38.89 -2.00
C ALA E 26 -2.77 -39.54 -1.41
N PHE E 27 -2.56 -40.50 -0.52
CA PHE E 27 -3.62 -41.12 0.22
C PHE E 27 -3.84 -40.39 1.53
N SER E 28 -5.10 -40.27 1.94
CA SER E 28 -5.40 -39.78 3.31
C SER E 28 -4.77 -40.75 4.31
N PRO E 29 -4.48 -40.30 5.53
CA PRO E 29 -3.89 -41.21 6.54
C PRO E 29 -4.72 -42.44 6.87
N GLY E 30 -6.05 -42.29 6.86
CA GLY E 30 -6.94 -43.44 7.02
C GLY E 30 -7.00 -44.39 5.82
N GLY E 31 -6.64 -43.88 4.63
CA GLY E 31 -6.68 -44.68 3.39
C GLY E 31 -7.96 -44.54 2.56
N SER E 32 -8.94 -43.81 3.05
CA SER E 32 -10.27 -43.79 2.45
C SER E 32 -10.43 -42.73 1.34
N LEU E 33 -9.50 -41.79 1.29
CA LEU E 33 -9.48 -40.72 0.31
C LEU E 33 -8.19 -40.72 -0.50
N LEU E 34 -8.30 -40.22 -1.72
CA LEU E 34 -7.14 -40.05 -2.57
C LEU E 34 -7.14 -38.63 -3.15
N ALA E 35 -6.04 -37.91 -2.94
CA ALA E 35 -5.92 -36.55 -3.44
C ALA E 35 -5.05 -36.53 -4.68
N GLY E 36 -5.48 -35.79 -5.69
CA GLY E 36 -4.77 -35.72 -6.96
C GLY E 36 -4.56 -34.28 -7.36
N GLY E 37 -3.28 -33.91 -7.55
CA GLY E 37 -2.91 -32.59 -7.98
C GLY E 37 -2.72 -32.58 -9.48
N SER E 38 -3.31 -31.60 -10.15
CA SER E 38 -3.37 -31.60 -11.56
C SER E 38 -3.00 -30.27 -12.19
N GLY E 39 -2.77 -30.36 -13.50
CA GLY E 39 -2.53 -29.23 -14.35
C GLY E 39 -3.75 -28.39 -14.70
N ASP E 40 -4.94 -28.78 -14.25
CA ASP E 40 -6.11 -27.89 -14.36
C ASP E 40 -6.15 -26.88 -13.21
N LYS E 41 -5.11 -26.83 -12.39
CA LYS E 41 -4.98 -25.86 -11.30
C LYS E 41 -5.84 -26.18 -10.08
N LEU E 42 -6.28 -27.44 -10.00
CA LEU E 42 -7.14 -27.91 -8.94
C LEU E 42 -6.57 -29.14 -8.25
N ILE E 43 -7.10 -29.42 -7.07
CA ILE E 43 -6.82 -30.65 -6.37
C ILE E 43 -8.13 -31.41 -6.33
N HIS E 44 -8.07 -32.65 -6.78
CA HIS E 44 -9.20 -33.53 -6.80
C HIS E 44 -9.10 -34.48 -5.64
N VAL E 45 -10.27 -34.75 -5.04
CA VAL E 45 -10.36 -35.68 -3.93
C VAL E 45 -11.32 -36.82 -4.32
N TRP E 46 -10.83 -38.05 -4.25
CA TRP E 46 -11.64 -39.22 -4.59
C TRP E 46 -11.89 -40.07 -3.35
N ASP E 47 -13.09 -40.66 -3.32
CA ASP E 47 -13.39 -41.69 -2.33
C ASP E 47 -12.87 -42.99 -2.93
N VAL E 48 -11.89 -43.60 -2.27
CA VAL E 48 -11.16 -44.73 -2.83
C VAL E 48 -12.07 -45.94 -3.11
N ALA E 49 -12.98 -46.19 -2.19
CA ALA E 49 -13.87 -47.33 -2.30
C ALA E 49 -14.78 -47.26 -3.52
N SER E 50 -15.51 -46.17 -3.68
CA SER E 50 -16.44 -46.02 -4.80
C SER E 50 -15.79 -45.52 -6.05
N GLY E 51 -14.62 -44.92 -5.90
CA GLY E 51 -14.03 -44.21 -7.00
C GLY E 51 -14.76 -42.93 -7.37
N ASP E 52 -15.60 -42.40 -6.48
CA ASP E 52 -16.39 -41.20 -6.76
C ASP E 52 -15.58 -39.98 -6.45
N GLU E 53 -15.77 -38.96 -7.28
CA GLU E 53 -15.06 -37.76 -7.14
C GLU E 53 -15.85 -36.89 -6.21
N LEU E 54 -15.24 -36.58 -5.06
CA LEU E 54 -15.87 -35.73 -4.06
C LEU E 54 -15.63 -34.31 -4.51
N HIS E 55 -15.69 -33.39 -3.57
CA HIS E 55 -15.48 -32.00 -3.87
C HIS E 55 -14.05 -31.67 -4.30
N THR E 56 -13.90 -30.74 -5.25
CA THR E 56 -12.62 -30.26 -5.67
C THR E 56 -12.15 -29.05 -4.86
N LEU E 57 -10.84 -28.85 -4.85
CA LEU E 57 -10.23 -27.71 -4.16
C LEU E 57 -9.68 -26.71 -5.16
N GLU E 58 -10.28 -25.54 -5.24
CA GLU E 58 -9.84 -24.55 -6.20
C GLU E 58 -9.32 -23.29 -5.52
N GLY E 59 -8.41 -22.59 -6.20
CA GLY E 59 -7.77 -21.40 -5.65
C GLY E 59 -6.38 -21.16 -6.17
N HIS E 60 -5.64 -22.23 -6.43
CA HIS E 60 -4.37 -22.11 -7.12
C HIS E 60 -4.59 -21.48 -8.51
N THR E 61 -3.58 -20.73 -8.96
CA THR E 61 -3.62 -20.04 -10.25
C THR E 61 -2.73 -20.67 -11.32
N ASP E 62 -2.09 -21.77 -11.01
CA ASP E 62 -1.22 -22.44 -11.94
C ASP E 62 -1.22 -23.93 -11.57
N TRP E 63 -0.44 -24.73 -12.30
CA TRP E 63 -0.31 -26.15 -12.07
C TRP E 63 -0.09 -26.51 -10.59
N VAL E 64 -0.77 -27.56 -10.14
CA VAL E 64 -0.54 -28.07 -8.80
C VAL E 64 0.49 -29.17 -8.88
N ARG E 65 1.65 -29.01 -8.27
CA ARG E 65 2.78 -29.94 -8.42
C ARG E 65 2.93 -30.98 -7.33
N ALA E 66 2.34 -30.73 -6.16
CA ALA E 66 2.48 -31.65 -5.04
C ALA E 66 1.34 -31.47 -4.06
N VAL E 67 0.96 -32.56 -3.40
CA VAL E 67 -0.06 -32.55 -2.36
C VAL E 67 0.37 -33.48 -1.21
N ALA E 68 -0.06 -33.15 0.00
CA ALA E 68 0.15 -34.00 1.16
C ALA E 68 -0.91 -33.73 2.24
N PHE E 69 -1.31 -34.81 2.93
CA PHE E 69 -2.24 -34.75 4.00
C PHE E 69 -1.51 -34.46 5.32
N SER E 70 -2.20 -33.80 6.21
CA SER E 70 -1.81 -33.72 7.62
C SER E 70 -1.82 -35.12 8.24
N PRO E 71 -1.00 -35.39 9.26
CA PRO E 71 -1.06 -36.72 9.90
C PRO E 71 -2.42 -37.11 10.50
N ASP E 72 -3.17 -36.14 10.99
CA ASP E 72 -4.54 -36.35 11.46
C ASP E 72 -5.60 -36.41 10.36
N GLY E 73 -5.21 -36.20 9.12
CA GLY E 73 -6.14 -36.28 7.98
C GLY E 73 -7.12 -35.15 7.79
N ALA E 74 -7.05 -34.13 8.64
CA ALA E 74 -8.00 -33.02 8.60
C ALA E 74 -7.62 -31.95 7.58
N LEU E 75 -6.35 -31.87 7.24
CA LEU E 75 -5.84 -30.85 6.34
C LEU E 75 -5.11 -31.45 5.16
N LEU E 76 -5.09 -30.69 4.08
CA LEU E 76 -4.30 -31.01 2.92
C LEU E 76 -3.42 -29.81 2.53
N ALA E 77 -2.13 -30.06 2.29
CA ALA E 77 -1.20 -29.03 1.81
C ALA E 77 -0.89 -29.23 0.36
N SER E 78 -0.68 -28.14 -0.36
CA SER E 78 -0.40 -28.22 -1.78
C SER E 78 0.63 -27.23 -2.14
N GLY E 79 1.46 -27.61 -3.13
CA GLY E 79 2.39 -26.69 -3.78
C GLY E 79 2.04 -26.49 -5.23
N SER E 80 2.25 -25.28 -5.74
CA SER E 80 1.88 -24.96 -7.10
C SER E 80 2.93 -24.14 -7.84
N ASP E 81 2.80 -24.14 -9.16
CA ASP E 81 3.56 -23.25 -10.04
C ASP E 81 3.25 -21.78 -9.80
N ASP E 82 2.15 -21.45 -9.13
CA ASP E 82 1.84 -20.05 -8.80
C ASP E 82 2.69 -19.52 -7.68
N ALA E 83 3.64 -20.33 -7.20
CA ALA E 83 4.64 -19.94 -6.22
C ALA E 83 4.10 -19.97 -4.79
N THR E 84 2.96 -20.62 -4.58
CA THR E 84 2.33 -20.61 -3.26
C THR E 84 2.18 -22.00 -2.70
N VAL E 85 1.97 -22.05 -1.39
CA VAL E 85 1.70 -23.24 -0.67
C VAL E 85 0.38 -22.98 0.00
N ARG E 86 -0.62 -23.82 -0.22
CA ARG E 86 -1.90 -23.62 0.41
C ARG E 86 -2.26 -24.73 1.35
N LEU E 87 -3.14 -24.41 2.29
CA LEU E 87 -3.65 -25.38 3.24
C LEU E 87 -5.13 -25.49 3.06
N TRP E 88 -5.62 -26.71 3.02
CA TRP E 88 -7.03 -26.91 2.77
C TRP E 88 -7.68 -27.76 3.81
N ASP E 89 -8.82 -27.29 4.30
CA ASP E 89 -9.61 -28.06 5.24
C ASP E 89 -10.30 -29.14 4.41
N VAL E 90 -10.05 -30.40 4.76
CA VAL E 90 -10.48 -31.49 3.90
C VAL E 90 -12.00 -31.66 3.91
N ALA E 91 -12.58 -31.69 5.10
CA ALA E 91 -14.01 -31.96 5.23
C ALA E 91 -14.79 -30.86 4.51
N ALA E 92 -14.41 -29.61 4.73
CA ALA E 92 -15.16 -28.46 4.22
C ALA E 92 -14.79 -28.09 2.83
N ALA E 93 -13.72 -28.67 2.33
CA ALA E 93 -13.27 -28.40 0.99
C ALA E 93 -12.97 -26.90 0.80
N GLU E 94 -12.35 -26.29 1.82
CA GLU E 94 -12.13 -24.85 1.89
C GLU E 94 -10.70 -24.51 2.01
N GLU E 95 -10.32 -23.40 1.40
CA GLU E 95 -8.97 -22.87 1.53
C GLU E 95 -8.83 -22.33 2.91
N ARG E 96 -7.86 -22.81 3.63
CA ARG E 96 -7.72 -22.34 4.94
C ARG E 96 -6.61 -21.36 5.06
N ALA E 97 -5.59 -21.54 4.24
CA ALA E 97 -4.47 -20.65 4.27
C ALA E 97 -3.62 -20.69 3.08
N VAL E 98 -2.91 -19.60 2.90
CA VAL E 98 -2.10 -19.47 1.80
C VAL E 98 -0.73 -18.94 2.16
N PHE E 99 0.31 -19.62 1.72
CA PHE E 99 1.65 -19.19 2.06
C PHE E 99 2.45 -18.64 0.93
N GLU E 100 2.94 -17.46 1.17
CA GLU E 100 3.70 -16.75 0.18
C GLU E 100 5.10 -16.50 0.60
N GLY E 101 5.97 -16.37 -0.38
CA GLY E 101 7.37 -16.22 -0.12
C GLY E 101 8.29 -16.75 -1.19
N HIS E 102 7.87 -17.85 -1.79
CA HIS E 102 8.64 -18.45 -2.85
C HIS E 102 8.57 -17.54 -4.04
N THR E 103 9.70 -17.32 -4.66
CA THR E 103 9.85 -16.50 -5.83
C THR E 103 9.55 -17.22 -7.11
N HIS E 104 9.64 -18.54 -7.10
CA HIS E 104 9.41 -19.33 -8.30
C HIS E 104 8.53 -20.56 -8.03
N TYR E 105 8.25 -21.36 -9.05
CA TYR E 105 7.41 -22.56 -8.94
C TYR E 105 7.78 -23.36 -7.72
N VAL E 106 6.77 -23.81 -6.96
CA VAL E 106 6.96 -24.74 -5.87
C VAL E 106 6.76 -26.12 -6.45
N LEU E 107 7.77 -26.97 -6.27
CA LEU E 107 7.82 -28.29 -6.89
C LEU E 107 7.52 -29.44 -5.96
N ASP E 108 7.63 -29.22 -4.63
CA ASP E 108 7.36 -30.30 -3.71
C ASP E 108 6.95 -29.76 -2.35
N ILE E 109 6.19 -30.57 -1.60
CA ILE E 109 5.82 -30.25 -0.24
C ILE E 109 5.83 -31.51 0.57
N ALA E 110 5.98 -31.37 1.87
CA ALA E 110 5.87 -32.49 2.77
C ALA E 110 5.27 -31.97 4.06
N PHE E 111 4.49 -32.82 4.71
CA PHE E 111 3.90 -32.51 5.98
C PHE E 111 4.73 -33.15 7.07
N SER E 112 5.03 -32.43 8.12
CA SER E 112 5.80 -33.03 9.25
C SER E 112 5.01 -34.15 9.94
N PRO E 113 5.73 -35.18 10.44
CA PRO E 113 4.96 -36.23 11.18
C PRO E 113 4.20 -35.66 12.36
N ASP E 114 4.75 -34.63 12.96
CA ASP E 114 4.18 -33.81 14.02
C ASP E 114 2.84 -33.15 13.58
N GLY E 115 2.70 -32.80 12.32
CA GLY E 115 1.58 -32.04 11.87
C GLY E 115 1.70 -30.51 12.01
N SER E 116 2.74 -30.03 12.69
CA SER E 116 2.89 -28.62 12.94
C SER E 116 3.58 -27.86 11.79
N MET E 117 4.20 -28.56 10.86
CA MET E 117 4.97 -27.89 9.82
C MET E 117 4.73 -28.47 8.47
N VAL E 118 4.84 -27.61 7.47
CA VAL E 118 4.87 -28.02 6.07
C VAL E 118 6.20 -27.57 5.55
N ALA E 119 6.84 -28.42 4.75
CA ALA E 119 8.07 -28.03 4.06
C ALA E 119 7.74 -27.86 2.59
N SER E 120 8.40 -26.92 1.92
CA SER E 120 8.27 -26.74 0.47
C SER E 120 9.62 -26.62 -0.24
N GLY E 121 9.73 -27.14 -1.45
CA GLY E 121 10.90 -26.97 -2.28
C GLY E 121 10.48 -26.24 -3.54
N SER E 122 11.27 -25.27 -3.97
CA SER E 122 10.97 -24.51 -5.17
C SER E 122 12.11 -24.28 -6.12
N ARG E 123 11.77 -23.76 -7.30
CA ARG E 123 12.77 -23.38 -8.30
C ARG E 123 13.57 -22.15 -7.90
N ASP E 124 13.13 -21.44 -6.85
CA ASP E 124 13.88 -20.28 -6.40
C ASP E 124 15.17 -20.68 -5.63
N GLY E 125 15.40 -21.99 -5.48
CA GLY E 125 16.61 -22.45 -4.86
C GLY E 125 16.60 -22.53 -3.37
N THR E 126 15.42 -22.42 -2.76
CA THR E 126 15.28 -22.51 -1.31
C THR E 126 14.29 -23.63 -0.95
N ALA E 127 14.44 -24.13 0.26
CA ALA E 127 13.42 -24.95 0.89
C ALA E 127 12.85 -24.10 2.01
N ARG E 128 11.55 -24.10 2.18
CA ARG E 128 10.91 -23.34 3.25
C ARG E 128 10.14 -24.24 4.16
N LEU E 129 10.03 -23.81 5.40
CA LEU E 129 9.25 -24.46 6.43
C LEU E 129 8.20 -23.48 6.89
N TRP E 130 6.97 -23.97 6.94
CA TRP E 130 5.85 -23.15 7.35
C TRP E 130 5.19 -23.65 8.58
N ASN E 131 4.81 -22.73 9.46
CA ASN E 131 4.18 -23.08 10.73
C ASN E 131 2.69 -23.15 10.46
N VAL E 132 2.12 -24.34 10.60
CA VAL E 132 0.73 -24.58 10.32
C VAL E 132 -0.26 -23.81 11.20
N ALA E 133 -0.01 -23.79 12.50
CA ALA E 133 -0.91 -23.12 13.44
C ALA E 133 -0.97 -21.62 13.27
N THR E 134 0.18 -20.99 13.08
CA THR E 134 0.22 -19.53 12.94
C THR E 134 0.20 -19.06 11.49
N GLY E 135 0.45 -19.94 10.55
CA GLY E 135 0.49 -19.51 9.17
C GLY E 135 1.67 -18.62 8.82
N THR E 136 2.77 -18.75 9.53
CA THR E 136 3.92 -17.93 9.26
C THR E 136 5.08 -18.76 8.72
N GLU E 137 6.08 -18.07 8.23
CA GLU E 137 7.28 -18.73 7.78
C GLU E 137 8.11 -18.99 9.03
N HIS E 138 8.51 -20.21 9.24
CA HIS E 138 9.37 -20.58 10.31
C HIS E 138 10.84 -20.44 9.93
N ALA E 139 11.20 -20.87 8.72
CA ALA E 139 12.56 -20.83 8.29
C ALA E 139 12.61 -20.85 6.78
N VAL E 140 13.66 -20.23 6.25
CA VAL E 140 14.05 -20.41 4.90
C VAL E 140 15.40 -21.12 4.93
N LEU E 141 15.54 -22.15 4.11
CA LEU E 141 16.74 -22.97 4.08
C LEU E 141 17.49 -22.62 2.83
N LYS E 142 18.71 -22.12 3.02
CA LYS E 142 19.54 -21.62 1.94
C LYS E 142 20.85 -22.36 1.87
N GLY E 143 21.27 -22.64 0.65
CA GLY E 143 22.45 -23.42 0.41
C GLY E 143 22.50 -23.96 -0.99
N HIS E 144 21.40 -24.49 -1.44
CA HIS E 144 21.38 -25.03 -2.76
C HIS E 144 21.63 -23.92 -3.76
N THR E 145 22.22 -24.29 -4.89
CA THR E 145 22.51 -23.35 -5.94
C THR E 145 21.63 -23.52 -7.14
N ASP E 146 20.68 -24.42 -7.08
CA ASP E 146 19.77 -24.64 -8.19
C ASP E 146 18.39 -25.07 -7.70
N TYR E 147 17.47 -25.37 -8.62
CA TYR E 147 16.11 -25.77 -8.23
C TYR E 147 16.13 -26.83 -7.14
N VAL E 148 15.22 -26.69 -6.17
CA VAL E 148 14.96 -27.71 -5.15
C VAL E 148 13.74 -28.51 -5.64
N TYR E 149 13.94 -29.78 -5.96
CA TYR E 149 12.88 -30.58 -6.58
C TYR E 149 12.12 -31.40 -5.53
N ALA E 150 12.80 -31.75 -4.44
CA ALA E 150 12.16 -32.56 -3.42
C ALA E 150 12.53 -32.19 -2.00
N VAL E 151 11.57 -32.42 -1.10
CA VAL E 151 11.76 -32.24 0.33
C VAL E 151 11.06 -33.37 1.05
N ALA E 152 11.66 -33.80 2.15
CA ALA E 152 11.03 -34.83 2.97
C ALA E 152 11.46 -34.73 4.41
N PHE E 153 10.53 -34.95 5.32
CA PHE E 153 10.82 -34.95 6.74
C PHE E 153 11.33 -36.31 7.16
N SER E 154 12.30 -36.32 8.08
CA SER E 154 12.69 -37.55 8.76
C SER E 154 11.52 -37.97 9.65
N PRO E 155 11.34 -39.28 9.83
CA PRO E 155 10.13 -39.75 10.56
C PRO E 155 10.05 -39.21 12.00
N ASP E 156 11.20 -39.02 12.68
CA ASP E 156 11.19 -38.37 13.99
C ASP E 156 10.86 -36.87 13.96
N GLY E 157 10.70 -36.29 12.77
CA GLY E 157 10.30 -34.90 12.61
C GLY E 157 11.38 -33.85 12.87
N SER E 158 12.57 -34.30 13.30
CA SER E 158 13.67 -33.43 13.66
C SER E 158 14.41 -32.87 12.44
N MET E 159 14.41 -33.61 11.33
CA MET E 159 15.19 -33.25 10.15
C MET E 159 14.31 -33.15 8.92
N VAL E 160 14.72 -32.28 8.00
CA VAL E 160 14.14 -32.26 6.66
C VAL E 160 15.30 -32.44 5.66
N ALA E 161 15.03 -33.19 4.60
CA ALA E 161 16.00 -33.41 3.53
C ALA E 161 15.51 -32.68 2.29
N SER E 162 16.42 -32.05 1.57
CA SER E 162 16.07 -31.37 0.32
C SER E 162 16.91 -31.86 -0.86
N GLY E 163 16.23 -32.11 -1.98
CA GLY E 163 16.83 -32.62 -3.20
C GLY E 163 16.88 -31.55 -4.29
N SER E 164 18.05 -31.32 -4.84
CA SER E 164 18.19 -30.27 -5.81
C SER E 164 18.85 -30.65 -7.09
N ARG E 165 18.54 -29.86 -8.11
CA ARG E 165 19.20 -29.97 -9.43
C ARG E 165 20.71 -29.71 -9.38
N ASP E 166 21.21 -29.11 -8.31
CA ASP E 166 22.64 -28.86 -8.13
C ASP E 166 23.41 -30.12 -7.76
N GLY E 167 22.71 -31.25 -7.77
CA GLY E 167 23.31 -32.53 -7.49
C GLY E 167 23.65 -32.78 -6.04
N THR E 168 22.91 -32.13 -5.14
CA THR E 168 23.10 -32.35 -3.73
C THR E 168 21.83 -32.63 -3.00
N ILE E 169 22.00 -33.32 -1.88
CA ILE E 169 20.92 -33.61 -0.98
C ILE E 169 21.36 -32.95 0.30
N ARG E 170 20.55 -32.04 0.81
CA ARG E 170 20.90 -31.34 2.03
C ARG E 170 19.97 -31.71 3.17
N LEU E 171 20.54 -31.80 4.38
CA LEU E 171 19.81 -32.22 5.60
C LEU E 171 19.86 -31.05 6.56
N TRP E 172 18.69 -30.68 7.04
CA TRP E 172 18.62 -29.55 7.92
C TRP E 172 17.87 -29.92 9.16
N ASP E 173 18.27 -29.26 10.23
CA ASP E 173 17.56 -29.28 11.48
C ASP E 173 16.30 -28.43 11.34
N VAL E 174 15.16 -29.02 11.60
CA VAL E 174 13.87 -28.31 11.55
C VAL E 174 13.82 -27.18 12.58
N ALA E 175 14.29 -27.45 13.81
CA ALA E 175 14.17 -26.50 14.93
C ALA E 175 14.89 -25.18 14.67
N THR E 176 16.14 -25.30 14.25
CA THR E 176 17.01 -24.14 14.08
C THR E 176 17.16 -23.73 12.62
N GLY E 177 16.72 -24.54 11.68
CA GLY E 177 16.93 -24.22 10.25
C GLY E 177 18.38 -24.32 9.79
N LYS E 178 19.17 -25.06 10.52
CA LYS E 178 20.58 -25.15 10.27
C LYS E 178 20.91 -26.35 9.41
N GLU E 179 21.81 -26.17 8.45
CA GLU E 179 22.23 -27.27 7.58
C GLU E 179 23.17 -28.15 8.38
N ARG E 180 22.91 -29.45 8.37
CA ARG E 180 23.69 -30.44 9.12
C ARG E 180 24.63 -31.26 8.25
N ASP E 181 24.15 -31.67 7.09
CA ASP E 181 24.93 -32.46 6.15
C ASP E 181 24.56 -32.09 4.72
N VAL E 182 25.51 -32.38 3.83
CA VAL E 182 25.34 -32.34 2.41
C VAL E 182 25.78 -33.69 1.91
N LEU E 183 24.90 -34.35 1.18
CA LEU E 183 25.18 -35.61 0.54
C LEU E 183 25.43 -35.24 -0.91
N GLN E 184 26.55 -35.69 -1.45
CA GLN E 184 26.88 -35.37 -2.82
C GLN E 184 26.38 -36.44 -3.78
N ALA E 185 25.80 -36.01 -4.88
CA ALA E 185 25.35 -36.94 -5.94
C ALA E 185 25.70 -36.38 -7.32
N PRO E 186 26.94 -36.61 -7.61
CA PRO E 186 27.48 -35.98 -8.72
C PRO E 186 27.14 -36.58 -10.03
N ALA E 187 27.08 -35.69 -11.00
CA ALA E 187 26.69 -35.97 -12.33
C ALA E 187 25.20 -36.07 -12.38
N GLU E 188 24.49 -35.60 -11.37
CA GLU E 188 23.08 -35.77 -11.41
C GLU E 188 22.24 -34.75 -10.80
N ASN E 189 21.04 -34.66 -11.35
CA ASN E 189 20.00 -33.82 -10.84
C ASN E 189 19.11 -34.67 -9.96
N VAL E 190 18.97 -34.29 -8.70
CA VAL E 190 18.14 -35.04 -7.79
C VAL E 190 16.73 -34.55 -8.02
N VAL E 191 15.85 -35.44 -8.46
CA VAL E 191 14.49 -35.05 -8.83
C VAL E 191 13.45 -35.52 -7.79
N SER E 192 13.79 -36.47 -6.93
CA SER E 192 12.85 -36.94 -5.92
C SER E 192 13.55 -37.46 -4.68
N LEU E 193 12.85 -37.40 -3.55
CA LEU E 193 13.39 -37.85 -2.27
C LEU E 193 12.35 -38.50 -1.36
N ALA E 194 12.77 -39.48 -0.57
CA ALA E 194 11.88 -40.11 0.39
C ALA E 194 12.70 -40.76 1.50
N PHE E 195 12.14 -40.69 2.71
CA PHE E 195 12.70 -41.38 3.85
C PHE E 195 11.99 -42.71 4.01
N SER E 196 12.70 -43.69 4.51
CA SER E 196 12.05 -44.91 4.92
C SER E 196 11.27 -44.60 6.25
N PRO E 197 10.17 -45.31 6.51
CA PRO E 197 9.39 -44.97 7.72
C PRO E 197 10.18 -45.14 9.01
N ASP E 198 11.14 -46.06 9.04
CA ASP E 198 12.04 -46.22 10.20
C ASP E 198 13.11 -45.15 10.30
N GLY E 199 13.29 -44.34 9.26
CA GLY E 199 14.29 -43.28 9.28
C GLY E 199 15.73 -43.74 9.06
N SER E 200 15.92 -45.03 8.76
CA SER E 200 17.26 -45.57 8.57
C SER E 200 17.80 -45.33 7.17
N MET E 201 16.88 -45.20 6.21
CA MET E 201 17.29 -45.06 4.83
C MET E 201 16.70 -43.87 4.13
N LEU E 202 17.39 -43.41 3.12
CA LEU E 202 16.93 -42.35 2.26
C LEU E 202 17.11 -42.75 0.80
N VAL E 203 16.15 -42.38 -0.02
CA VAL E 203 16.20 -42.75 -1.39
C VAL E 203 15.99 -41.52 -2.25
N HIS E 204 16.69 -41.47 -3.37
CA HIS E 204 16.57 -40.34 -4.29
C HIS E 204 16.48 -40.79 -5.74
N GLY E 205 15.69 -40.06 -6.51
CA GLY E 205 15.47 -40.35 -7.90
C GLY E 205 16.29 -39.41 -8.74
N SER E 206 16.97 -39.97 -9.72
CA SER E 206 17.77 -39.20 -10.62
C SER E 206 17.34 -39.51 -12.04
N ASP E 207 18.20 -39.22 -12.99
CA ASP E 207 17.92 -39.54 -14.37
C ASP E 207 18.21 -41.02 -14.64
N SER E 208 17.16 -41.82 -14.66
CA SER E 208 17.24 -43.26 -14.96
C SER E 208 17.63 -44.14 -13.80
N THR E 209 17.97 -43.49 -12.70
CA THR E 209 18.50 -44.19 -11.56
C THR E 209 17.90 -43.81 -10.21
N VAL E 210 17.88 -44.79 -9.32
CA VAL E 210 17.36 -44.62 -7.99
C VAL E 210 18.46 -45.01 -7.03
N HIS E 211 18.78 -44.10 -6.12
CA HIS E 211 19.84 -44.34 -5.15
C HIS E 211 19.33 -44.55 -3.72
N LEU E 212 20.02 -45.40 -2.98
CA LEU E 212 19.73 -45.66 -1.59
C LEU E 212 20.88 -45.18 -0.72
N TRP E 213 20.54 -44.47 0.35
CA TRP E 213 21.51 -43.98 1.27
C TRP E 213 21.24 -44.46 2.69
N ASP E 214 22.31 -44.75 3.42
CA ASP E 214 22.23 -45.03 4.82
C ASP E 214 22.24 -43.67 5.51
N VAL E 215 21.17 -43.35 6.23
CA VAL E 215 21.06 -42.04 6.85
C VAL E 215 22.13 -41.84 7.96
N ALA E 216 22.30 -42.80 8.84
CA ALA E 216 23.40 -42.76 9.82
C ALA E 216 24.67 -43.14 9.15
N SER E 217 25.36 -42.24 8.52
CA SER E 217 26.63 -42.53 7.81
C SER E 217 26.74 -41.63 6.61
N GLY E 218 25.59 -41.33 5.99
CA GLY E 218 25.58 -40.49 4.80
C GLY E 218 26.31 -41.16 3.63
N GLU E 219 26.35 -42.50 3.62
CA GLU E 219 27.01 -43.25 2.59
C GLU E 219 25.97 -43.95 1.70
N ALA E 220 26.34 -44.18 0.46
CA ALA E 220 25.47 -44.78 -0.53
C ALA E 220 25.49 -46.28 -0.37
N LEU E 221 24.31 -46.89 -0.29
CA LEU E 221 24.19 -48.31 -0.07
C LEU E 221 24.15 -49.04 -1.39
N HIS E 222 23.42 -48.48 -2.34
CA HIS E 222 23.21 -49.16 -3.58
C HIS E 222 22.52 -48.31 -4.60
N THR E 223 22.59 -48.71 -5.86
CA THR E 223 21.96 -48.00 -6.96
C THR E 223 21.03 -48.96 -7.69
N PHE E 224 19.76 -48.58 -7.85
CA PHE E 224 18.81 -49.46 -8.53
C PHE E 224 18.74 -49.09 -10.00
N GLU E 225 19.07 -50.04 -10.87
CA GLU E 225 19.08 -49.80 -12.32
C GLU E 225 17.94 -50.53 -13.03
N GLY E 226 17.39 -49.89 -14.03
CA GLY E 226 16.28 -50.45 -14.78
C GLY E 226 15.44 -49.40 -15.45
N HIS E 227 15.37 -48.22 -14.90
CA HIS E 227 14.61 -47.17 -15.53
C HIS E 227 15.43 -46.65 -16.65
N THR E 228 14.77 -46.07 -17.64
CA THR E 228 15.48 -45.53 -18.81
C THR E 228 15.27 -44.02 -18.99
N ASP E 229 14.74 -43.40 -17.96
CA ASP E 229 14.46 -41.98 -17.99
C ASP E 229 14.38 -41.41 -16.56
N TRP E 230 14.10 -40.12 -16.46
CA TRP E 230 14.06 -39.47 -15.17
C TRP E 230 13.09 -40.10 -14.18
N VAL E 231 13.59 -40.34 -12.96
CA VAL E 231 12.79 -40.90 -11.87
C VAL E 231 12.32 -39.73 -11.02
N ARG E 232 11.05 -39.40 -11.13
CA ARG E 232 10.51 -38.18 -10.51
C ARG E 232 9.78 -38.43 -9.19
N ALA E 233 9.56 -39.70 -8.88
CA ALA E 233 8.89 -40.03 -7.69
C ALA E 233 9.44 -41.29 -7.10
N VAL E 234 9.65 -41.30 -5.80
CA VAL E 234 10.03 -42.48 -5.03
C VAL E 234 9.22 -42.49 -3.74
N ALA E 235 8.91 -43.67 -3.25
CA ALA E 235 8.11 -43.82 -2.03
C ALA E 235 8.45 -45.17 -1.45
N PHE E 236 8.61 -45.21 -0.13
CA PHE E 236 8.87 -46.45 0.60
C PHE E 236 7.56 -47.02 1.04
N SER E 237 7.49 -48.35 1.10
CA SER E 237 6.32 -49.05 1.64
C SER E 237 6.29 -48.81 3.16
N PRO E 238 5.12 -48.92 3.79
CA PRO E 238 5.03 -48.67 5.23
C PRO E 238 5.96 -49.47 6.13
N ASP E 239 6.38 -50.64 5.72
CA ASP E 239 7.32 -51.45 6.51
C ASP E 239 8.75 -51.31 6.00
N GLY E 240 8.97 -50.45 5.01
CA GLY E 240 10.30 -50.19 4.49
C GLY E 240 10.87 -51.25 3.54
N ALA E 241 10.15 -52.35 3.34
CA ALA E 241 10.65 -53.53 2.63
C ALA E 241 10.63 -53.35 1.14
N LEU E 242 9.73 -52.49 0.67
CA LEU E 242 9.53 -52.25 -0.74
C LEU E 242 9.69 -50.80 -1.07
N LEU E 243 10.20 -50.55 -2.27
CA LEU E 243 10.41 -49.18 -2.74
C LEU E 243 9.75 -49.03 -4.10
N ALA E 244 9.04 -47.95 -4.29
CA ALA E 244 8.39 -47.70 -5.55
C ALA E 244 8.97 -46.51 -6.28
N SER E 245 9.15 -46.62 -7.58
CA SER E 245 9.68 -45.50 -8.34
C SER E 245 8.79 -45.19 -9.52
N GLY E 246 8.60 -43.91 -9.78
CA GLY E 246 7.83 -43.46 -10.92
C GLY E 246 8.78 -42.80 -11.88
N SER E 247 8.64 -43.06 -13.17
CA SER E 247 9.54 -42.48 -14.13
C SER E 247 8.94 -41.84 -15.38
N ASP E 248 9.78 -41.16 -16.15
CA ASP E 248 9.40 -40.60 -17.44
C ASP E 248 9.30 -41.69 -18.47
N ASP E 249 9.92 -42.83 -18.19
CA ASP E 249 9.83 -43.96 -19.09
C ASP E 249 8.47 -44.62 -19.07
N ARG E 250 7.53 -44.04 -18.30
CA ARG E 250 6.14 -44.48 -18.26
C ARG E 250 5.90 -45.62 -17.30
N THR E 251 6.92 -46.09 -16.64
CA THR E 251 6.75 -47.22 -15.75
C THR E 251 6.81 -46.87 -14.27
N ILE E 252 6.36 -47.81 -13.45
CA ILE E 252 6.46 -47.75 -12.03
C ILE E 252 7.22 -49.01 -11.70
N ARG E 253 8.23 -48.88 -10.86
CA ARG E 253 9.02 -50.04 -10.51
C ARG E 253 9.02 -50.28 -9.01
N LEU E 254 9.00 -51.54 -8.60
CA LEU E 254 9.05 -51.95 -7.21
C LEU E 254 10.37 -52.66 -7.01
N TRP E 255 11.06 -52.33 -5.96
CA TRP E 255 12.32 -52.93 -5.66
C TRP E 255 12.28 -53.52 -4.28
N ASP E 256 12.97 -54.62 -4.07
CA ASP E 256 13.12 -55.20 -2.72
C ASP E 256 14.27 -54.54 -2.03
N VAL E 257 14.00 -53.91 -0.90
CA VAL E 257 14.97 -53.04 -0.27
C VAL E 257 16.08 -53.84 0.35
N ALA E 258 15.75 -54.91 1.07
CA ALA E 258 16.80 -55.68 1.75
C ALA E 258 17.71 -56.38 0.73
N ALA E 259 17.12 -57.04 -0.26
CA ALA E 259 17.91 -57.77 -1.22
C ALA E 259 18.52 -56.87 -2.26
N GLN E 260 17.97 -55.69 -2.46
CA GLN E 260 18.47 -54.76 -3.47
C GLN E 260 18.35 -55.27 -4.92
N GLU E 261 17.21 -55.82 -5.21
CA GLU E 261 16.91 -56.25 -6.57
C GLU E 261 15.55 -55.75 -7.03
N GLU E 262 15.33 -55.88 -8.33
CA GLU E 262 14.04 -55.67 -8.96
C GLU E 262 13.00 -56.59 -8.37
N HIS E 263 11.85 -56.05 -8.06
CA HIS E 263 10.74 -56.89 -7.67
C HIS E 263 9.79 -57.06 -8.85
N THR E 264 9.40 -55.97 -9.45
CA THR E 264 8.50 -56.01 -10.57
C THR E 264 8.40 -54.65 -11.24
N THR E 265 7.81 -54.65 -12.41
CA THR E 265 7.60 -53.46 -13.20
C THR E 265 6.13 -53.32 -13.52
N LEU E 266 5.58 -52.15 -13.27
CA LEU E 266 4.20 -51.85 -13.58
C LEU E 266 4.06 -51.02 -14.87
N GLU E 267 3.47 -51.60 -15.89
CA GLU E 267 3.28 -50.99 -17.22
C GLU E 267 1.84 -50.65 -17.46
N GLY E 268 1.57 -49.59 -18.19
CA GLY E 268 0.16 -49.24 -18.47
C GLY E 268 -0.01 -47.82 -18.79
N HIS E 269 0.78 -47.01 -18.14
CA HIS E 269 0.79 -45.61 -18.45
C HIS E 269 1.37 -45.32 -19.80
N THR E 270 0.78 -44.37 -20.48
CA THR E 270 1.23 -43.99 -21.79
C THR E 270 2.05 -42.72 -21.73
N GLU E 271 2.19 -42.15 -20.53
CA GLU E 271 2.95 -40.93 -20.33
C GLU E 271 3.78 -40.95 -19.06
N PRO E 272 4.63 -39.94 -18.84
CA PRO E 272 5.45 -39.94 -17.66
C PRO E 272 4.69 -39.96 -16.33
N VAL E 273 5.21 -40.76 -15.41
CA VAL E 273 4.66 -40.91 -14.11
C VAL E 273 5.38 -39.91 -13.18
N HIS E 274 4.59 -38.94 -12.67
CA HIS E 274 5.14 -37.83 -11.89
C HIS E 274 5.03 -38.00 -10.37
N SER E 275 4.18 -38.92 -9.91
CA SER E 275 4.04 -39.11 -8.47
C SER E 275 3.54 -40.50 -8.17
N VAL E 276 4.03 -41.05 -7.07
CA VAL E 276 3.71 -42.40 -6.64
C VAL E 276 3.47 -42.34 -5.11
N ALA E 277 2.50 -43.10 -4.59
CA ALA E 277 2.18 -43.05 -3.14
C ALA E 277 1.54 -44.34 -2.71
N PHE E 278 2.01 -44.88 -1.60
CA PHE E 278 1.54 -46.12 -1.04
C PHE E 278 0.28 -45.87 -0.19
N HIS E 279 -0.61 -46.85 -0.18
CA HIS E 279 -1.72 -46.88 0.78
C HIS E 279 -1.12 -47.09 2.17
N PRO E 280 -1.73 -46.52 3.22
CA PRO E 280 -1.08 -46.68 4.55
C PRO E 280 -0.97 -48.12 5.04
N GLU E 281 -1.85 -49.00 4.58
CA GLU E 281 -1.76 -50.43 4.85
C GLU E 281 -0.73 -51.18 3.99
N GLY E 282 -0.18 -50.54 2.97
CA GLY E 282 0.82 -51.17 2.13
C GLY E 282 0.31 -52.10 1.03
N THR E 283 -1.01 -52.21 0.91
CA THR E 283 -1.67 -53.10 -0.06
C THR E 283 -1.75 -52.54 -1.46
N THR E 284 -1.73 -51.23 -1.55
CA THR E 284 -2.01 -50.55 -2.79
C THR E 284 -0.94 -49.48 -3.02
N LEU E 285 -0.71 -49.20 -4.27
CA LEU E 285 0.11 -48.05 -4.71
C LEU E 285 -0.69 -47.20 -5.69
N ALA E 286 -0.59 -45.88 -5.58
CA ALA E 286 -1.20 -44.99 -6.56
C ALA E 286 -0.11 -44.29 -7.38
N SER E 287 -0.30 -44.23 -8.69
CA SER E 287 0.55 -43.46 -9.58
C SER E 287 -0.28 -42.42 -10.31
N ALA E 288 0.37 -41.28 -10.58
CA ALA E 288 -0.22 -40.23 -11.37
C ALA E 288 0.66 -40.01 -12.59
N SER E 289 0.00 -39.72 -13.70
CA SER E 289 0.67 -39.63 -14.95
C SER E 289 0.18 -38.45 -15.79
N GLU E 290 1.02 -38.08 -16.75
CA GLU E 290 0.67 -37.02 -17.70
C GLU E 290 -0.45 -37.36 -18.61
N ASP E 291 -0.73 -38.65 -18.72
CA ASP E 291 -1.88 -39.11 -19.47
C ASP E 291 -3.22 -38.80 -18.80
N GLY E 292 -3.21 -38.09 -17.69
CA GLY E 292 -4.42 -37.62 -17.04
C GLY E 292 -5.14 -38.73 -16.35
N THR E 293 -4.40 -39.72 -15.88
CA THR E 293 -4.98 -40.81 -15.14
C THR E 293 -4.22 -41.00 -13.83
N ILE E 294 -4.95 -41.47 -12.83
CA ILE E 294 -4.39 -41.94 -11.59
C ILE E 294 -4.73 -43.40 -11.53
N ARG E 295 -3.70 -44.20 -11.23
CA ARG E 295 -3.87 -45.64 -11.18
C ARG E 295 -3.56 -46.16 -9.80
N ILE E 296 -4.34 -47.16 -9.39
CA ILE E 296 -4.18 -47.76 -8.10
C ILE E 296 -3.81 -49.22 -8.36
N TRP E 297 -2.63 -49.64 -7.91
CA TRP E 297 -2.09 -50.97 -8.17
C TRP E 297 -1.98 -51.72 -6.87
N PRO E 298 -2.35 -53.02 -6.85
CA PRO E 298 -2.23 -53.75 -5.57
C PRO E 298 -0.88 -54.45 -5.47
#